data_2K3J
#
_entry.id   2K3J
#
_cell.length_a   1.000
_cell.length_b   1.000
_cell.length_c   1.000
_cell.angle_alpha   90.00
_cell.angle_beta   90.00
_cell.angle_gamma   90.00
#
_symmetry.space_group_name_H-M   'P 1'
#
_entity_poly.entity_id   1
_entity_poly.type   'polypeptide(L)'
_entity_poly.pdbx_seq_one_letter_code
;GSFTMSYCRQEGKDRIIFVTKEDHETPSSAELVADDPNDPYEEHGLILPNGNINWNCPCLGGMASGPCGEQFKSAFSCFH
YSTEEIKGSDCVDQFRAMQECMQKYPDLYPQEDEDEEEEREKKPAEQAEETAPIEATATKEEEGSS
;
_entity_poly.pdbx_strand_id   A
#
# COMPACT_ATOMS: atom_id res chain seq x y z
N GLY A 45 15.20 5.08 5.59
CA GLY A 45 13.81 4.99 6.08
C GLY A 45 13.06 3.84 5.44
N LEU A 46 11.81 4.04 5.01
CA LEU A 46 10.91 2.98 4.51
C LEU A 46 11.07 2.61 3.01
N ILE A 47 12.01 3.25 2.31
CA ILE A 47 12.32 3.06 0.90
C ILE A 47 13.63 2.27 0.79
N LEU A 48 13.68 1.31 -0.13
CA LEU A 48 14.83 0.47 -0.42
C LEU A 48 15.96 1.27 -1.10
N PRO A 49 17.22 0.77 -1.06
CA PRO A 49 18.34 1.33 -1.81
C PRO A 49 18.17 1.23 -3.33
N ASN A 50 17.18 0.47 -3.84
CA ASN A 50 16.78 0.42 -5.25
C ASN A 50 15.54 1.29 -5.60
N GLY A 51 15.04 2.12 -4.67
CA GLY A 51 13.93 3.07 -4.89
C GLY A 51 12.50 2.52 -4.75
N ASN A 52 12.34 1.21 -4.51
CA ASN A 52 11.05 0.57 -4.22
C ASN A 52 10.72 0.65 -2.71
N ILE A 53 9.59 0.10 -2.25
CA ILE A 53 9.19 0.13 -0.83
C ILE A 53 9.65 -1.14 -0.06
N ASN A 54 10.09 -0.95 1.18
CA ASN A 54 10.78 -1.93 2.02
C ASN A 54 9.84 -2.97 2.67
N TRP A 55 9.23 -3.84 1.85
CA TRP A 55 8.26 -4.89 2.21
C TRP A 55 8.80 -6.04 3.09
N ASN A 56 9.37 -5.73 4.26
CA ASN A 56 9.78 -6.73 5.26
C ASN A 56 9.84 -6.20 6.70
N CYS A 57 9.95 -4.87 6.91
CA CYS A 57 9.77 -4.24 8.23
C CYS A 57 8.37 -4.58 8.79
N PRO A 58 8.20 -4.81 10.10
CA PRO A 58 6.98 -5.38 10.70
C PRO A 58 5.68 -4.72 10.24
N CYS A 59 5.43 -3.44 10.55
CA CYS A 59 4.14 -2.81 10.28
C CYS A 59 3.85 -2.63 8.78
N LEU A 60 4.83 -2.12 8.02
CA LEU A 60 4.70 -1.78 6.60
C LEU A 60 4.66 -3.03 5.71
N GLY A 61 5.48 -4.04 6.02
CA GLY A 61 5.42 -5.35 5.37
C GLY A 61 4.19 -6.14 5.80
N GLY A 62 3.74 -5.99 7.05
CA GLY A 62 2.56 -6.68 7.59
C GLY A 62 1.28 -6.26 6.89
N MET A 63 1.08 -4.96 6.65
CA MET A 63 -0.05 -4.45 5.86
C MET A 63 0.07 -4.78 4.35
N ALA A 64 1.28 -4.99 3.85
CA ALA A 64 1.54 -5.51 2.50
C ALA A 64 1.40 -7.05 2.41
N SER A 65 1.21 -7.74 3.54
CA SER A 65 1.12 -9.20 3.63
C SER A 65 -0.35 -9.65 3.74
N GLY A 66 -0.86 -10.26 2.67
CA GLY A 66 -2.27 -10.67 2.50
C GLY A 66 -2.82 -10.40 1.08
N PRO A 67 -4.04 -10.85 0.74
CA PRO A 67 -4.62 -10.67 -0.59
C PRO A 67 -4.87 -9.18 -0.90
N CYS A 68 -5.59 -8.46 -0.03
CA CYS A 68 -5.70 -7.00 -0.15
C CYS A 68 -4.34 -6.27 -0.08
N GLY A 69 -3.30 -6.95 0.43
CA GLY A 69 -1.91 -6.46 0.49
C GLY A 69 -1.36 -6.06 -0.88
N GLU A 70 -1.80 -6.66 -1.98
CA GLU A 70 -1.36 -6.24 -3.33
C GLU A 70 -1.91 -4.84 -3.71
N GLN A 71 -3.09 -4.50 -3.21
CA GLN A 71 -3.72 -3.20 -3.43
C GLN A 71 -3.05 -2.17 -2.53
N PHE A 72 -2.80 -2.52 -1.26
CA PHE A 72 -1.98 -1.71 -0.35
C PHE A 72 -0.61 -1.38 -0.96
N LYS A 73 0.09 -2.39 -1.50
CA LYS A 73 1.39 -2.20 -2.18
C LYS A 73 1.27 -1.29 -3.41
N SER A 74 0.26 -1.51 -4.26
CA SER A 74 -0.04 -0.68 -5.44
C SER A 74 -0.41 0.78 -5.09
N ALA A 75 -1.17 1.00 -4.02
CA ALA A 75 -1.55 2.32 -3.52
C ALA A 75 -0.31 3.10 -3.06
N PHE A 76 0.56 2.45 -2.27
CA PHE A 76 1.77 3.04 -1.73
C PHE A 76 2.82 3.28 -2.82
N SER A 77 3.05 2.36 -3.76
CA SER A 77 4.03 2.56 -4.83
C SER A 77 3.60 3.67 -5.79
N CYS A 78 2.32 3.71 -6.18
CA CYS A 78 1.74 4.80 -6.98
C CYS A 78 1.95 6.15 -6.28
N PHE A 79 1.60 6.24 -4.99
CA PHE A 79 1.77 7.48 -4.22
C PHE A 79 3.25 7.87 -4.07
N HIS A 80 4.11 6.96 -3.63
CA HIS A 80 5.55 7.22 -3.46
C HIS A 80 6.19 7.74 -4.75
N TYR A 81 5.99 7.09 -5.88
CA TYR A 81 6.64 7.43 -7.15
C TYR A 81 6.04 8.71 -7.78
N SER A 82 4.83 9.08 -7.35
CA SER A 82 4.14 10.31 -7.76
C SER A 82 4.61 11.57 -7.00
N THR A 83 5.15 11.40 -5.77
CA THR A 83 5.82 12.40 -4.88
C THR A 83 5.05 13.69 -4.57
N GLU A 84 3.80 13.82 -5.03
CA GLU A 84 2.97 15.05 -5.06
C GLU A 84 2.72 15.83 -3.75
N GLU A 85 2.39 15.17 -2.63
CA GLU A 85 2.07 15.69 -1.27
C GLU A 85 1.02 14.79 -0.57
N ILE A 86 -0.25 14.88 -0.96
CA ILE A 86 -1.36 14.27 -0.22
C ILE A 86 -1.37 12.78 -0.49
N LYS A 87 -1.41 11.98 0.59
CA LYS A 87 -1.52 10.52 0.58
C LYS A 87 -2.55 10.03 -0.48
N GLY A 88 -2.05 9.52 -1.61
CA GLY A 88 -2.85 8.95 -2.70
C GLY A 88 -3.47 9.95 -3.71
N SER A 89 -3.09 11.24 -3.71
CA SER A 89 -3.77 12.32 -4.45
C SER A 89 -4.25 12.00 -5.89
N ASP A 90 -3.41 11.38 -6.74
CA ASP A 90 -3.76 10.98 -8.11
C ASP A 90 -3.85 9.45 -8.29
N CYS A 91 -3.77 8.72 -7.17
CA CYS A 91 -3.77 7.25 -7.08
C CYS A 91 -5.05 6.68 -6.46
N VAL A 92 -6.05 7.54 -6.22
CA VAL A 92 -7.29 7.32 -5.44
C VAL A 92 -7.96 5.95 -5.69
N ASP A 93 -8.01 5.48 -6.94
CA ASP A 93 -8.64 4.20 -7.31
C ASP A 93 -8.06 3.00 -6.53
N GLN A 94 -6.76 3.00 -6.24
CA GLN A 94 -6.10 1.94 -5.46
C GLN A 94 -6.40 2.04 -3.95
N PHE A 95 -6.67 3.24 -3.43
CA PHE A 95 -7.11 3.45 -2.04
C PHE A 95 -8.59 3.09 -1.86
N ARG A 96 -9.44 3.39 -2.85
CA ARG A 96 -10.83 2.93 -2.93
C ARG A 96 -10.89 1.39 -3.03
N ALA A 97 -10.04 0.79 -3.87
CA ALA A 97 -9.87 -0.66 -3.98
C ALA A 97 -9.47 -1.30 -2.65
N MET A 98 -8.45 -0.74 -1.97
CA MET A 98 -8.02 -1.15 -0.61
C MET A 98 -9.20 -1.16 0.37
N GLN A 99 -10.04 -0.11 0.34
CA GLN A 99 -11.24 -0.02 1.17
C GLN A 99 -12.25 -1.12 0.83
N GLU A 100 -12.70 -1.28 -0.43
CA GLU A 100 -13.73 -2.26 -0.74
C GLU A 100 -13.27 -3.69 -0.43
N CYS A 101 -11.97 -3.98 -0.65
CA CYS A 101 -11.38 -5.27 -0.32
C CYS A 101 -11.41 -5.52 1.19
N MET A 102 -10.86 -4.60 1.98
CA MET A 102 -10.62 -4.82 3.43
C MET A 102 -11.86 -4.57 4.29
N GLN A 103 -12.87 -3.83 3.79
CA GLN A 103 -14.18 -3.75 4.45
C GLN A 103 -15.00 -5.04 4.24
N LYS A 104 -14.67 -5.86 3.22
CA LYS A 104 -15.21 -7.22 3.08
C LYS A 104 -14.34 -8.28 3.78
N TYR A 105 -13.03 -8.09 3.84
CA TYR A 105 -12.05 -9.01 4.46
C TYR A 105 -11.42 -8.45 5.77
N PRO A 106 -12.05 -8.68 6.95
CA PRO A 106 -11.54 -8.22 8.25
C PRO A 106 -10.35 -9.06 8.76
N ASP A 107 -10.58 -10.13 9.52
CA ASP A 107 -9.54 -10.91 10.24
C ASP A 107 -9.39 -12.35 9.71
N LEU A 108 -10.04 -12.71 8.60
CA LEU A 108 -10.01 -14.07 8.04
C LEU A 108 -8.65 -14.49 7.46
N TYR A 109 -7.68 -13.57 7.36
CA TYR A 109 -6.27 -13.85 7.02
C TYR A 109 -5.60 -14.88 7.94
N GLY A 45 15.28 6.34 5.41
CA GLY A 45 14.42 5.43 6.18
C GLY A 45 13.37 4.79 5.28
N LEU A 46 12.89 3.58 5.60
CA LEU A 46 11.73 2.83 5.02
C LEU A 46 11.72 2.49 3.51
N ILE A 47 12.45 3.22 2.67
CA ILE A 47 12.64 2.96 1.23
C ILE A 47 13.92 2.13 1.02
N LEU A 48 13.91 1.21 0.05
CA LEU A 48 15.05 0.39 -0.35
C LEU A 48 16.14 1.20 -1.08
N PRO A 49 17.40 0.71 -1.13
CA PRO A 49 18.47 1.34 -1.90
C PRO A 49 18.21 1.34 -3.42
N ASN A 50 17.28 0.52 -3.92
CA ASN A 50 16.85 0.50 -5.33
C ASN A 50 15.62 1.40 -5.64
N GLY A 51 15.14 2.21 -4.68
CA GLY A 51 14.09 3.22 -4.88
C GLY A 51 12.64 2.71 -4.85
N ASN A 52 12.39 1.55 -4.22
CA ASN A 52 11.05 1.01 -3.95
C ASN A 52 10.77 0.94 -2.43
N ILE A 53 9.53 0.64 -2.00
CA ILE A 53 9.18 0.55 -0.57
C ILE A 53 9.64 -0.79 0.05
N ASN A 54 10.17 -0.77 1.27
CA ASN A 54 10.73 -1.95 1.94
C ASN A 54 9.67 -2.83 2.64
N TRP A 55 9.23 -3.89 1.97
CA TRP A 55 8.18 -4.81 2.45
C TRP A 55 8.63 -5.89 3.46
N ASN A 56 9.89 -5.87 3.93
CA ASN A 56 10.37 -6.75 5.02
C ASN A 56 10.25 -6.13 6.42
N CYS A 57 10.04 -4.81 6.55
CA CYS A 57 9.83 -4.14 7.86
C CYS A 57 8.57 -4.73 8.53
N PRO A 58 8.59 -5.18 9.81
CA PRO A 58 7.49 -5.96 10.39
C PRO A 58 6.09 -5.37 10.17
N CYS A 59 5.77 -4.20 10.74
CA CYS A 59 4.42 -3.66 10.69
C CYS A 59 4.00 -3.21 9.27
N LEU A 60 4.88 -2.47 8.58
CA LEU A 60 4.69 -2.01 7.18
C LEU A 60 4.58 -3.18 6.18
N GLY A 61 5.29 -4.27 6.45
CA GLY A 61 5.35 -5.47 5.60
C GLY A 61 4.22 -6.46 5.88
N GLY A 62 3.59 -6.39 7.06
CA GLY A 62 2.35 -7.12 7.35
C GLY A 62 1.16 -6.51 6.61
N MET A 63 1.10 -5.16 6.54
CA MET A 63 0.13 -4.44 5.70
C MET A 63 0.28 -4.76 4.20
N ALA A 64 1.47 -5.17 3.78
CA ALA A 64 1.76 -5.61 2.42
C ALA A 64 1.44 -7.10 2.13
N SER A 65 0.90 -7.86 3.10
CA SER A 65 0.66 -9.31 2.99
C SER A 65 -0.85 -9.67 2.97
N GLY A 66 -1.16 -10.94 2.72
CA GLY A 66 -2.51 -11.43 2.44
C GLY A 66 -3.01 -11.04 1.03
N PRO A 67 -4.31 -11.20 0.74
CA PRO A 67 -4.90 -10.78 -0.53
C PRO A 67 -4.86 -9.26 -0.66
N CYS A 68 -5.63 -8.51 0.14
CA CYS A 68 -5.73 -7.05 0.02
C CYS A 68 -4.43 -6.27 0.28
N GLY A 69 -3.40 -6.89 0.90
CA GLY A 69 -2.08 -6.27 1.04
C GLY A 69 -1.42 -5.94 -0.31
N GLU A 70 -1.80 -6.63 -1.38
CA GLU A 70 -1.40 -6.27 -2.75
C GLU A 70 -1.84 -4.84 -3.13
N GLN A 71 -3.01 -4.40 -2.63
CA GLN A 71 -3.61 -3.13 -2.98
C GLN A 71 -2.97 -2.02 -2.14
N PHE A 72 -2.67 -2.28 -0.87
CA PHE A 72 -1.85 -1.38 -0.04
C PHE A 72 -0.44 -1.18 -0.66
N LYS A 73 0.20 -2.25 -1.14
CA LYS A 73 1.43 -2.13 -1.94
C LYS A 73 1.25 -1.19 -3.14
N SER A 74 0.21 -1.40 -3.97
CA SER A 74 -0.06 -0.55 -5.15
C SER A 74 -0.32 0.90 -4.77
N ALA A 75 -1.26 1.17 -3.86
CA ALA A 75 -1.71 2.51 -3.49
C ALA A 75 -0.54 3.37 -2.97
N PHE A 76 0.20 2.85 -1.99
CA PHE A 76 1.35 3.53 -1.39
C PHE A 76 2.51 3.68 -2.39
N SER A 77 2.71 2.69 -3.28
CA SER A 77 3.66 2.80 -4.39
C SER A 77 3.31 3.96 -5.33
N CYS A 78 2.08 3.98 -5.87
CA CYS A 78 1.59 5.05 -6.75
C CYS A 78 1.79 6.44 -6.13
N PHE A 79 1.40 6.62 -4.87
CA PHE A 79 1.62 7.85 -4.12
C PHE A 79 3.12 8.22 -4.02
N HIS A 80 3.97 7.27 -3.65
CA HIS A 80 5.41 7.46 -3.56
C HIS A 80 6.03 7.87 -4.90
N TYR A 81 5.84 7.10 -5.97
CA TYR A 81 6.40 7.40 -7.28
C TYR A 81 5.81 8.69 -7.90
N SER A 82 4.58 9.04 -7.60
CA SER A 82 3.99 10.34 -7.98
C SER A 82 4.68 11.55 -7.32
N THR A 83 5.22 11.39 -6.09
CA THR A 83 5.82 12.43 -5.21
C THR A 83 4.93 13.67 -4.94
N GLU A 84 3.63 13.60 -5.25
CA GLU A 84 2.65 14.70 -5.29
C GLU A 84 2.49 15.60 -4.06
N GLU A 85 2.63 15.07 -2.83
CA GLU A 85 2.34 15.63 -1.49
C GLU A 85 1.26 14.80 -0.77
N ILE A 86 0.07 14.64 -1.36
CA ILE A 86 -1.12 14.08 -0.69
C ILE A 86 -1.20 12.56 -0.92
N LYS A 87 -1.27 11.79 0.19
CA LYS A 87 -1.48 10.34 0.17
C LYS A 87 -2.73 9.94 -0.64
N GLY A 88 -2.50 9.57 -1.91
CA GLY A 88 -3.52 9.14 -2.88
C GLY A 88 -3.83 10.10 -4.03
N SER A 89 -3.11 11.22 -4.16
CA SER A 89 -3.43 12.33 -5.09
C SER A 89 -3.78 11.92 -6.54
N ASP A 90 -2.91 11.21 -7.27
CA ASP A 90 -3.20 10.67 -8.62
C ASP A 90 -3.82 9.25 -8.58
N CYS A 91 -3.93 8.66 -7.39
CA CYS A 91 -4.15 7.21 -7.16
C CYS A 91 -5.51 6.81 -6.52
N VAL A 92 -6.51 7.69 -6.48
CA VAL A 92 -7.75 7.51 -5.71
C VAL A 92 -8.44 6.14 -5.92
N ASP A 93 -8.45 5.60 -7.15
CA ASP A 93 -9.02 4.29 -7.49
C ASP A 93 -8.41 3.14 -6.66
N GLN A 94 -7.12 3.24 -6.31
CA GLN A 94 -6.41 2.19 -5.57
C GLN A 94 -6.62 2.31 -4.05
N PHE A 95 -6.75 3.54 -3.53
CA PHE A 95 -7.15 3.77 -2.14
C PHE A 95 -8.61 3.33 -1.92
N ARG A 96 -9.47 3.55 -2.94
CA ARG A 96 -10.82 3.01 -3.02
C ARG A 96 -10.82 1.48 -3.10
N ALA A 97 -9.98 0.85 -3.93
CA ALA A 97 -9.88 -0.61 -4.03
C ALA A 97 -9.39 -1.25 -2.71
N MET A 98 -8.40 -0.65 -2.05
CA MET A 98 -7.94 -1.06 -0.72
C MET A 98 -9.10 -1.08 0.30
N GLN A 99 -9.87 0.01 0.41
CA GLN A 99 -11.04 0.06 1.29
C GLN A 99 -12.14 -0.92 0.87
N GLU A 100 -12.47 -1.08 -0.43
CA GLU A 100 -13.53 -2.01 -0.86
C GLU A 100 -13.16 -3.47 -0.60
N CYS A 101 -11.88 -3.83 -0.79
CA CYS A 101 -11.31 -5.16 -0.51
C CYS A 101 -11.24 -5.45 0.99
N MET A 102 -10.68 -4.53 1.78
CA MET A 102 -10.45 -4.76 3.22
C MET A 102 -11.73 -4.70 4.06
N GLN A 103 -12.76 -3.96 3.64
CA GLN A 103 -14.08 -4.03 4.30
C GLN A 103 -14.85 -5.31 3.98
N LYS A 104 -14.47 -6.06 2.94
CA LYS A 104 -14.98 -7.42 2.70
C LYS A 104 -14.26 -8.44 3.61
N TYR A 105 -13.04 -8.14 4.08
CA TYR A 105 -12.11 -9.04 4.76
C TYR A 105 -11.54 -8.45 6.09
N PRO A 106 -12.22 -8.62 7.24
CA PRO A 106 -11.77 -8.08 8.53
C PRO A 106 -10.58 -8.84 9.14
N ASP A 107 -10.68 -10.17 9.35
CA ASP A 107 -9.65 -10.95 10.08
C ASP A 107 -9.55 -12.43 9.59
N LEU A 108 -10.05 -12.74 8.38
CA LEU A 108 -10.06 -14.12 7.86
C LEU A 108 -8.65 -14.70 7.67
N TYR A 109 -7.67 -13.83 7.38
CA TYR A 109 -6.25 -14.08 7.08
C TYR A 109 -5.58 -15.24 7.85
N GLY A 45 15.80 4.50 5.69
CA GLY A 45 14.40 4.54 6.16
C GLY A 45 13.58 3.45 5.50
N LEU A 46 12.31 3.73 5.19
CA LEU A 46 11.35 2.75 4.67
C LEU A 46 11.47 2.46 3.15
N ILE A 47 12.32 3.18 2.42
CA ILE A 47 12.53 3.01 0.97
C ILE A 47 13.87 2.31 0.73
N LEU A 48 13.84 1.24 -0.08
CA LEU A 48 15.02 0.49 -0.57
C LEU A 48 15.91 1.39 -1.44
N PRO A 49 17.20 1.06 -1.63
CA PRO A 49 18.10 1.84 -2.50
C PRO A 49 17.68 1.88 -3.98
N ASN A 50 16.77 0.99 -4.39
CA ASN A 50 16.20 0.90 -5.74
C ASN A 50 14.90 1.74 -5.92
N GLY A 51 14.42 2.39 -4.86
CA GLY A 51 13.25 3.29 -4.87
C GLY A 51 11.91 2.67 -4.47
N ASN A 52 11.82 1.33 -4.37
CA ASN A 52 10.62 0.63 -3.89
C ASN A 52 10.56 0.63 -2.35
N ILE A 53 9.40 0.30 -1.77
CA ILE A 53 9.18 0.26 -0.32
C ILE A 53 9.71 -1.05 0.27
N ASN A 54 10.29 -0.98 1.47
CA ASN A 54 10.87 -2.12 2.17
C ASN A 54 9.78 -2.96 2.89
N TRP A 55 9.07 -3.78 2.10
CA TRP A 55 7.99 -4.68 2.56
C TRP A 55 8.43 -5.75 3.59
N ASN A 56 9.72 -5.82 3.95
CA ASN A 56 10.26 -6.74 4.95
C ASN A 56 10.17 -6.21 6.41
N CYS A 57 9.78 -4.94 6.61
CA CYS A 57 9.51 -4.38 7.95
C CYS A 57 8.20 -4.97 8.54
N PRO A 58 8.02 -5.05 9.88
CA PRO A 58 6.91 -5.79 10.50
C PRO A 58 5.51 -5.25 10.17
N CYS A 59 5.23 -3.96 10.41
CA CYS A 59 3.89 -3.37 10.19
C CYS A 59 3.60 -3.12 8.70
N LEU A 60 4.50 -2.38 8.06
CA LEU A 60 4.49 -2.00 6.64
C LEU A 60 4.59 -3.22 5.70
N GLY A 61 5.08 -4.36 6.20
CA GLY A 61 5.12 -5.65 5.50
C GLY A 61 3.86 -6.49 5.71
N GLY A 62 3.28 -6.50 6.92
CA GLY A 62 2.04 -7.23 7.21
C GLY A 62 0.87 -6.69 6.40
N MET A 63 0.71 -5.36 6.43
CA MET A 63 -0.27 -4.61 5.62
C MET A 63 -0.09 -4.79 4.11
N ALA A 64 1.12 -5.19 3.67
CA ALA A 64 1.48 -5.45 2.28
C ALA A 64 1.43 -6.95 1.88
N SER A 65 1.04 -7.83 2.80
CA SER A 65 0.99 -9.29 2.63
C SER A 65 -0.46 -9.82 2.52
N GLY A 66 -0.62 -11.09 2.12
CA GLY A 66 -1.92 -11.77 2.12
C GLY A 66 -2.85 -11.34 0.96
N PRO A 67 -4.18 -11.20 1.19
CA PRO A 67 -5.15 -10.92 0.15
C PRO A 67 -5.04 -9.46 -0.31
N CYS A 68 -5.48 -8.49 0.50
CA CYS A 68 -5.47 -7.07 0.12
C CYS A 68 -4.06 -6.46 0.07
N GLY A 69 -3.03 -7.22 0.44
CA GLY A 69 -1.64 -6.76 0.51
C GLY A 69 -1.13 -6.15 -0.78
N GLU A 70 -1.49 -6.70 -1.95
CA GLU A 70 -1.13 -6.11 -3.26
C GLU A 70 -1.81 -4.75 -3.54
N GLN A 71 -3.00 -4.51 -2.96
CA GLN A 71 -3.74 -3.27 -3.12
C GLN A 71 -3.10 -2.18 -2.26
N PHE A 72 -2.72 -2.52 -1.02
CA PHE A 72 -1.88 -1.67 -0.18
C PHE A 72 -0.54 -1.38 -0.87
N LYS A 73 0.13 -2.40 -1.43
CA LYS A 73 1.35 -2.19 -2.22
C LYS A 73 1.09 -1.19 -3.36
N SER A 74 0.03 -1.41 -4.14
CA SER A 74 -0.30 -0.58 -5.30
C SER A 74 -0.63 0.87 -4.89
N ALA A 75 -1.38 1.08 -3.80
CA ALA A 75 -1.70 2.39 -3.27
C ALA A 75 -0.46 3.11 -2.70
N PHE A 76 0.31 2.45 -1.83
CA PHE A 76 1.46 3.06 -1.13
C PHE A 76 2.65 3.27 -2.09
N SER A 77 2.88 2.34 -3.02
CA SER A 77 3.85 2.51 -4.10
C SER A 77 3.45 3.66 -5.02
N CYS A 78 2.18 3.78 -5.41
CA CYS A 78 1.75 4.87 -6.28
C CYS A 78 1.91 6.23 -5.61
N PHE A 79 1.66 6.39 -4.30
CA PHE A 79 2.01 7.63 -3.61
C PHE A 79 3.54 7.89 -3.62
N HIS A 80 4.36 6.86 -3.36
CA HIS A 80 5.80 7.07 -3.29
C HIS A 80 6.49 7.26 -4.64
N TYR A 81 5.90 6.80 -5.76
CA TYR A 81 6.38 7.11 -7.10
C TYR A 81 5.69 8.38 -7.67
N SER A 82 4.51 8.76 -7.20
CA SER A 82 3.83 10.01 -7.59
C SER A 82 4.60 11.25 -7.12
N THR A 83 4.87 11.36 -5.80
CA THR A 83 5.69 12.39 -5.11
C THR A 83 5.08 13.80 -5.09
N GLU A 84 3.81 13.89 -4.70
CA GLU A 84 3.04 15.16 -4.62
C GLU A 84 2.99 15.69 -3.15
N GLU A 85 1.82 15.98 -2.57
CA GLU A 85 1.65 16.41 -1.15
C GLU A 85 0.55 15.59 -0.40
N ILE A 86 -0.36 14.89 -1.09
CA ILE A 86 -1.49 14.14 -0.49
C ILE A 86 -1.43 12.65 -0.85
N LYS A 87 -1.71 11.76 0.13
CA LYS A 87 -1.79 10.31 -0.05
C LYS A 87 -2.77 9.88 -1.17
N GLY A 88 -2.22 9.71 -2.37
CA GLY A 88 -2.93 9.23 -3.55
C GLY A 88 -3.72 10.31 -4.28
N SER A 89 -3.33 11.58 -4.24
CA SER A 89 -4.06 12.68 -4.93
C SER A 89 -4.43 12.38 -6.39
N ASP A 90 -3.54 11.69 -7.10
CA ASP A 90 -3.70 11.19 -8.47
C ASP A 90 -4.02 9.69 -8.50
N CYS A 91 -3.48 8.92 -7.54
CA CYS A 91 -3.62 7.46 -7.45
C CYS A 91 -4.96 6.94 -6.87
N VAL A 92 -5.95 7.83 -6.68
CA VAL A 92 -7.20 7.61 -5.92
C VAL A 92 -7.85 6.22 -6.06
N ASP A 93 -7.96 5.66 -7.28
CA ASP A 93 -8.70 4.39 -7.45
C ASP A 93 -8.02 3.18 -6.76
N GLN A 94 -6.71 3.24 -6.54
CA GLN A 94 -5.94 2.24 -5.77
C GLN A 94 -6.23 2.37 -4.27
N PHE A 95 -6.28 3.61 -3.75
CA PHE A 95 -6.68 3.89 -2.37
C PHE A 95 -8.15 3.50 -2.11
N ARG A 96 -9.00 3.63 -3.12
CA ARG A 96 -10.38 3.11 -3.13
C ARG A 96 -10.38 1.57 -3.14
N ALA A 97 -9.59 0.92 -4.00
CA ALA A 97 -9.49 -0.54 -4.13
C ALA A 97 -9.00 -1.22 -2.84
N MET A 98 -7.94 -0.73 -2.20
CA MET A 98 -7.52 -1.27 -0.89
C MET A 98 -8.59 -1.12 0.21
N GLN A 99 -9.42 -0.07 0.13
CA GLN A 99 -10.47 0.20 1.10
C GLN A 99 -11.66 -0.73 0.88
N GLU A 100 -12.10 -0.90 -0.37
CA GLU A 100 -13.17 -1.83 -0.76
C GLU A 100 -12.77 -3.29 -0.49
N CYS A 101 -11.49 -3.65 -0.67
CA CYS A 101 -10.96 -4.98 -0.37
C CYS A 101 -10.99 -5.32 1.13
N MET A 102 -10.43 -4.46 1.99
CA MET A 102 -10.26 -4.78 3.42
C MET A 102 -11.57 -4.71 4.23
N GLN A 103 -12.57 -3.96 3.79
CA GLN A 103 -13.90 -4.01 4.40
C GLN A 103 -14.67 -5.34 4.15
N LYS A 104 -14.33 -6.10 3.11
CA LYS A 104 -14.84 -7.48 2.94
C LYS A 104 -13.94 -8.51 3.65
N TYR A 105 -12.66 -8.22 3.85
CA TYR A 105 -11.67 -9.11 4.50
C TYR A 105 -11.06 -8.52 5.80
N PRO A 106 -11.81 -8.45 6.92
CA PRO A 106 -11.38 -7.77 8.14
C PRO A 106 -10.37 -8.55 9.02
N ASP A 107 -10.57 -9.85 9.30
CA ASP A 107 -9.67 -10.63 10.20
C ASP A 107 -9.84 -12.18 10.08
N LEU A 108 -10.21 -12.66 8.88
CA LEU A 108 -10.44 -14.11 8.60
C LEU A 108 -9.15 -14.94 8.46
N TYR A 109 -7.99 -14.28 8.58
CA TYR A 109 -6.65 -14.85 8.69
C TYR A 109 -6.27 -14.89 10.18
N GLY A 45 11.52 6.03 7.53
CA GLY A 45 11.89 4.70 7.02
C GLY A 45 10.72 4.06 6.31
N LEU A 46 10.95 3.58 5.07
CA LEU A 46 9.97 2.97 4.16
C LEU A 46 10.54 2.62 2.77
N ILE A 47 11.58 3.31 2.28
CA ILE A 47 12.17 3.12 0.94
C ILE A 47 13.50 2.37 1.01
N LEU A 48 13.76 1.49 0.03
CA LEU A 48 15.00 0.75 -0.19
C LEU A 48 15.96 1.54 -1.12
N PRO A 49 17.29 1.36 -1.01
CA PRO A 49 18.28 2.16 -1.75
C PRO A 49 18.30 1.93 -3.27
N ASN A 50 17.50 1.01 -3.79
CA ASN A 50 17.25 0.72 -5.21
C ASN A 50 15.97 1.38 -5.78
N GLY A 51 15.08 1.89 -4.91
CA GLY A 51 13.83 2.57 -5.29
C GLY A 51 12.56 1.75 -5.10
N ASN A 52 12.63 0.51 -4.58
CA ASN A 52 11.44 -0.24 -4.16
C ASN A 52 11.07 0.13 -2.69
N ILE A 53 9.89 -0.30 -2.22
CA ILE A 53 9.42 -0.07 -0.84
C ILE A 53 9.83 -1.26 0.05
N ASN A 54 10.10 -1.01 1.33
CA ASN A 54 10.71 -1.97 2.28
C ASN A 54 9.67 -2.95 2.87
N TRP A 55 9.20 -3.90 2.06
CA TRP A 55 8.12 -4.83 2.42
C TRP A 55 8.45 -5.86 3.53
N ASN A 56 9.66 -5.88 4.11
CA ASN A 56 10.03 -6.73 5.26
C ASN A 56 10.00 -6.00 6.62
N CYS A 57 9.42 -4.80 6.69
CA CYS A 57 9.17 -4.09 7.96
C CYS A 57 8.11 -4.79 8.85
N PRO A 58 8.07 -4.51 10.16
CA PRO A 58 7.08 -5.09 11.08
C PRO A 58 5.66 -4.64 10.71
N CYS A 59 5.37 -3.33 10.71
CA CYS A 59 4.05 -2.80 10.34
C CYS A 59 3.88 -2.74 8.82
N LEU A 60 4.74 -1.96 8.13
CA LEU A 60 4.67 -1.72 6.68
C LEU A 60 4.80 -3.00 5.83
N GLY A 61 5.39 -4.09 6.36
CA GLY A 61 5.39 -5.41 5.71
C GLY A 61 4.15 -6.25 6.00
N GLY A 62 3.57 -6.13 7.20
CA GLY A 62 2.32 -6.80 7.58
C GLY A 62 1.13 -6.27 6.78
N MET A 63 0.99 -4.94 6.73
CA MET A 63 -0.05 -4.24 5.95
C MET A 63 0.04 -4.47 4.43
N ALA A 64 1.23 -4.84 3.93
CA ALA A 64 1.50 -5.20 2.54
C ALA A 64 1.22 -6.69 2.22
N SER A 65 0.75 -7.47 3.20
CA SER A 65 0.48 -8.90 3.08
C SER A 65 -1.01 -9.26 3.19
N GLY A 66 -1.36 -10.51 2.90
CA GLY A 66 -2.75 -10.98 2.78
C GLY A 66 -3.33 -10.78 1.36
N PRO A 67 -4.62 -11.10 1.13
CA PRO A 67 -5.26 -11.03 -0.19
C PRO A 67 -5.35 -9.59 -0.70
N CYS A 68 -5.70 -8.62 0.16
CA CYS A 68 -5.69 -7.20 -0.22
C CYS A 68 -4.27 -6.64 -0.42
N GLY A 69 -3.20 -7.42 -0.17
CA GLY A 69 -1.80 -6.96 -0.13
C GLY A 69 -1.28 -6.43 -1.47
N GLU A 70 -1.91 -6.74 -2.60
CA GLU A 70 -1.61 -6.06 -3.86
C GLU A 70 -2.12 -4.62 -3.87
N GLN A 71 -3.28 -4.32 -3.26
CA GLN A 71 -3.84 -2.97 -3.24
C GLN A 71 -3.02 -2.05 -2.33
N PHE A 72 -2.67 -2.51 -1.12
CA PHE A 72 -1.80 -1.72 -0.23
C PHE A 72 -0.42 -1.48 -0.86
N LYS A 73 0.21 -2.51 -1.46
CA LYS A 73 1.47 -2.34 -2.18
C LYS A 73 1.35 -1.35 -3.34
N SER A 74 0.31 -1.46 -4.18
CA SER A 74 0.07 -0.60 -5.34
C SER A 74 -0.23 0.86 -4.95
N ALA A 75 -1.07 1.09 -3.93
CA ALA A 75 -1.39 2.41 -3.38
C ALA A 75 -0.13 3.17 -2.92
N PHE A 76 0.71 2.52 -2.12
CA PHE A 76 1.99 3.06 -1.65
C PHE A 76 3.02 3.20 -2.81
N SER A 77 3.06 2.26 -3.74
CA SER A 77 3.91 2.31 -4.94
C SER A 77 3.58 3.54 -5.81
N CYS A 78 2.29 3.71 -6.15
CA CYS A 78 1.79 4.85 -6.92
C CYS A 78 1.99 6.17 -6.17
N PHE A 79 1.74 6.22 -4.85
CA PHE A 79 1.93 7.45 -4.10
C PHE A 79 3.41 7.84 -4.01
N HIS A 80 4.29 6.89 -3.68
CA HIS A 80 5.75 7.11 -3.66
C HIS A 80 6.27 7.64 -5.00
N TYR A 81 5.78 7.10 -6.13
CA TYR A 81 6.24 7.49 -7.46
C TYR A 81 5.50 8.75 -7.98
N SER A 82 4.37 9.14 -7.39
CA SER A 82 3.67 10.41 -7.66
C SER A 82 4.29 11.62 -6.90
N THR A 83 4.79 11.42 -5.66
CA THR A 83 5.49 12.37 -4.75
C THR A 83 4.69 13.58 -4.30
N GLU A 84 3.65 13.94 -5.04
CA GLU A 84 2.82 15.16 -5.00
C GLU A 84 2.73 15.90 -3.66
N GLU A 85 2.23 15.26 -2.60
CA GLU A 85 1.89 15.83 -1.27
C GLU A 85 0.96 14.84 -0.52
N ILE A 86 -0.34 14.85 -0.86
CA ILE A 86 -1.38 14.11 -0.12
C ILE A 86 -1.32 12.62 -0.48
N LYS A 87 -1.37 11.75 0.54
CA LYS A 87 -1.40 10.29 0.39
C LYS A 87 -2.42 9.82 -0.67
N GLY A 88 -1.92 9.49 -1.86
CA GLY A 88 -2.72 9.01 -2.98
C GLY A 88 -3.48 10.08 -3.78
N SER A 89 -3.02 11.35 -3.83
CA SER A 89 -3.72 12.45 -4.54
C SER A 89 -4.09 12.12 -5.99
N ASP A 90 -3.17 11.52 -6.75
CA ASP A 90 -3.38 11.09 -8.13
C ASP A 90 -3.91 9.64 -8.19
N CYS A 91 -3.63 8.86 -7.14
CA CYS A 91 -3.77 7.40 -7.05
C CYS A 91 -5.10 6.88 -6.46
N VAL A 92 -6.10 7.74 -6.29
CA VAL A 92 -7.36 7.49 -5.57
C VAL A 92 -8.02 6.13 -5.89
N ASP A 93 -7.97 5.68 -7.15
CA ASP A 93 -8.39 4.34 -7.62
C ASP A 93 -7.94 3.20 -6.66
N GLN A 94 -6.63 2.98 -6.58
CA GLN A 94 -6.02 1.87 -5.82
C GLN A 94 -6.27 1.98 -4.31
N PHE A 95 -6.32 3.20 -3.77
CA PHE A 95 -6.69 3.44 -2.38
C PHE A 95 -8.16 3.04 -2.14
N ARG A 96 -9.08 3.43 -3.03
CA ARG A 96 -10.50 3.07 -2.96
C ARG A 96 -10.72 1.56 -3.18
N ALA A 97 -9.91 0.90 -4.02
CA ALA A 97 -9.89 -0.56 -4.19
C ALA A 97 -9.41 -1.27 -2.91
N MET A 98 -8.30 -0.82 -2.30
CA MET A 98 -7.85 -1.30 -0.99
C MET A 98 -8.97 -1.21 0.05
N GLN A 99 -9.68 -0.08 0.12
CA GLN A 99 -10.72 0.10 1.14
C GLN A 99 -12.00 -0.69 0.85
N GLU A 100 -12.39 -0.94 -0.41
CA GLU A 100 -13.51 -1.85 -0.73
C GLU A 100 -13.16 -3.33 -0.48
N CYS A 101 -11.86 -3.69 -0.58
CA CYS A 101 -11.33 -4.99 -0.18
C CYS A 101 -11.35 -5.16 1.34
N MET A 102 -10.70 -4.24 2.07
CA MET A 102 -10.48 -4.33 3.52
C MET A 102 -11.72 -3.97 4.36
N GLN A 103 -12.85 -3.60 3.76
CA GLN A 103 -14.12 -3.50 4.50
C GLN A 103 -14.89 -4.84 4.49
N LYS A 104 -14.48 -5.81 3.66
CA LYS A 104 -15.15 -7.12 3.52
C LYS A 104 -14.44 -8.27 4.26
N TYR A 105 -13.21 -8.06 4.71
CA TYR A 105 -12.39 -9.05 5.40
C TYR A 105 -11.95 -8.54 6.79
N PRO A 106 -12.32 -9.22 7.90
CA PRO A 106 -11.91 -8.80 9.25
C PRO A 106 -10.49 -9.28 9.60
N ASP A 107 -10.21 -10.58 9.48
CA ASP A 107 -8.97 -11.22 9.98
C ASP A 107 -8.75 -12.67 9.50
N LEU A 108 -9.58 -13.17 8.56
CA LEU A 108 -9.59 -14.58 8.11
C LEU A 108 -8.33 -15.05 7.36
N TYR A 109 -7.42 -14.13 7.06
CA TYR A 109 -6.18 -14.28 6.29
C TYR A 109 -5.30 -15.47 6.69
N GLY A 45 15.46 2.33 6.31
CA GLY A 45 14.05 2.23 6.70
C GLY A 45 13.12 2.69 5.59
N LEU A 46 11.91 2.12 5.51
CA LEU A 46 10.77 2.52 4.65
C LEU A 46 10.98 2.24 3.14
N ILE A 47 12.05 2.76 2.54
CA ILE A 47 12.35 2.70 1.09
C ILE A 47 13.61 1.85 0.82
N LEU A 48 13.60 1.08 -0.26
CA LEU A 48 14.75 0.33 -0.77
C LEU A 48 15.64 1.22 -1.66
N PRO A 49 16.97 0.97 -1.77
CA PRO A 49 17.90 1.77 -2.58
C PRO A 49 17.69 1.67 -4.10
N ASN A 50 16.69 0.88 -4.55
CA ASN A 50 16.21 0.84 -5.93
C ASN A 50 15.03 1.80 -6.19
N GLY A 51 14.35 2.32 -5.16
CA GLY A 51 13.22 3.26 -5.23
C GLY A 51 11.84 2.69 -4.86
N ASN A 52 11.71 1.36 -4.70
CA ASN A 52 10.49 0.71 -4.20
C ASN A 52 10.37 0.86 -2.67
N ILE A 53 9.21 0.54 -2.10
CA ILE A 53 9.00 0.45 -0.65
C ILE A 53 9.53 -0.89 -0.09
N ASN A 54 9.97 -0.87 1.17
CA ASN A 54 10.56 -2.01 1.85
C ASN A 54 9.48 -2.81 2.59
N TRP A 55 8.83 -3.72 1.86
CA TRP A 55 7.70 -4.53 2.29
C TRP A 55 8.04 -5.66 3.30
N ASN A 56 9.17 -5.53 4.02
CA ASN A 56 9.65 -6.50 5.03
C ASN A 56 10.03 -5.82 6.38
N CYS A 57 9.47 -4.63 6.64
CA CYS A 57 9.48 -3.96 7.95
C CYS A 57 8.40 -4.52 8.93
N PRO A 58 8.52 -4.31 10.25
CA PRO A 58 7.66 -4.94 11.27
C PRO A 58 6.17 -4.70 11.05
N CYS A 59 5.69 -3.44 11.15
CA CYS A 59 4.30 -3.07 10.92
C CYS A 59 4.02 -2.95 9.40
N LEU A 60 4.80 -2.10 8.72
CA LEU A 60 4.65 -1.77 7.29
C LEU A 60 4.63 -3.00 6.37
N GLY A 61 5.43 -4.04 6.65
CA GLY A 61 5.59 -5.20 5.76
C GLY A 61 4.44 -6.18 5.86
N GLY A 62 3.93 -6.43 7.07
CA GLY A 62 2.77 -7.31 7.27
C GLY A 62 1.49 -6.69 6.67
N MET A 63 1.37 -5.37 6.71
CA MET A 63 0.24 -4.64 6.10
C MET A 63 0.16 -4.81 4.57
N ALA A 64 1.24 -5.22 3.91
CA ALA A 64 1.27 -5.56 2.49
C ALA A 64 1.19 -7.08 2.20
N SER A 65 0.95 -7.91 3.22
CA SER A 65 0.71 -9.35 3.06
C SER A 65 -0.79 -9.66 2.88
N GLY A 66 -1.11 -10.89 2.45
CA GLY A 66 -2.49 -11.38 2.35
C GLY A 66 -3.24 -10.95 1.07
N PRO A 67 -4.56 -11.25 0.99
CA PRO A 67 -5.36 -11.10 -0.23
C PRO A 67 -5.65 -9.65 -0.60
N CYS A 68 -5.60 -8.72 0.35
CA CYS A 68 -5.69 -7.27 0.06
C CYS A 68 -4.31 -6.60 -0.09
N GLY A 69 -3.20 -7.35 0.08
CA GLY A 69 -1.84 -6.82 0.19
C GLY A 69 -1.43 -6.08 -1.05
N GLU A 70 -1.61 -6.67 -2.24
CA GLU A 70 -1.40 -6.07 -3.56
C GLU A 70 -2.11 -4.71 -3.77
N GLN A 71 -3.19 -4.41 -3.04
CA GLN A 71 -3.84 -3.10 -3.15
C GLN A 71 -2.96 -2.04 -2.47
N PHE A 72 -2.55 -2.28 -1.21
CA PHE A 72 -1.62 -1.41 -0.49
C PHE A 72 -0.26 -1.30 -1.19
N LYS A 73 0.26 -2.40 -1.78
CA LYS A 73 1.48 -2.38 -2.61
C LYS A 73 1.42 -1.28 -3.69
N SER A 74 0.38 -1.33 -4.53
CA SER A 74 0.20 -0.44 -5.68
C SER A 74 -0.12 0.98 -5.22
N ALA A 75 -1.02 1.14 -4.23
CA ALA A 75 -1.42 2.42 -3.65
C ALA A 75 -0.23 3.27 -3.19
N PHE A 76 0.55 2.75 -2.24
CA PHE A 76 1.60 3.52 -1.57
C PHE A 76 2.85 3.69 -2.45
N SER A 77 3.11 2.74 -3.35
CA SER A 77 4.16 2.86 -4.38
C SER A 77 3.79 3.97 -5.38
N CYS A 78 2.55 4.00 -5.90
CA CYS A 78 2.09 5.05 -6.83
C CYS A 78 2.15 6.44 -6.18
N PHE A 79 1.68 6.55 -4.93
CA PHE A 79 1.83 7.75 -4.11
C PHE A 79 3.31 8.14 -3.95
N HIS A 80 4.20 7.21 -3.63
CA HIS A 80 5.64 7.50 -3.45
C HIS A 80 6.30 7.94 -4.76
N TYR A 81 5.93 7.33 -5.90
CA TYR A 81 6.50 7.66 -7.21
C TYR A 81 5.93 8.97 -7.77
N SER A 82 4.68 9.35 -7.46
CA SER A 82 4.18 10.70 -7.79
C SER A 82 4.83 11.79 -6.92
N THR A 83 5.03 11.50 -5.62
CA THR A 83 5.54 12.42 -4.58
C THR A 83 5.03 13.85 -4.75
N GLU A 84 3.75 14.03 -4.44
CA GLU A 84 3.09 15.33 -4.31
C GLU A 84 3.06 15.72 -2.82
N GLU A 85 1.98 15.40 -2.10
CA GLU A 85 1.72 15.89 -0.72
C GLU A 85 0.70 14.99 0.04
N ILE A 86 -0.50 14.76 -0.51
CA ILE A 86 -1.56 13.95 0.14
C ILE A 86 -1.57 12.48 -0.36
N LYS A 87 -1.64 11.52 0.58
CA LYS A 87 -1.72 10.08 0.31
C LYS A 87 -2.74 9.72 -0.81
N GLY A 88 -2.22 9.37 -1.99
CA GLY A 88 -2.98 8.88 -3.15
C GLY A 88 -3.36 9.89 -4.23
N SER A 89 -2.82 11.11 -4.19
CA SER A 89 -3.14 12.25 -5.08
C SER A 89 -3.57 11.91 -6.52
N ASP A 90 -2.67 11.32 -7.32
CA ASP A 90 -2.87 10.93 -8.72
C ASP A 90 -3.28 9.44 -8.84
N CYS A 91 -3.51 8.78 -7.71
CA CYS A 91 -3.58 7.31 -7.54
C CYS A 91 -4.85 6.76 -6.82
N VAL A 92 -5.85 7.61 -6.55
CA VAL A 92 -7.03 7.37 -5.69
C VAL A 92 -7.71 5.99 -5.86
N ASP A 93 -7.77 5.48 -7.10
CA ASP A 93 -8.33 4.17 -7.49
C ASP A 93 -7.80 3.00 -6.63
N GLN A 94 -6.48 2.97 -6.40
CA GLN A 94 -5.78 1.94 -5.65
C GLN A 94 -6.15 1.97 -4.16
N PHE A 95 -6.32 3.16 -3.57
CA PHE A 95 -6.74 3.31 -2.18
C PHE A 95 -8.21 2.89 -2.01
N ARG A 96 -9.06 3.19 -3.00
CA ARG A 96 -10.44 2.69 -3.05
C ARG A 96 -10.46 1.15 -3.13
N ALA A 97 -9.62 0.55 -3.99
CA ALA A 97 -9.43 -0.91 -4.09
C ALA A 97 -8.96 -1.55 -2.76
N MET A 98 -8.10 -0.87 -2.00
CA MET A 98 -7.71 -1.31 -0.65
C MET A 98 -8.90 -1.26 0.33
N GLN A 99 -9.69 -0.18 0.30
CA GLN A 99 -10.83 0.00 1.19
C GLN A 99 -11.96 -1.01 0.91
N GLU A 100 -12.35 -1.21 -0.36
CA GLU A 100 -13.39 -2.18 -0.72
C GLU A 100 -13.00 -3.63 -0.37
N CYS A 101 -11.70 -3.95 -0.44
CA CYS A 101 -11.15 -5.25 -0.03
C CYS A 101 -11.15 -5.41 1.49
N MET A 102 -10.72 -4.39 2.26
CA MET A 102 -10.70 -4.45 3.73
C MET A 102 -12.09 -4.49 4.37
N GLN A 103 -13.10 -3.78 3.82
CA GLN A 103 -14.51 -3.94 4.24
C GLN A 103 -15.16 -5.26 3.80
N LYS A 104 -14.51 -6.02 2.89
CA LYS A 104 -14.87 -7.41 2.56
C LYS A 104 -14.15 -8.44 3.48
N TYR A 105 -12.95 -8.14 3.99
CA TYR A 105 -12.10 -9.08 4.73
C TYR A 105 -11.39 -8.45 5.95
N PRO A 106 -12.11 -8.25 7.08
CA PRO A 106 -11.58 -7.59 8.27
C PRO A 106 -10.62 -8.47 9.09
N ASP A 107 -10.98 -9.74 9.35
CA ASP A 107 -10.25 -10.61 10.30
C ASP A 107 -10.64 -12.10 10.16
N LEU A 108 -9.88 -12.85 9.35
CA LEU A 108 -10.10 -14.27 9.06
C LEU A 108 -8.91 -15.04 8.44
N TYR A 109 -7.80 -14.35 8.13
CA TYR A 109 -6.61 -14.85 7.43
C TYR A 109 -5.40 -15.13 8.34
N GLY A 45 12.11 7.47 7.08
CA GLY A 45 12.71 6.54 6.12
C GLY A 45 11.88 5.29 6.02
N LEU A 46 11.82 4.71 4.81
CA LEU A 46 10.99 3.53 4.44
C LEU A 46 11.16 3.09 2.97
N ILE A 47 11.82 3.89 2.13
CA ILE A 47 12.20 3.55 0.75
C ILE A 47 13.49 2.70 0.76
N LEU A 48 13.52 1.65 -0.07
CA LEU A 48 14.72 0.82 -0.34
C LEU A 48 15.70 1.62 -1.23
N PRO A 49 17.03 1.37 -1.12
CA PRO A 49 18.08 2.12 -1.84
C PRO A 49 18.17 1.79 -3.35
N ASN A 50 17.02 1.61 -4.01
CA ASN A 50 16.85 1.44 -5.45
C ASN A 50 15.48 1.97 -5.97
N GLY A 51 14.61 2.51 -5.09
CA GLY A 51 13.33 3.15 -5.42
C GLY A 51 12.08 2.42 -4.94
N ASN A 52 12.13 1.09 -4.73
CA ASN A 52 10.99 0.33 -4.18
C ASN A 52 10.78 0.60 -2.66
N ILE A 53 9.87 -0.08 -1.98
CA ILE A 53 9.45 0.27 -0.59
C ILE A 53 9.73 -0.90 0.35
N ASN A 54 10.11 -0.65 1.60
CA ASN A 54 10.59 -1.69 2.52
C ASN A 54 9.47 -2.53 3.16
N TRP A 55 8.80 -3.37 2.35
CA TRP A 55 7.75 -4.31 2.74
C TRP A 55 8.19 -5.34 3.81
N ASN A 56 9.50 -5.42 4.11
CA ASN A 56 10.06 -6.22 5.20
C ASN A 56 10.00 -5.55 6.59
N CYS A 57 9.68 -4.24 6.67
CA CYS A 57 9.35 -3.56 7.93
C CYS A 57 8.13 -4.26 8.57
N PRO A 58 8.12 -4.55 9.89
CA PRO A 58 7.10 -5.39 10.51
C PRO A 58 5.68 -4.82 10.35
N CYS A 59 5.47 -3.52 10.62
CA CYS A 59 4.16 -2.88 10.43
C CYS A 59 3.71 -2.84 8.96
N LEU A 60 4.62 -2.47 8.04
CA LEU A 60 4.29 -2.29 6.62
C LEU A 60 4.04 -3.62 5.89
N GLY A 61 4.80 -4.67 6.25
CA GLY A 61 4.69 -6.01 5.66
C GLY A 61 3.41 -6.77 6.01
N GLY A 62 2.74 -6.39 7.10
CA GLY A 62 1.39 -6.89 7.41
C GLY A 62 0.37 -6.30 6.43
N MET A 63 0.40 -4.98 6.24
CA MET A 63 -0.54 -4.25 5.37
C MET A 63 -0.32 -4.52 3.88
N ALA A 64 0.93 -4.72 3.46
CA ALA A 64 1.31 -5.05 2.09
C ALA A 64 1.18 -6.56 1.73
N SER A 65 0.66 -7.39 2.65
CA SER A 65 0.40 -8.83 2.46
C SER A 65 -1.10 -9.19 2.53
N GLY A 66 -1.44 -10.49 2.53
CA GLY A 66 -2.82 -10.98 2.55
C GLY A 66 -3.49 -10.99 1.17
N PRO A 67 -4.82 -11.22 1.10
CA PRO A 67 -5.55 -11.19 -0.17
C PRO A 67 -5.48 -9.79 -0.78
N CYS A 68 -5.81 -8.75 0.00
CA CYS A 68 -5.74 -7.35 -0.40
C CYS A 68 -4.32 -6.80 -0.62
N GLY A 69 -3.26 -7.53 -0.24
CA GLY A 69 -1.88 -6.99 -0.21
C GLY A 69 -1.42 -6.32 -1.50
N GLU A 70 -1.79 -6.85 -2.67
CA GLU A 70 -1.43 -6.27 -3.96
C GLU A 70 -2.07 -4.88 -4.21
N GLN A 71 -3.19 -4.56 -3.55
CA GLN A 71 -3.85 -3.25 -3.62
C GLN A 71 -3.10 -2.21 -2.78
N PHE A 72 -2.68 -2.60 -1.56
CA PHE A 72 -1.86 -1.77 -0.68
C PHE A 72 -0.45 -1.54 -1.24
N LYS A 73 0.15 -2.56 -1.87
CA LYS A 73 1.39 -2.41 -2.68
C LYS A 73 1.16 -1.32 -3.74
N SER A 74 0.07 -1.43 -4.51
CA SER A 74 -0.22 -0.50 -5.61
C SER A 74 -0.37 0.95 -5.10
N ALA A 75 -1.14 1.16 -4.02
CA ALA A 75 -1.35 2.47 -3.40
C ALA A 75 -0.06 3.17 -2.93
N PHE A 76 0.79 2.47 -2.16
CA PHE A 76 2.06 3.02 -1.68
C PHE A 76 3.13 3.19 -2.78
N SER A 77 3.21 2.27 -3.74
CA SER A 77 4.10 2.38 -4.90
C SER A 77 3.81 3.62 -5.72
N CYS A 78 2.55 3.81 -6.18
CA CYS A 78 2.14 5.01 -6.94
C CYS A 78 2.35 6.33 -6.17
N PHE A 79 1.98 6.37 -4.89
CA PHE A 79 2.11 7.56 -4.05
C PHE A 79 3.57 7.98 -3.88
N HIS A 80 4.50 7.01 -3.73
CA HIS A 80 5.93 7.33 -3.78
C HIS A 80 6.35 7.77 -5.19
N TYR A 81 6.16 6.91 -6.21
CA TYR A 81 6.75 7.10 -7.55
C TYR A 81 6.27 8.38 -8.25
N SER A 82 5.08 8.91 -7.93
CA SER A 82 4.58 10.16 -8.52
C SER A 82 5.01 11.46 -7.76
N THR A 83 5.62 11.35 -6.56
CA THR A 83 6.19 12.44 -5.73
C THR A 83 5.28 13.67 -5.50
N GLU A 84 4.13 13.48 -4.84
CA GLU A 84 3.22 14.56 -4.41
C GLU A 84 3.25 14.80 -2.86
N GLU A 85 2.17 14.58 -2.12
CA GLU A 85 2.00 15.00 -0.71
C GLU A 85 0.77 14.36 -0.02
N ILE A 86 -0.44 14.57 -0.55
CA ILE A 86 -1.65 13.97 0.05
C ILE A 86 -1.69 12.48 -0.29
N LYS A 87 -1.88 11.62 0.72
CA LYS A 87 -1.89 10.15 0.56
C LYS A 87 -2.88 9.74 -0.55
N GLY A 88 -2.36 9.31 -1.71
CA GLY A 88 -3.13 8.86 -2.86
C GLY A 88 -3.65 9.93 -3.83
N SER A 89 -3.13 11.17 -3.78
CA SER A 89 -3.67 12.35 -4.49
C SER A 89 -4.08 12.19 -5.96
N ASP A 90 -3.26 11.51 -6.78
CA ASP A 90 -3.55 11.17 -8.19
C ASP A 90 -3.53 9.64 -8.42
N CYS A 91 -3.53 8.88 -7.32
CA CYS A 91 -3.51 7.41 -7.22
C CYS A 91 -4.80 6.87 -6.55
N VAL A 92 -5.84 7.70 -6.52
CA VAL A 92 -7.10 7.55 -5.74
C VAL A 92 -7.75 6.15 -5.84
N ASP A 93 -7.67 5.54 -7.02
CA ASP A 93 -8.15 4.18 -7.33
C ASP A 93 -7.62 3.16 -6.32
N GLN A 94 -6.29 3.11 -6.14
CA GLN A 94 -5.65 2.06 -5.33
C GLN A 94 -5.99 2.20 -3.84
N PHE A 95 -6.08 3.43 -3.33
CA PHE A 95 -6.42 3.69 -1.93
C PHE A 95 -7.87 3.31 -1.63
N ARG A 96 -8.80 3.63 -2.54
CA ARG A 96 -10.20 3.19 -2.43
C ARG A 96 -10.33 1.66 -2.58
N ALA A 97 -9.58 1.06 -3.53
CA ALA A 97 -9.55 -0.38 -3.81
C ALA A 97 -9.04 -1.21 -2.62
N MET A 98 -7.97 -0.78 -1.94
CA MET A 98 -7.52 -1.45 -0.70
C MET A 98 -8.48 -1.23 0.48
N GLN A 99 -9.20 -0.10 0.53
CA GLN A 99 -10.23 0.15 1.54
C GLN A 99 -11.48 -0.72 1.36
N GLU A 100 -12.04 -0.84 0.15
CA GLU A 100 -13.18 -1.74 -0.07
C GLU A 100 -12.80 -3.21 0.20
N CYS A 101 -11.58 -3.61 -0.18
CA CYS A 101 -11.05 -4.95 0.06
C CYS A 101 -10.87 -5.26 1.55
N MET A 102 -10.20 -4.41 2.34
CA MET A 102 -9.93 -4.70 3.76
C MET A 102 -11.18 -4.71 4.67
N GLN A 103 -12.35 -4.24 4.21
CA GLN A 103 -13.60 -4.43 4.95
C GLN A 103 -14.43 -5.64 4.48
N LYS A 104 -14.25 -6.17 3.24
CA LYS A 104 -14.87 -7.46 2.87
C LYS A 104 -14.15 -8.66 3.50
N TYR A 105 -12.90 -8.48 3.96
CA TYR A 105 -12.11 -9.47 4.71
C TYR A 105 -11.71 -8.95 6.13
N PRO A 106 -12.50 -9.22 7.19
CA PRO A 106 -12.29 -8.64 8.52
C PRO A 106 -11.09 -9.23 9.30
N ASP A 107 -11.08 -10.55 9.58
CA ASP A 107 -10.10 -11.19 10.50
C ASP A 107 -9.97 -12.71 10.28
N LEU A 108 -10.49 -13.22 9.15
CA LEU A 108 -10.47 -14.65 8.78
C LEU A 108 -9.09 -15.14 8.30
N TYR A 109 -8.16 -14.21 8.07
CA TYR A 109 -6.76 -14.43 7.70
C TYR A 109 -5.81 -14.39 8.91
N GLY A 45 13.59 5.03 6.61
CA GLY A 45 12.16 4.86 6.90
C GLY A 45 11.55 3.81 5.98
N LEU A 46 10.76 4.22 4.98
CA LEU A 46 9.94 3.32 4.16
C LEU A 46 10.54 2.89 2.80
N ILE A 47 11.56 3.57 2.27
CA ILE A 47 12.13 3.30 0.92
C ILE A 47 13.49 2.59 1.00
N LEU A 48 13.76 1.64 0.12
CA LEU A 48 15.00 0.84 0.04
C LEU A 48 16.06 1.51 -0.86
N PRO A 49 17.36 1.14 -0.74
CA PRO A 49 18.43 1.71 -1.56
C PRO A 49 18.32 1.37 -3.06
N ASN A 50 17.53 0.34 -3.43
CA ASN A 50 17.15 0.05 -4.82
C ASN A 50 15.86 0.77 -5.28
N GLY A 51 15.31 1.70 -4.48
CA GLY A 51 14.17 2.56 -4.83
C GLY A 51 12.78 1.95 -4.59
N ASN A 52 12.71 0.72 -4.12
CA ASN A 52 11.47 0.01 -3.81
C ASN A 52 10.96 0.34 -2.39
N ILE A 53 9.74 -0.03 -2.03
CA ILE A 53 9.15 0.15 -0.69
C ILE A 53 9.44 -1.09 0.18
N ASN A 54 9.75 -0.91 1.47
CA ASN A 54 10.19 -2.01 2.33
C ASN A 54 9.04 -2.89 2.83
N TRP A 55 8.83 -4.04 2.19
CA TRP A 55 7.74 -4.99 2.47
C TRP A 55 8.06 -6.09 3.51
N ASN A 56 9.16 -5.98 4.28
CA ASN A 56 9.49 -6.89 5.39
C ASN A 56 9.72 -6.19 6.75
N CYS A 57 9.82 -4.85 6.78
CA CYS A 57 9.82 -4.08 8.04
C CYS A 57 8.55 -4.36 8.87
N PRO A 58 8.65 -4.39 10.22
CA PRO A 58 7.59 -4.86 11.13
C PRO A 58 6.44 -3.85 11.33
N CYS A 59 5.82 -3.45 10.23
CA CYS A 59 4.67 -2.53 10.11
C CYS A 59 4.27 -2.46 8.62
N LEU A 60 5.17 -1.90 7.80
CA LEU A 60 5.01 -1.74 6.35
C LEU A 60 4.95 -3.07 5.58
N GLY A 61 5.51 -4.16 6.11
CA GLY A 61 5.38 -5.50 5.53
C GLY A 61 4.05 -6.19 5.85
N GLY A 62 3.57 -6.10 7.09
CA GLY A 62 2.38 -6.82 7.56
C GLY A 62 1.11 -6.35 6.85
N MET A 63 0.92 -5.03 6.73
CA MET A 63 -0.20 -4.44 5.96
C MET A 63 -0.18 -4.81 4.46
N ALA A 64 0.96 -5.24 3.91
CA ALA A 64 1.13 -5.65 2.52
C ALA A 64 0.98 -7.17 2.29
N SER A 65 0.60 -7.93 3.32
CA SER A 65 0.47 -9.40 3.29
C SER A 65 -1.01 -9.84 3.32
N GLY A 66 -1.28 -11.04 2.79
CA GLY A 66 -2.63 -11.55 2.53
C GLY A 66 -3.13 -11.22 1.11
N PRO A 67 -4.40 -11.54 0.79
CA PRO A 67 -4.94 -11.36 -0.56
C PRO A 67 -5.01 -9.87 -0.96
N CYS A 68 -5.48 -8.99 -0.06
CA CYS A 68 -5.53 -7.53 -0.28
C CYS A 68 -4.17 -6.87 -0.51
N GLY A 69 -3.07 -7.62 -0.36
CA GLY A 69 -1.69 -7.11 -0.45
C GLY A 69 -1.47 -6.28 -1.72
N GLU A 70 -1.92 -6.77 -2.89
CA GLU A 70 -1.77 -6.07 -4.18
C GLU A 70 -2.27 -4.61 -4.17
N GLN A 71 -3.39 -4.33 -3.49
CA GLN A 71 -4.00 -2.99 -3.53
C GLN A 71 -3.30 -2.03 -2.57
N PHE A 72 -2.75 -2.49 -1.44
CA PHE A 72 -1.89 -1.67 -0.60
C PHE A 72 -0.51 -1.47 -1.23
N LYS A 73 0.08 -2.53 -1.80
CA LYS A 73 1.29 -2.44 -2.63
C LYS A 73 1.12 -1.32 -3.66
N SER A 74 0.06 -1.38 -4.49
CA SER A 74 -0.17 -0.41 -5.56
C SER A 74 -0.54 1.00 -5.06
N ALA A 75 -1.33 1.14 -3.97
CA ALA A 75 -1.63 2.44 -3.37
C ALA A 75 -0.35 3.17 -2.91
N PHE A 76 0.49 2.50 -2.12
CA PHE A 76 1.75 3.08 -1.64
C PHE A 76 2.79 3.28 -2.77
N SER A 77 2.86 2.34 -3.71
CA SER A 77 3.72 2.44 -4.90
C SER A 77 3.38 3.67 -5.75
N CYS A 78 2.13 3.79 -6.23
CA CYS A 78 1.69 4.91 -7.05
C CYS A 78 1.90 6.26 -6.33
N PHE A 79 1.59 6.31 -5.03
CA PHE A 79 1.86 7.50 -4.21
C PHE A 79 3.35 7.83 -4.13
N HIS A 80 4.25 6.86 -3.96
CA HIS A 80 5.69 7.09 -3.98
C HIS A 80 6.12 7.66 -5.35
N TYR A 81 5.79 6.99 -6.45
CA TYR A 81 6.18 7.42 -7.81
C TYR A 81 5.47 8.71 -8.26
N SER A 82 4.44 9.18 -7.54
CA SER A 82 3.79 10.48 -7.75
C SER A 82 4.56 11.63 -7.10
N THR A 83 5.08 11.47 -5.87
CA THR A 83 5.82 12.49 -5.07
C THR A 83 5.04 13.78 -4.72
N GLU A 84 3.70 13.75 -4.81
CA GLU A 84 2.83 14.81 -4.29
C GLU A 84 2.57 14.65 -2.77
N GLU A 85 1.99 15.68 -2.15
CA GLU A 85 1.76 15.81 -0.70
C GLU A 85 0.52 15.05 -0.19
N ILE A 86 -0.48 14.87 -1.07
CA ILE A 86 -1.76 14.22 -0.74
C ILE A 86 -1.63 12.71 -0.94
N LYS A 87 -2.00 11.93 0.09
CA LYS A 87 -1.82 10.48 0.13
C LYS A 87 -2.73 9.78 -0.91
N GLY A 88 -2.16 9.53 -2.10
CA GLY A 88 -2.88 9.02 -3.27
C GLY A 88 -3.45 10.06 -4.23
N SER A 89 -2.97 11.31 -4.17
CA SER A 89 -3.40 12.50 -4.94
C SER A 89 -4.23 12.23 -6.22
N ASP A 90 -3.60 11.79 -7.31
CA ASP A 90 -4.28 11.32 -8.52
C ASP A 90 -4.65 9.82 -8.44
N CYS A 91 -3.78 9.01 -7.83
CA CYS A 91 -3.83 7.54 -7.65
C CYS A 91 -5.03 6.99 -6.84
N VAL A 92 -6.00 7.84 -6.53
CA VAL A 92 -7.09 7.64 -5.55
C VAL A 92 -7.99 6.41 -5.78
N ASP A 93 -8.13 5.93 -7.02
CA ASP A 93 -8.80 4.65 -7.34
C ASP A 93 -8.25 3.48 -6.52
N GLN A 94 -6.93 3.48 -6.25
CA GLN A 94 -6.25 2.38 -5.55
C GLN A 94 -6.30 2.56 -4.03
N PHE A 95 -6.33 3.80 -3.51
CA PHE A 95 -6.58 4.04 -2.08
C PHE A 95 -8.01 3.65 -1.70
N ARG A 96 -8.95 3.86 -2.63
CA ARG A 96 -10.34 3.45 -2.58
C ARG A 96 -10.46 1.92 -2.66
N ALA A 97 -9.86 1.27 -3.67
CA ALA A 97 -9.81 -0.20 -3.77
C ALA A 97 -9.13 -0.88 -2.58
N MET A 98 -8.08 -0.27 -2.01
CA MET A 98 -7.45 -0.78 -0.78
C MET A 98 -8.43 -0.79 0.41
N GLN A 99 -9.25 0.26 0.60
CA GLN A 99 -10.32 0.24 1.59
C GLN A 99 -11.41 -0.78 1.20
N GLU A 100 -11.81 -0.86 -0.08
CA GLU A 100 -12.84 -1.80 -0.56
C GLU A 100 -12.44 -3.27 -0.30
N CYS A 101 -11.15 -3.63 -0.41
CA CYS A 101 -10.66 -4.94 0.03
C CYS A 101 -10.59 -5.11 1.55
N MET A 102 -10.08 -4.13 2.30
CA MET A 102 -9.96 -4.22 3.76
C MET A 102 -11.30 -4.23 4.52
N GLN A 103 -12.37 -3.63 3.98
CA GLN A 103 -13.73 -3.77 4.56
C GLN A 103 -14.45 -5.07 4.16
N LYS A 104 -13.88 -5.84 3.23
CA LYS A 104 -14.36 -7.17 2.86
C LYS A 104 -13.76 -8.27 3.74
N TYR A 105 -12.51 -8.14 4.20
CA TYR A 105 -11.76 -9.23 4.85
C TYR A 105 -11.09 -8.80 6.18
N PRO A 106 -11.75 -9.04 7.34
CA PRO A 106 -11.27 -8.56 8.65
C PRO A 106 -10.29 -9.51 9.36
N ASP A 107 -10.57 -10.83 9.45
CA ASP A 107 -9.74 -11.76 10.25
C ASP A 107 -9.95 -13.25 9.87
N LEU A 108 -10.52 -13.53 8.69
CA LEU A 108 -10.68 -14.91 8.20
C LEU A 108 -9.34 -15.61 7.91
N TYR A 109 -8.27 -14.81 7.71
CA TYR A 109 -6.87 -15.21 7.63
C TYR A 109 -6.34 -15.50 9.05
N GLY A 45 16.32 3.02 5.74
CA GLY A 45 15.03 3.68 6.00
C GLY A 45 13.86 2.80 5.61
N LEU A 46 12.68 3.39 5.38
CA LEU A 46 11.48 2.67 4.94
C LEU A 46 11.41 2.45 3.41
N ILE A 47 12.29 3.13 2.66
CA ILE A 47 12.51 2.95 1.21
C ILE A 47 13.87 2.29 1.00
N LEU A 48 14.00 1.48 -0.05
CA LEU A 48 15.19 0.68 -0.40
C LEU A 48 16.11 1.44 -1.38
N PRO A 49 17.41 1.10 -1.48
CA PRO A 49 18.36 1.77 -2.38
C PRO A 49 18.08 1.54 -3.88
N ASN A 50 17.08 0.74 -4.25
CA ASN A 50 16.56 0.59 -5.61
C ASN A 50 15.23 1.35 -5.87
N GLY A 51 14.73 2.14 -4.92
CA GLY A 51 13.52 3.00 -5.07
C GLY A 51 12.18 2.33 -4.70
N ASN A 52 12.15 1.01 -4.48
CA ASN A 52 11.00 0.30 -3.94
C ASN A 52 10.79 0.58 -2.44
N ILE A 53 9.59 0.34 -1.91
CA ILE A 53 9.31 0.35 -0.45
C ILE A 53 9.88 -0.93 0.20
N ASN A 54 10.39 -0.87 1.43
CA ASN A 54 10.76 -2.08 2.17
C ASN A 54 9.51 -2.86 2.61
N TRP A 55 9.09 -3.85 1.81
CA TRP A 55 7.96 -4.72 2.14
C TRP A 55 8.25 -5.75 3.25
N ASN A 56 9.43 -5.74 3.87
CA ASN A 56 9.75 -6.56 5.05
C ASN A 56 9.51 -5.82 6.39
N CYS A 57 9.24 -4.50 6.37
CA CYS A 57 9.04 -3.64 7.56
C CYS A 57 7.98 -4.20 8.55
N PRO A 58 8.24 -4.17 9.88
CA PRO A 58 7.40 -4.82 10.91
C PRO A 58 5.97 -4.27 11.07
N CYS A 59 5.60 -3.19 10.37
CA CYS A 59 4.20 -2.74 10.23
C CYS A 59 3.88 -2.57 8.74
N LEU A 60 4.49 -1.56 8.10
CA LEU A 60 4.31 -1.20 6.68
C LEU A 60 4.46 -2.38 5.70
N GLY A 61 5.40 -3.29 5.95
CA GLY A 61 5.62 -4.49 5.13
C GLY A 61 4.63 -5.60 5.46
N GLY A 62 4.42 -5.89 6.76
CA GLY A 62 3.42 -6.87 7.21
C GLY A 62 1.99 -6.53 6.79
N MET A 63 1.66 -5.25 6.66
CA MET A 63 0.37 -4.73 6.17
C MET A 63 0.18 -4.84 4.64
N ALA A 64 1.20 -5.27 3.89
CA ALA A 64 1.10 -5.59 2.48
C ALA A 64 0.96 -7.12 2.21
N SER A 65 0.88 -7.93 3.26
CA SER A 65 0.68 -9.39 3.16
C SER A 65 -0.81 -9.78 3.21
N GLY A 66 -1.17 -10.92 2.62
CA GLY A 66 -2.55 -11.40 2.51
C GLY A 66 -3.19 -11.05 1.16
N PRO A 67 -4.45 -11.46 0.93
CA PRO A 67 -5.10 -11.40 -0.38
C PRO A 67 -5.40 -9.98 -0.89
N CYS A 68 -5.71 -9.01 -0.02
CA CYS A 68 -5.79 -7.59 -0.43
C CYS A 68 -4.41 -6.94 -0.65
N GLY A 69 -3.32 -7.64 -0.33
CA GLY A 69 -1.95 -7.11 -0.27
C GLY A 69 -1.46 -6.49 -1.58
N GLU A 70 -1.85 -7.05 -2.73
CA GLU A 70 -1.60 -6.45 -4.06
C GLU A 70 -2.09 -4.98 -4.15
N GLN A 71 -3.19 -4.65 -3.47
CA GLN A 71 -3.79 -3.32 -3.52
C GLN A 71 -3.04 -2.32 -2.64
N PHE A 72 -2.49 -2.73 -1.47
CA PHE A 72 -1.63 -1.87 -0.67
C PHE A 72 -0.22 -1.75 -1.27
N LYS A 73 0.29 -2.81 -1.92
CA LYS A 73 1.51 -2.73 -2.75
C LYS A 73 1.32 -1.61 -3.79
N SER A 74 0.21 -1.62 -4.53
CA SER A 74 -0.11 -0.61 -5.54
C SER A 74 -0.37 0.79 -4.95
N ALA A 75 -1.19 0.93 -3.90
CA ALA A 75 -1.65 2.23 -3.40
C ALA A 75 -0.53 3.04 -2.72
N PHE A 76 0.21 2.44 -1.78
CA PHE A 76 1.29 3.16 -1.12
C PHE A 76 2.46 3.43 -2.08
N SER A 77 2.66 2.55 -3.07
CA SER A 77 3.61 2.76 -4.16
C SER A 77 3.20 3.93 -5.06
N CYS A 78 1.97 3.96 -5.60
CA CYS A 78 1.51 5.04 -6.50
C CYS A 78 1.61 6.42 -5.83
N PHE A 79 1.29 6.50 -4.53
CA PHE A 79 1.53 7.69 -3.73
C PHE A 79 3.01 8.06 -3.71
N HIS A 80 3.89 7.12 -3.35
CA HIS A 80 5.32 7.40 -3.17
C HIS A 80 6.00 7.81 -4.49
N TYR A 81 5.86 7.00 -5.55
CA TYR A 81 6.51 7.20 -6.85
C TYR A 81 6.03 8.48 -7.55
N SER A 82 4.84 8.98 -7.22
CA SER A 82 4.31 10.25 -7.73
C SER A 82 5.04 11.49 -7.19
N THR A 83 5.73 11.38 -6.02
CA THR A 83 6.41 12.47 -5.30
C THR A 83 5.45 13.63 -5.01
N GLU A 84 4.23 13.29 -4.59
CA GLU A 84 3.09 14.21 -4.52
C GLU A 84 3.01 15.11 -3.24
N GLU A 85 1.97 14.97 -2.39
CA GLU A 85 1.80 15.62 -1.08
C GLU A 85 0.78 14.80 -0.26
N ILE A 86 -0.48 14.74 -0.73
CA ILE A 86 -1.57 14.05 -0.02
C ILE A 86 -1.54 12.54 -0.31
N LYS A 87 -2.01 11.70 0.63
CA LYS A 87 -2.00 10.22 0.54
C LYS A 87 -2.78 9.67 -0.68
N GLY A 88 -2.14 9.69 -1.86
CA GLY A 88 -2.65 9.15 -3.11
C GLY A 88 -3.44 10.14 -3.99
N SER A 89 -3.10 11.43 -4.02
CA SER A 89 -3.84 12.49 -4.74
C SER A 89 -4.45 12.12 -6.11
N ASP A 90 -3.63 11.76 -7.11
CA ASP A 90 -4.07 11.29 -8.45
C ASP A 90 -4.24 9.76 -8.51
N CYS A 91 -3.94 9.07 -7.40
CA CYS A 91 -3.92 7.60 -7.23
C CYS A 91 -5.16 7.02 -6.53
N VAL A 92 -6.19 7.84 -6.25
CA VAL A 92 -7.36 7.49 -5.40
C VAL A 92 -8.03 6.17 -5.81
N ASP A 93 -7.98 5.81 -7.10
CA ASP A 93 -8.56 4.56 -7.63
C ASP A 93 -8.05 3.31 -6.89
N GLN A 94 -6.74 3.29 -6.57
CA GLN A 94 -6.08 2.19 -5.86
C GLN A 94 -6.29 2.27 -4.34
N PHE A 95 -6.36 3.48 -3.77
CA PHE A 95 -6.72 3.66 -2.35
C PHE A 95 -8.16 3.21 -2.08
N ARG A 96 -9.05 3.36 -3.08
CA ARG A 96 -10.40 2.79 -3.07
C ARG A 96 -10.31 1.26 -3.15
N ALA A 97 -9.64 0.71 -4.18
CA ALA A 97 -9.42 -0.74 -4.36
C ALA A 97 -8.86 -1.43 -3.11
N MET A 98 -8.00 -0.75 -2.35
CA MET A 98 -7.50 -1.20 -1.05
C MET A 98 -8.57 -1.13 0.06
N GLN A 99 -9.15 0.05 0.33
CA GLN A 99 -10.12 0.22 1.43
C GLN A 99 -11.42 -0.60 1.23
N GLU A 100 -11.90 -0.77 -0.01
CA GLU A 100 -13.05 -1.62 -0.31
C GLU A 100 -12.79 -3.12 -0.07
N CYS A 101 -11.62 -3.63 -0.51
CA CYS A 101 -11.19 -5.02 -0.30
C CYS A 101 -11.00 -5.36 1.19
N MET A 102 -10.40 -4.46 1.95
CA MET A 102 -10.12 -4.68 3.37
C MET A 102 -11.35 -4.56 4.28
N GLN A 103 -12.42 -3.86 3.88
CA GLN A 103 -13.71 -3.92 4.60
C GLN A 103 -14.57 -5.14 4.20
N LYS A 104 -14.26 -5.84 3.09
CA LYS A 104 -14.82 -7.18 2.81
C LYS A 104 -14.09 -8.30 3.56
N TYR A 105 -12.84 -8.06 4.00
CA TYR A 105 -11.98 -9.02 4.72
C TYR A 105 -11.58 -8.48 6.12
N PRO A 106 -12.46 -8.60 7.14
CA PRO A 106 -12.17 -8.15 8.49
C PRO A 106 -11.07 -8.99 9.15
N ASP A 107 -11.31 -10.28 9.45
CA ASP A 107 -10.35 -11.12 10.20
C ASP A 107 -10.60 -12.64 10.00
N LEU A 108 -10.46 -13.07 8.75
CA LEU A 108 -10.47 -14.48 8.30
C LEU A 108 -9.05 -15.08 8.09
N TYR A 109 -8.03 -14.27 8.41
CA TYR A 109 -6.61 -14.61 8.49
C TYR A 109 -6.13 -14.54 9.95
N GLY A 45 14.42 4.52 6.39
CA GLY A 45 13.09 4.26 6.96
C GLY A 45 12.34 3.27 6.10
N LEU A 46 11.08 3.55 5.75
CA LEU A 46 10.23 2.69 4.91
C LEU A 46 10.65 2.54 3.43
N ILE A 47 11.54 3.40 2.92
CA ILE A 47 12.03 3.37 1.53
C ILE A 47 13.44 2.74 1.45
N LEU A 48 13.65 1.91 0.41
CA LEU A 48 14.89 1.22 0.08
C LEU A 48 15.83 2.12 -0.74
N PRO A 49 17.16 1.89 -0.73
CA PRO A 49 18.12 2.71 -1.48
C PRO A 49 18.02 2.62 -3.01
N ASN A 50 17.27 1.65 -3.56
CA ASN A 50 16.95 1.55 -4.99
C ASN A 50 15.68 2.33 -5.42
N GLY A 51 14.95 2.92 -4.46
CA GLY A 51 13.74 3.71 -4.72
C GLY A 51 12.41 2.97 -4.56
N ASN A 52 12.43 1.65 -4.34
CA ASN A 52 11.21 0.91 -3.98
C ASN A 52 10.91 1.02 -2.47
N ILE A 53 9.74 0.54 -2.04
CA ILE A 53 9.29 0.51 -0.64
C ILE A 53 9.71 -0.82 0.01
N ASN A 54 10.16 -0.78 1.26
CA ASN A 54 10.59 -1.97 2.00
C ASN A 54 9.39 -2.83 2.47
N TRP A 55 8.87 -3.66 1.58
CA TRP A 55 7.89 -4.71 1.90
C TRP A 55 8.50 -5.75 2.86
N ASN A 56 7.68 -6.67 3.39
CA ASN A 56 8.12 -7.79 4.24
C ASN A 56 8.77 -7.39 5.60
N CYS A 57 8.91 -6.08 5.89
CA CYS A 57 9.39 -5.50 7.16
C CYS A 57 8.42 -5.72 8.34
N PRO A 58 8.88 -5.65 9.61
CA PRO A 58 8.11 -5.94 10.83
C PRO A 58 7.14 -4.81 11.24
N CYS A 59 6.27 -4.40 10.31
CA CYS A 59 5.21 -3.39 10.44
C CYS A 59 4.50 -3.25 9.08
N LEU A 60 4.91 -2.27 8.26
CA LEU A 60 4.44 -2.00 6.89
C LEU A 60 4.41 -3.25 6.00
N GLY A 61 5.32 -4.22 6.21
CA GLY A 61 5.32 -5.48 5.47
C GLY A 61 4.04 -6.30 5.67
N GLY A 62 3.38 -6.21 6.82
CA GLY A 62 2.07 -6.84 7.10
C GLY A 62 0.91 -6.11 6.40
N MET A 63 0.97 -4.77 6.35
CA MET A 63 0.02 -3.93 5.58
C MET A 63 0.10 -4.21 4.06
N ALA A 64 1.27 -4.61 3.57
CA ALA A 64 1.50 -5.06 2.19
C ALA A 64 1.24 -6.57 1.99
N SER A 65 0.75 -7.29 3.01
CA SER A 65 0.47 -8.73 2.97
C SER A 65 -1.05 -9.05 3.06
N GLY A 66 -1.40 -10.31 3.36
CA GLY A 66 -2.80 -10.75 3.41
C GLY A 66 -3.44 -10.79 2.01
N PRO A 67 -4.78 -10.91 1.92
CA PRO A 67 -5.48 -10.94 0.64
C PRO A 67 -5.41 -9.59 -0.08
N CYS A 68 -5.59 -8.48 0.63
CA CYS A 68 -5.60 -7.14 0.03
C CYS A 68 -4.23 -6.56 -0.30
N GLY A 69 -3.14 -7.23 0.07
CA GLY A 69 -1.76 -6.71 0.04
C GLY A 69 -1.28 -6.20 -1.32
N GLU A 70 -1.77 -6.75 -2.44
CA GLU A 70 -1.48 -6.25 -3.79
C GLU A 70 -2.08 -4.86 -4.08
N GLN A 71 -3.26 -4.56 -3.52
CA GLN A 71 -3.89 -3.25 -3.69
C GLN A 71 -3.18 -2.20 -2.81
N PHE A 72 -2.76 -2.58 -1.60
CA PHE A 72 -1.92 -1.74 -0.76
C PHE A 72 -0.55 -1.50 -1.42
N LYS A 73 0.09 -2.52 -2.00
CA LYS A 73 1.33 -2.37 -2.78
C LYS A 73 1.15 -1.39 -3.95
N SER A 74 0.08 -1.53 -4.72
CA SER A 74 -0.21 -0.63 -5.86
C SER A 74 -0.47 0.81 -5.38
N ALA A 75 -1.39 1.01 -4.43
CA ALA A 75 -1.69 2.30 -3.82
C ALA A 75 -0.43 3.02 -3.30
N PHE A 76 0.37 2.32 -2.49
CA PHE A 76 1.48 2.94 -1.78
C PHE A 76 2.72 3.12 -2.70
N SER A 77 2.97 2.22 -3.66
CA SER A 77 4.01 2.46 -4.68
C SER A 77 3.66 3.63 -5.60
N CYS A 78 2.41 3.71 -6.08
CA CYS A 78 1.93 4.82 -6.91
C CYS A 78 2.04 6.16 -6.18
N PHE A 79 1.63 6.22 -4.91
CA PHE A 79 1.80 7.40 -4.06
C PHE A 79 3.28 7.80 -3.85
N HIS A 80 4.19 6.84 -3.68
CA HIS A 80 5.62 7.13 -3.56
C HIS A 80 6.23 7.60 -4.89
N TYR A 81 5.90 7.00 -6.03
CA TYR A 81 6.44 7.39 -7.35
C TYR A 81 5.81 8.69 -7.89
N SER A 82 4.59 9.01 -7.45
CA SER A 82 3.87 10.24 -7.78
C SER A 82 4.50 11.52 -7.19
N THR A 83 5.18 11.39 -6.04
CA THR A 83 5.82 12.45 -5.21
C THR A 83 5.06 13.78 -5.01
N GLU A 84 3.76 13.86 -5.34
CA GLU A 84 2.88 15.04 -5.24
C GLU A 84 2.83 15.66 -3.82
N GLU A 85 2.15 15.00 -2.87
CA GLU A 85 2.17 15.32 -1.42
C GLU A 85 1.32 14.33 -0.59
N ILE A 86 -0.02 14.36 -0.72
CA ILE A 86 -0.92 13.66 0.19
C ILE A 86 -1.31 12.25 -0.26
N LYS A 87 -1.47 11.34 0.71
CA LYS A 87 -1.62 9.89 0.53
C LYS A 87 -2.63 9.52 -0.59
N GLY A 88 -2.10 9.28 -1.80
CA GLY A 88 -2.83 8.77 -2.97
C GLY A 88 -3.47 9.79 -3.89
N SER A 89 -3.19 11.10 -3.78
CA SER A 89 -3.93 12.16 -4.49
C SER A 89 -4.04 12.04 -6.02
N ASP A 90 -3.09 11.38 -6.70
CA ASP A 90 -3.15 11.14 -8.16
C ASP A 90 -3.50 9.67 -8.52
N CYS A 91 -3.74 8.85 -7.49
CA CYS A 91 -3.84 7.38 -7.53
C CYS A 91 -5.02 6.85 -6.69
N VAL A 92 -6.01 7.69 -6.35
CA VAL A 92 -7.06 7.39 -5.34
C VAL A 92 -7.82 6.10 -5.68
N ASP A 93 -7.96 5.79 -6.96
CA ASP A 93 -8.42 4.51 -7.51
C ASP A 93 -7.88 3.30 -6.73
N GLN A 94 -6.56 3.16 -6.64
CA GLN A 94 -5.89 2.04 -5.98
C GLN A 94 -6.16 2.04 -4.46
N PHE A 95 -6.19 3.22 -3.83
CA PHE A 95 -6.51 3.36 -2.40
C PHE A 95 -7.96 2.96 -2.11
N ARG A 96 -8.88 3.21 -3.04
CA ARG A 96 -10.30 2.83 -2.93
C ARG A 96 -10.51 1.33 -3.19
N ALA A 97 -9.75 0.73 -4.12
CA ALA A 97 -9.67 -0.71 -4.35
C ALA A 97 -9.09 -1.47 -3.13
N MET A 98 -8.12 -0.85 -2.44
CA MET A 98 -7.62 -1.31 -1.14
C MET A 98 -8.70 -1.18 -0.05
N GLN A 99 -9.35 -0.02 0.06
CA GLN A 99 -10.41 0.25 1.04
C GLN A 99 -11.57 -0.74 0.92
N GLU A 100 -12.14 -0.95 -0.28
CA GLU A 100 -13.22 -1.92 -0.50
C GLU A 100 -12.81 -3.33 -0.07
N CYS A 101 -11.56 -3.72 -0.33
CA CYS A 101 -11.03 -5.02 0.05
C CYS A 101 -10.89 -5.17 1.57
N MET A 102 -10.24 -4.22 2.26
CA MET A 102 -9.95 -4.32 3.71
C MET A 102 -11.20 -4.12 4.60
N GLN A 103 -12.32 -3.68 4.02
CA GLN A 103 -13.62 -3.67 4.69
C GLN A 103 -14.53 -4.85 4.28
N LYS A 104 -14.18 -5.69 3.30
CA LYS A 104 -14.89 -6.98 3.09
C LYS A 104 -14.30 -8.08 3.98
N TYR A 105 -12.98 -8.08 4.20
CA TYR A 105 -12.28 -9.06 5.04
C TYR A 105 -11.97 -8.49 6.44
N PRO A 106 -12.58 -9.01 7.53
CA PRO A 106 -12.36 -8.47 8.88
C PRO A 106 -11.12 -9.07 9.56
N ASP A 107 -10.97 -10.40 9.56
CA ASP A 107 -9.90 -11.11 10.31
C ASP A 107 -9.72 -12.61 9.96
N LEU A 108 -10.10 -13.05 8.74
CA LEU A 108 -9.99 -14.48 8.35
C LEU A 108 -8.55 -15.01 8.18
N TYR A 109 -7.57 -14.10 8.26
CA TYR A 109 -6.12 -14.34 8.38
C TYR A 109 -5.77 -14.41 9.89
N GLY A 45 14.32 5.38 5.47
CA GLY A 45 13.07 5.13 6.22
C GLY A 45 12.30 4.04 5.51
N LEU A 46 10.99 4.18 5.33
CA LEU A 46 10.11 3.25 4.62
C LEU A 46 10.32 3.18 3.08
N ILE A 47 11.53 3.40 2.60
CA ILE A 47 11.94 3.44 1.17
C ILE A 47 13.39 2.95 1.09
N LEU A 48 13.66 1.97 0.23
CA LEU A 48 15.00 1.46 -0.04
C LEU A 48 15.73 2.35 -1.06
N PRO A 49 17.07 2.44 -0.99
CA PRO A 49 17.89 3.22 -1.91
C PRO A 49 17.95 2.65 -3.34
N ASN A 50 17.33 1.49 -3.63
CA ASN A 50 17.16 1.00 -5.01
C ASN A 50 15.81 1.44 -5.65
N GLY A 51 14.86 1.92 -4.82
CA GLY A 51 13.53 2.41 -5.22
C GLY A 51 12.35 1.68 -4.56
N ASN A 52 12.51 0.42 -4.15
CA ASN A 52 11.43 -0.39 -3.56
C ASN A 52 11.01 0.08 -2.15
N ILE A 53 9.80 -0.27 -1.70
CA ILE A 53 9.18 0.24 -0.46
C ILE A 53 9.53 -0.59 0.80
N ASN A 54 10.02 -1.82 0.61
CA ASN A 54 10.48 -2.75 1.64
C ASN A 54 9.31 -3.51 2.29
N TRP A 55 8.77 -4.50 1.58
CA TRP A 55 7.74 -5.42 2.08
C TRP A 55 8.27 -6.43 3.12
N ASN A 56 9.55 -6.37 3.49
CA ASN A 56 10.14 -7.16 4.59
C ASN A 56 10.11 -6.45 5.96
N CYS A 57 9.79 -5.14 6.03
CA CYS A 57 9.53 -4.45 7.30
C CYS A 57 8.40 -5.12 8.12
N PRO A 58 8.45 -5.10 9.47
CA PRO A 58 7.48 -5.78 10.33
C PRO A 58 6.04 -5.27 10.14
N CYS A 59 5.75 -3.99 10.40
CA CYS A 59 4.39 -3.44 10.27
C CYS A 59 3.96 -3.31 8.79
N LEU A 60 4.67 -2.49 8.01
CA LEU A 60 4.34 -2.18 6.62
C LEU A 60 4.29 -3.44 5.74
N GLY A 61 5.22 -4.39 5.95
CA GLY A 61 5.24 -5.67 5.27
C GLY A 61 4.15 -6.62 5.77
N GLY A 62 3.82 -6.60 7.07
CA GLY A 62 2.69 -7.34 7.64
C GLY A 62 1.38 -6.91 7.01
N MET A 63 1.12 -5.61 6.95
CA MET A 63 -0.04 -5.03 6.25
C MET A 63 -0.08 -5.35 4.74
N ALA A 64 1.05 -5.50 4.07
CA ALA A 64 1.14 -5.97 2.68
C ALA A 64 1.00 -7.50 2.53
N SER A 65 0.94 -8.28 3.61
CA SER A 65 0.94 -9.77 3.57
C SER A 65 -0.44 -10.43 3.79
N GLY A 66 -1.52 -9.65 3.70
CA GLY A 66 -2.91 -10.17 3.68
C GLY A 66 -3.42 -10.37 2.25
N PRO A 67 -4.64 -10.91 2.05
CA PRO A 67 -5.24 -11.08 0.73
C PRO A 67 -5.42 -9.74 0.01
N CYS A 68 -5.90 -8.69 0.70
CA CYS A 68 -5.92 -7.31 0.18
C CYS A 68 -4.55 -6.65 0.03
N GLY A 69 -3.48 -7.34 0.45
CA GLY A 69 -2.13 -6.79 0.53
C GLY A 69 -1.63 -6.25 -0.80
N GLU A 70 -1.99 -6.83 -1.95
CA GLU A 70 -1.57 -6.33 -3.26
C GLU A 70 -2.18 -4.96 -3.61
N GLN A 71 -3.37 -4.65 -3.08
CA GLN A 71 -3.99 -3.33 -3.27
C GLN A 71 -3.28 -2.29 -2.39
N PHE A 72 -2.84 -2.69 -1.20
CA PHE A 72 -2.05 -1.82 -0.32
C PHE A 72 -0.65 -1.58 -0.90
N LYS A 73 -0.01 -2.61 -1.50
CA LYS A 73 1.22 -2.48 -2.28
C LYS A 73 1.03 -1.47 -3.42
N SER A 74 -0.03 -1.62 -4.22
CA SER A 74 -0.35 -0.72 -5.34
C SER A 74 -0.59 0.71 -4.86
N ALA A 75 -1.33 0.92 -3.76
CA ALA A 75 -1.61 2.23 -3.17
C ALA A 75 -0.36 2.94 -2.65
N PHE A 76 0.48 2.27 -1.85
CA PHE A 76 1.73 2.84 -1.36
C PHE A 76 2.77 3.04 -2.47
N SER A 77 2.80 2.15 -3.48
CA SER A 77 3.56 2.35 -4.70
C SER A 77 3.12 3.63 -5.44
N CYS A 78 1.84 3.75 -5.82
CA CYS A 78 1.30 4.88 -6.57
C CYS A 78 1.45 6.21 -5.80
N PHE A 79 1.41 6.18 -4.46
CA PHE A 79 1.67 7.37 -3.63
C PHE A 79 3.16 7.77 -3.67
N HIS A 80 4.09 6.89 -3.30
CA HIS A 80 5.53 7.22 -3.37
C HIS A 80 5.97 7.61 -4.80
N TYR A 81 5.54 6.88 -5.83
CA TYR A 81 5.93 7.15 -7.22
C TYR A 81 5.27 8.43 -7.78
N SER A 82 4.36 9.06 -7.05
CA SER A 82 3.87 10.40 -7.38
C SER A 82 4.79 11.52 -6.87
N THR A 83 5.62 11.27 -5.83
CA THR A 83 6.43 12.29 -5.11
C THR A 83 5.62 13.52 -4.65
N GLU A 84 4.31 13.34 -4.44
CA GLU A 84 3.30 14.37 -4.22
C GLU A 84 3.00 14.68 -2.73
N GLU A 85 1.97 15.50 -2.49
CA GLU A 85 1.57 15.98 -1.16
C GLU A 85 0.49 15.15 -0.44
N ILE A 86 -0.35 14.36 -1.13
CA ILE A 86 -1.44 13.60 -0.47
C ILE A 86 -1.43 12.11 -0.85
N LYS A 87 -1.69 11.25 0.13
CA LYS A 87 -1.88 9.80 -0.01
C LYS A 87 -2.96 9.45 -1.07
N GLY A 88 -2.49 9.23 -2.30
CA GLY A 88 -3.32 8.87 -3.46
C GLY A 88 -3.78 10.03 -4.34
N SER A 89 -3.22 11.25 -4.28
CA SER A 89 -3.85 12.40 -4.97
C SER A 89 -4.04 12.31 -6.50
N ASP A 90 -3.21 11.57 -7.26
CA ASP A 90 -3.45 11.27 -8.69
C ASP A 90 -3.58 9.74 -8.90
N CYS A 91 -4.01 9.04 -7.84
CA CYS A 91 -4.02 7.58 -7.68
C CYS A 91 -5.21 7.09 -6.82
N VAL A 92 -6.30 7.87 -6.72
CA VAL A 92 -7.41 7.68 -5.76
C VAL A 92 -8.07 6.30 -5.93
N ASP A 93 -8.10 5.79 -7.16
CA ASP A 93 -8.49 4.42 -7.53
C ASP A 93 -7.90 3.38 -6.57
N GLN A 94 -6.56 3.38 -6.41
CA GLN A 94 -5.85 2.44 -5.54
C GLN A 94 -6.29 2.55 -4.07
N PHE A 95 -6.43 3.75 -3.52
CA PHE A 95 -6.84 3.92 -2.12
C PHE A 95 -8.30 3.50 -1.88
N ARG A 96 -9.16 3.69 -2.89
CA ARG A 96 -10.56 3.22 -2.92
C ARG A 96 -10.62 1.69 -3.01
N ALA A 97 -9.81 1.08 -3.88
CA ALA A 97 -9.62 -0.38 -4.01
C ALA A 97 -9.08 -1.03 -2.73
N MET A 98 -8.07 -0.41 -2.09
CA MET A 98 -7.59 -0.81 -0.77
C MET A 98 -8.75 -0.81 0.24
N GLN A 99 -9.56 0.26 0.31
CA GLN A 99 -10.69 0.33 1.25
C GLN A 99 -11.79 -0.70 0.94
N GLU A 100 -12.24 -0.82 -0.32
CA GLU A 100 -13.31 -1.75 -0.67
C GLU A 100 -12.88 -3.21 -0.43
N CYS A 101 -11.60 -3.53 -0.66
CA CYS A 101 -11.04 -4.80 -0.26
C CYS A 101 -10.99 -4.96 1.27
N MET A 102 -10.55 -3.97 2.05
CA MET A 102 -10.45 -4.11 3.51
C MET A 102 -11.81 -4.17 4.24
N GLN A 103 -12.91 -3.78 3.60
CA GLN A 103 -14.26 -4.09 4.13
C GLN A 103 -14.75 -5.48 3.67
N LYS A 104 -14.24 -6.05 2.58
CA LYS A 104 -14.50 -7.44 2.15
C LYS A 104 -13.66 -8.50 2.92
N TYR A 105 -12.49 -8.11 3.42
CA TYR A 105 -11.57 -8.93 4.24
C TYR A 105 -11.02 -8.14 5.46
N PRO A 106 -11.71 -8.18 6.63
CA PRO A 106 -11.30 -7.44 7.83
C PRO A 106 -10.12 -8.09 8.58
N ASP A 107 -10.29 -9.29 9.16
CA ASP A 107 -9.25 -10.05 9.88
C ASP A 107 -9.47 -11.55 9.64
N LEU A 108 -8.55 -12.16 8.88
CA LEU A 108 -8.51 -13.57 8.43
C LEU A 108 -7.25 -13.87 7.58
N TYR A 109 -6.24 -13.00 7.65
CA TYR A 109 -5.07 -12.95 6.75
C TYR A 109 -4.22 -14.22 6.78
N GLY A 45 13.60 4.29 6.61
CA GLY A 45 12.70 3.27 7.18
C GLY A 45 11.85 2.65 6.09
N LEU A 46 10.66 3.16 5.79
CA LEU A 46 9.75 2.60 4.75
C LEU A 46 10.22 2.78 3.29
N ILE A 47 11.53 2.97 3.06
CA ILE A 47 12.17 3.32 1.79
C ILE A 47 13.63 2.84 1.80
N LEU A 48 14.11 2.43 0.63
CA LEU A 48 15.49 2.13 0.25
C LEU A 48 15.93 3.08 -0.89
N PRO A 49 17.24 3.37 -1.06
CA PRO A 49 17.73 4.39 -2.00
C PRO A 49 17.54 4.02 -3.49
N ASN A 50 17.28 2.75 -3.81
CA ASN A 50 16.91 2.27 -5.15
C ASN A 50 15.41 2.43 -5.48
N GLY A 51 14.64 3.11 -4.63
CA GLY A 51 13.21 3.41 -4.84
C GLY A 51 12.25 2.31 -4.36
N ASN A 52 12.75 1.22 -3.79
CA ASN A 52 11.90 0.17 -3.21
C ASN A 52 11.43 0.53 -1.78
N ILE A 53 10.18 0.20 -1.47
CA ILE A 53 9.52 0.47 -0.19
C ILE A 53 9.89 -0.56 0.90
N ASN A 54 10.19 -1.80 0.51
CA ASN A 54 10.61 -2.94 1.35
C ASN A 54 9.46 -3.56 2.18
N TRP A 55 8.84 -4.61 1.64
CA TRP A 55 7.70 -5.33 2.21
C TRP A 55 8.10 -6.40 3.26
N ASN A 56 9.13 -6.12 4.08
CA ASN A 56 9.70 -7.03 5.09
C ASN A 56 9.69 -6.45 6.53
N CYS A 57 9.56 -5.14 6.72
CA CYS A 57 9.46 -4.49 8.04
C CYS A 57 8.18 -4.95 8.80
N PRO A 58 8.19 -5.04 10.15
CA PRO A 58 7.13 -5.69 10.95
C PRO A 58 5.72 -5.07 10.89
N CYS A 59 5.55 -3.84 10.38
CA CYS A 59 4.23 -3.27 10.07
C CYS A 59 3.98 -3.31 8.55
N LEU A 60 4.76 -2.51 7.82
CA LEU A 60 4.73 -2.28 6.37
C LEU A 60 4.74 -3.55 5.50
N GLY A 61 5.39 -4.62 5.96
CA GLY A 61 5.45 -5.91 5.25
C GLY A 61 4.24 -6.81 5.51
N GLY A 62 3.63 -6.74 6.69
CA GLY A 62 2.39 -7.48 7.01
C GLY A 62 1.20 -6.82 6.32
N MET A 63 1.11 -5.50 6.39
CA MET A 63 0.06 -4.70 5.73
C MET A 63 0.07 -4.79 4.19
N ALA A 64 1.23 -5.09 3.60
CA ALA A 64 1.40 -5.38 2.17
C ALA A 64 1.04 -6.83 1.77
N SER A 65 0.62 -7.67 2.70
CA SER A 65 0.40 -9.10 2.47
C SER A 65 -1.06 -9.54 2.75
N GLY A 66 -1.40 -10.81 2.45
CA GLY A 66 -2.77 -11.31 2.60
C GLY A 66 -3.69 -10.91 1.42
N PRO A 67 -5.02 -11.16 1.53
CA PRO A 67 -5.95 -11.03 0.41
C PRO A 67 -6.26 -9.57 0.01
N CYS A 68 -6.03 -8.58 0.88
CA CYS A 68 -6.08 -7.15 0.49
C CYS A 68 -4.70 -6.56 0.18
N GLY A 69 -3.61 -7.29 0.42
CA GLY A 69 -2.23 -6.78 0.45
C GLY A 69 -1.71 -6.17 -0.86
N GLU A 70 -2.23 -6.58 -2.02
CA GLU A 70 -1.84 -5.96 -3.30
C GLU A 70 -2.38 -4.54 -3.49
N GLN A 71 -3.53 -4.20 -2.89
CA GLN A 71 -4.07 -2.84 -2.95
C GLN A 71 -3.20 -1.88 -2.14
N PHE A 72 -2.73 -2.34 -0.96
CA PHE A 72 -1.74 -1.63 -0.15
C PHE A 72 -0.41 -1.49 -0.92
N LYS A 73 0.11 -2.56 -1.56
CA LYS A 73 1.31 -2.44 -2.40
C LYS A 73 1.14 -1.36 -3.49
N SER A 74 0.10 -1.45 -4.34
CA SER A 74 -0.07 -0.56 -5.49
C SER A 74 -0.41 0.89 -5.11
N ALA A 75 -1.19 1.11 -4.04
CA ALA A 75 -1.47 2.43 -3.48
C ALA A 75 -0.18 3.15 -3.02
N PHE A 76 0.65 2.46 -2.24
CA PHE A 76 1.93 3.00 -1.75
C PHE A 76 2.94 3.15 -2.88
N SER A 77 3.07 2.16 -3.75
CA SER A 77 3.93 2.16 -4.94
C SER A 77 3.68 3.39 -5.80
N CYS A 78 2.48 3.51 -6.37
CA CYS A 78 2.09 4.62 -7.28
C CYS A 78 2.37 5.99 -6.64
N PHE A 79 1.99 6.16 -5.37
CA PHE A 79 2.18 7.39 -4.62
C PHE A 79 3.67 7.71 -4.35
N HIS A 80 4.51 6.70 -4.12
CA HIS A 80 5.95 6.93 -4.00
C HIS A 80 6.60 7.20 -5.37
N TYR A 81 6.19 6.50 -6.43
CA TYR A 81 6.66 6.73 -7.80
C TYR A 81 6.03 8.01 -8.43
N SER A 82 5.29 8.78 -7.64
CA SER A 82 4.82 10.14 -7.93
C SER A 82 5.71 11.18 -7.23
N THR A 83 5.60 11.34 -5.90
CA THR A 83 6.21 12.39 -5.05
C THR A 83 5.54 13.77 -5.21
N GLU A 84 4.21 13.81 -5.19
CA GLU A 84 3.41 15.04 -5.10
C GLU A 84 3.16 15.36 -3.61
N GLU A 85 1.91 15.36 -3.12
CA GLU A 85 1.56 15.75 -1.75
C GLU A 85 0.67 14.70 -1.05
N ILE A 86 -0.64 14.66 -1.33
CA ILE A 86 -1.62 13.88 -0.54
C ILE A 86 -1.62 12.40 -0.92
N LYS A 87 -1.70 11.51 0.08
CA LYS A 87 -1.72 10.05 -0.11
C LYS A 87 -2.86 9.62 -1.06
N GLY A 88 -2.49 9.36 -2.33
CA GLY A 88 -3.40 9.01 -3.41
C GLY A 88 -3.71 10.13 -4.41
N SER A 89 -3.09 11.31 -4.36
CA SER A 89 -3.51 12.48 -5.18
C SER A 89 -3.43 12.28 -6.71
N ASP A 90 -2.63 11.32 -7.20
CA ASP A 90 -2.61 10.89 -8.61
C ASP A 90 -2.77 9.35 -8.74
N CYS A 91 -3.37 8.72 -7.72
CA CYS A 91 -3.42 7.26 -7.53
C CYS A 91 -4.67 6.71 -6.78
N VAL A 92 -5.65 7.55 -6.44
CA VAL A 92 -6.78 7.29 -5.51
C VAL A 92 -7.63 6.01 -5.72
N ASP A 93 -7.68 5.40 -6.91
CA ASP A 93 -8.51 4.21 -7.19
C ASP A 93 -8.09 3.02 -6.30
N GLN A 94 -6.77 2.75 -6.24
CA GLN A 94 -6.15 1.74 -5.39
C GLN A 94 -6.43 1.94 -3.89
N PHE A 95 -6.56 3.21 -3.45
CA PHE A 95 -6.83 3.56 -2.04
C PHE A 95 -8.29 3.28 -1.69
N ARG A 96 -9.22 3.63 -2.59
CA ARG A 96 -10.63 3.25 -2.51
C ARG A 96 -10.75 1.71 -2.49
N ALA A 97 -10.03 1.01 -3.37
CA ALA A 97 -9.97 -0.45 -3.40
C ALA A 97 -9.40 -1.05 -2.09
N MET A 98 -8.33 -0.46 -1.53
CA MET A 98 -7.78 -0.88 -0.22
C MET A 98 -8.81 -0.82 0.91
N GLN A 99 -9.66 0.21 0.97
CA GLN A 99 -10.71 0.29 1.99
C GLN A 99 -11.95 -0.54 1.65
N GLU A 100 -12.37 -0.65 0.39
CA GLU A 100 -13.52 -1.50 0.03
C GLU A 100 -13.23 -2.99 0.29
N CYS A 101 -11.96 -3.40 0.16
CA CYS A 101 -11.48 -4.72 0.53
C CYS A 101 -11.47 -4.93 2.05
N MET A 102 -10.91 -3.99 2.83
CA MET A 102 -10.76 -4.14 4.29
C MET A 102 -12.06 -4.09 5.10
N GLN A 103 -13.19 -3.73 4.48
CA GLN A 103 -14.55 -3.86 5.06
C GLN A 103 -15.28 -5.17 4.63
N LYS A 104 -14.78 -5.92 3.64
CA LYS A 104 -15.33 -7.24 3.26
C LYS A 104 -14.46 -8.43 3.71
N TYR A 105 -13.14 -8.24 3.82
CA TYR A 105 -12.18 -9.22 4.33
C TYR A 105 -11.51 -8.71 5.63
N PRO A 106 -12.06 -9.01 6.82
CA PRO A 106 -11.55 -8.52 8.09
C PRO A 106 -10.26 -9.24 8.54
N ASP A 107 -10.36 -10.47 9.08
CA ASP A 107 -9.26 -11.12 9.82
C ASP A 107 -8.88 -12.53 9.30
N LEU A 108 -9.52 -13.03 8.25
CA LEU A 108 -9.40 -14.42 7.75
C LEU A 108 -8.04 -14.81 7.12
N TYR A 109 -7.09 -13.87 7.06
CA TYR A 109 -5.81 -13.94 6.34
C TYR A 109 -4.86 -15.04 6.86
N GLY A 45 13.63 7.11 5.40
CA GLY A 45 12.96 5.97 6.05
C GLY A 45 12.00 5.27 5.09
N LEU A 46 11.64 4.01 5.37
CA LEU A 46 10.66 3.14 4.65
C LEU A 46 10.94 2.79 3.17
N ILE A 47 11.82 3.51 2.47
CA ILE A 47 12.19 3.26 1.06
C ILE A 47 13.47 2.39 0.99
N LEU A 48 13.55 1.48 0.01
CA LEU A 48 14.68 0.61 -0.30
C LEU A 48 15.77 1.34 -1.11
N PRO A 49 17.02 0.82 -1.19
CA PRO A 49 18.09 1.40 -2.03
C PRO A 49 17.84 1.30 -3.55
N ASN A 50 16.69 0.78 -4.00
CA ASN A 50 16.25 0.83 -5.41
C ASN A 50 15.04 1.76 -5.69
N GLY A 51 14.46 2.41 -4.66
CA GLY A 51 13.36 3.38 -4.78
C GLY A 51 11.94 2.83 -4.53
N ASN A 52 11.79 1.51 -4.33
CA ASN A 52 10.51 0.92 -3.90
C ASN A 52 10.38 0.91 -2.35
N ILE A 53 9.24 0.49 -1.81
CA ILE A 53 8.99 0.47 -0.35
C ILE A 53 9.47 -0.85 0.28
N ASN A 54 10.06 -0.79 1.47
CA ASN A 54 10.52 -1.97 2.21
C ASN A 54 9.36 -2.79 2.78
N TRP A 55 8.81 -3.70 1.97
CA TRP A 55 7.70 -4.61 2.25
C TRP A 55 8.04 -5.70 3.30
N ASN A 56 8.89 -5.38 4.28
CA ASN A 56 9.44 -6.28 5.30
C ASN A 56 9.74 -5.59 6.65
N CYS A 57 9.48 -4.29 6.78
CA CYS A 57 9.48 -3.63 8.09
C CYS A 57 8.30 -4.20 8.91
N PRO A 58 8.37 -4.24 10.26
CA PRO A 58 7.22 -4.58 11.09
C PRO A 58 6.07 -3.60 10.82
N CYS A 59 4.83 -4.08 10.94
CA CYS A 59 3.59 -3.32 10.68
C CYS A 59 3.37 -3.00 9.19
N LEU A 60 4.13 -2.05 8.63
CA LEU A 60 4.00 -1.60 7.23
C LEU A 60 4.18 -2.76 6.23
N GLY A 61 5.22 -3.57 6.43
CA GLY A 61 5.53 -4.73 5.58
C GLY A 61 4.58 -5.91 5.83
N GLY A 62 3.88 -5.91 6.96
CA GLY A 62 2.83 -6.89 7.33
C GLY A 62 1.48 -6.56 6.69
N MET A 63 1.08 -5.28 6.72
CA MET A 63 -0.16 -4.81 6.08
C MET A 63 -0.15 -4.96 4.56
N ALA A 64 1.03 -5.02 3.94
CA ALA A 64 1.18 -5.28 2.50
C ALA A 64 0.99 -6.77 2.10
N SER A 65 0.48 -7.62 3.00
CA SER A 65 0.39 -9.08 2.80
C SER A 65 -0.98 -9.58 2.28
N GLY A 66 -1.08 -10.86 1.92
CA GLY A 66 -2.35 -11.53 1.61
C GLY A 66 -3.08 -11.02 0.34
N PRO A 67 -4.43 -11.11 0.29
CA PRO A 67 -5.22 -10.80 -0.91
C PRO A 67 -5.33 -9.29 -1.15
N CYS A 68 -5.85 -8.49 -0.21
CA CYS A 68 -5.91 -7.02 -0.39
C CYS A 68 -4.52 -6.37 -0.50
N GLY A 69 -3.45 -7.05 -0.10
CA GLY A 69 -2.09 -6.54 -0.05
C GLY A 69 -1.58 -5.97 -1.37
N GLU A 70 -1.91 -6.57 -2.52
CA GLU A 70 -1.42 -6.06 -3.82
C GLU A 70 -2.01 -4.67 -4.17
N GLN A 71 -3.18 -4.35 -3.60
CA GLN A 71 -3.76 -3.01 -3.69
C GLN A 71 -2.89 -2.03 -2.88
N PHE A 72 -2.54 -2.36 -1.63
CA PHE A 72 -1.70 -1.53 -0.77
C PHE A 72 -0.28 -1.38 -1.34
N LYS A 73 0.30 -2.45 -1.90
CA LYS A 73 1.56 -2.39 -2.68
C LYS A 73 1.45 -1.30 -3.77
N SER A 74 0.45 -1.44 -4.65
CA SER A 74 0.18 -0.51 -5.74
C SER A 74 -0.01 0.91 -5.25
N ALA A 75 -1.03 1.16 -4.44
CA ALA A 75 -1.44 2.46 -3.89
C ALA A 75 -0.25 3.24 -3.33
N PHE A 76 0.52 2.62 -2.42
CA PHE A 76 1.66 3.25 -1.77
C PHE A 76 2.83 3.42 -2.73
N SER A 77 3.10 2.44 -3.60
CA SER A 77 4.11 2.61 -4.65
C SER A 77 3.78 3.77 -5.60
N CYS A 78 2.56 3.87 -6.12
CA CYS A 78 2.09 5.00 -6.94
C CYS A 78 2.20 6.34 -6.20
N PHE A 79 1.78 6.40 -4.93
CA PHE A 79 1.93 7.57 -4.06
C PHE A 79 3.40 7.97 -3.86
N HIS A 80 4.35 7.04 -3.87
CA HIS A 80 5.77 7.40 -3.86
C HIS A 80 6.28 7.82 -5.25
N TYR A 81 6.09 6.99 -6.29
CA TYR A 81 6.66 7.23 -7.63
C TYR A 81 6.10 8.52 -8.31
N SER A 82 4.90 8.95 -7.94
CA SER A 82 4.29 10.19 -8.45
C SER A 82 4.90 11.46 -7.84
N THR A 83 5.65 11.36 -6.73
CA THR A 83 6.18 12.45 -5.87
C THR A 83 5.30 13.72 -5.85
N GLU A 84 4.21 13.68 -5.08
CA GLU A 84 3.39 14.86 -4.75
C GLU A 84 3.47 15.13 -3.24
N GLU A 85 2.47 14.73 -2.45
CA GLU A 85 2.35 15.09 -1.03
C GLU A 85 1.32 14.25 -0.25
N ILE A 86 0.05 14.21 -0.64
CA ILE A 86 -1.03 13.57 0.15
C ILE A 86 -1.29 12.12 -0.28
N LYS A 87 -1.57 11.23 0.68
CA LYS A 87 -1.75 9.79 0.47
C LYS A 87 -2.89 9.47 -0.52
N GLY A 88 -2.52 9.20 -1.77
CA GLY A 88 -3.44 8.89 -2.87
C GLY A 88 -3.73 10.05 -3.83
N SER A 89 -3.03 11.18 -3.76
CA SER A 89 -3.35 12.40 -4.57
C SER A 89 -3.21 12.26 -6.10
N ASP A 90 -2.68 11.15 -6.61
CA ASP A 90 -2.70 10.77 -8.04
C ASP A 90 -3.12 9.31 -8.26
N CYS A 91 -3.49 8.62 -7.16
CA CYS A 91 -3.63 7.15 -7.09
C CYS A 91 -4.87 6.68 -6.34
N VAL A 92 -5.80 7.59 -6.04
CA VAL A 92 -6.95 7.39 -5.14
C VAL A 92 -7.75 6.09 -5.39
N ASP A 93 -7.87 5.68 -6.66
CA ASP A 93 -8.54 4.45 -7.13
C ASP A 93 -8.01 3.17 -6.44
N GLN A 94 -6.72 3.12 -6.09
CA GLN A 94 -6.08 1.94 -5.48
C GLN A 94 -6.24 1.91 -3.95
N PHE A 95 -6.17 3.07 -3.28
CA PHE A 95 -6.53 3.21 -1.86
C PHE A 95 -8.00 2.83 -1.64
N ARG A 96 -8.87 3.27 -2.54
CA ARG A 96 -10.30 2.99 -2.62
C ARG A 96 -10.58 1.48 -2.81
N ALA A 97 -9.93 0.85 -3.81
CA ALA A 97 -9.96 -0.59 -4.04
C ALA A 97 -9.46 -1.39 -2.82
N MET A 98 -8.39 -0.94 -2.15
CA MET A 98 -7.90 -1.51 -0.89
C MET A 98 -8.94 -1.39 0.25
N GLN A 99 -9.69 -0.29 0.31
CA GLN A 99 -10.72 -0.05 1.34
C GLN A 99 -11.95 -0.93 1.14
N GLU A 100 -12.57 -0.95 -0.05
CA GLU A 100 -13.73 -1.82 -0.34
C GLU A 100 -13.38 -3.32 -0.15
N CYS A 101 -12.11 -3.69 -0.34
CA CYS A 101 -11.55 -5.00 0.01
C CYS A 101 -11.42 -5.21 1.53
N MET A 102 -10.73 -4.33 2.26
CA MET A 102 -10.49 -4.50 3.71
C MET A 102 -11.78 -4.51 4.54
N GLN A 103 -12.84 -3.82 4.11
CA GLN A 103 -14.14 -3.92 4.79
C GLN A 103 -14.86 -5.27 4.58
N LYS A 104 -14.48 -6.08 3.57
CA LYS A 104 -14.92 -7.48 3.46
C LYS A 104 -13.99 -8.43 4.25
N TYR A 105 -12.70 -8.12 4.33
CA TYR A 105 -11.67 -9.01 4.92
C TYR A 105 -11.09 -8.43 6.23
N PRO A 106 -11.70 -8.74 7.40
CA PRO A 106 -11.20 -8.31 8.71
C PRO A 106 -10.03 -9.18 9.21
N ASP A 107 -10.23 -10.49 9.41
CA ASP A 107 -9.26 -11.38 10.11
C ASP A 107 -9.45 -12.87 9.71
N LEU A 108 -9.99 -13.12 8.50
CA LEU A 108 -10.19 -14.47 7.92
C LEU A 108 -8.89 -15.23 7.64
N TYR A 109 -7.75 -14.52 7.69
CA TYR A 109 -6.39 -15.03 7.69
C TYR A 109 -5.98 -15.23 9.15
N GLY A 45 14.98 5.20 4.63
CA GLY A 45 14.13 4.92 5.81
C GLY A 45 13.25 3.73 5.50
N LEU A 46 11.98 3.96 5.14
CA LEU A 46 11.08 2.95 4.59
C LEU A 46 11.29 2.68 3.09
N ILE A 47 11.93 3.60 2.37
CA ILE A 47 12.36 3.42 0.97
C ILE A 47 13.69 2.67 0.90
N LEU A 48 13.76 1.64 0.05
CA LEU A 48 14.96 0.85 -0.28
C LEU A 48 15.89 1.63 -1.24
N PRO A 49 17.22 1.38 -1.23
CA PRO A 49 18.18 2.10 -2.06
C PRO A 49 18.02 1.89 -3.57
N ASN A 50 17.10 1.01 -4.02
CA ASN A 50 16.70 0.81 -5.42
C ASN A 50 15.39 1.56 -5.83
N GLY A 51 14.81 2.35 -4.92
CA GLY A 51 13.60 3.19 -5.13
C GLY A 51 12.29 2.57 -4.64
N ASN A 52 12.26 1.26 -4.37
CA ASN A 52 11.08 0.52 -3.92
C ASN A 52 10.78 0.74 -2.42
N ILE A 53 9.67 0.23 -1.89
CA ILE A 53 9.26 0.34 -0.49
C ILE A 53 9.61 -0.95 0.26
N ASN A 54 10.11 -0.84 1.50
CA ASN A 54 10.63 -1.96 2.30
C ASN A 54 9.53 -2.89 2.86
N TRP A 55 9.01 -3.78 2.02
CA TRP A 55 7.93 -4.70 2.33
C TRP A 55 8.28 -5.80 3.36
N ASN A 56 9.51 -5.83 3.89
CA ASN A 56 9.93 -6.79 4.94
C ASN A 56 9.80 -6.24 6.39
N CYS A 57 9.50 -4.94 6.57
CA CYS A 57 9.42 -4.32 7.90
C CYS A 57 8.21 -4.81 8.75
N PRO A 58 8.32 -4.94 10.10
CA PRO A 58 7.34 -5.61 10.98
C PRO A 58 5.99 -4.89 11.23
N CYS A 59 5.60 -3.94 10.38
CA CYS A 59 4.26 -3.31 10.34
C CYS A 59 3.88 -2.95 8.90
N LEU A 60 4.73 -2.15 8.24
CA LEU A 60 4.65 -1.83 6.80
C LEU A 60 4.54 -3.08 5.91
N GLY A 61 5.31 -4.12 6.24
CA GLY A 61 5.30 -5.41 5.56
C GLY A 61 4.15 -6.33 5.96
N GLY A 62 3.46 -6.07 7.08
CA GLY A 62 2.26 -6.80 7.52
C GLY A 62 1.02 -6.27 6.82
N MET A 63 0.90 -4.94 6.74
CA MET A 63 -0.11 -4.23 5.95
C MET A 63 -0.01 -4.53 4.44
N ALA A 64 1.20 -4.78 3.95
CA ALA A 64 1.45 -5.26 2.59
C ALA A 64 1.32 -6.79 2.41
N SER A 65 0.95 -7.54 3.45
CA SER A 65 0.67 -8.98 3.36
C SER A 65 -0.85 -9.27 3.35
N GLY A 66 -1.22 -10.57 3.37
CA GLY A 66 -2.62 -11.00 3.30
C GLY A 66 -3.23 -10.81 1.91
N PRO A 67 -4.56 -10.94 1.77
CA PRO A 67 -5.23 -10.87 0.46
C PRO A 67 -5.14 -9.47 -0.16
N CYS A 68 -5.41 -8.41 0.62
CA CYS A 68 -5.44 -7.03 0.14
C CYS A 68 -4.04 -6.41 -0.10
N GLY A 69 -2.96 -7.15 0.15
CA GLY A 69 -1.59 -6.66 0.15
C GLY A 69 -1.18 -6.00 -1.17
N GLU A 70 -1.56 -6.57 -2.32
CA GLU A 70 -1.31 -5.99 -3.64
C GLU A 70 -1.99 -4.63 -3.86
N GLN A 71 -3.13 -4.36 -3.21
CA GLN A 71 -3.82 -3.07 -3.33
C GLN A 71 -3.05 -2.01 -2.55
N PHE A 72 -2.66 -2.28 -1.30
CA PHE A 72 -1.84 -1.37 -0.50
C PHE A 72 -0.45 -1.15 -1.11
N LYS A 73 0.23 -2.21 -1.59
CA LYS A 73 1.50 -2.08 -2.32
C LYS A 73 1.36 -1.13 -3.51
N SER A 74 0.28 -1.22 -4.29
CA SER A 74 0.05 -0.33 -5.43
C SER A 74 -0.36 1.08 -5.02
N ALA A 75 -1.28 1.24 -4.06
CA ALA A 75 -1.68 2.54 -3.53
C ALA A 75 -0.46 3.36 -3.05
N PHE A 76 0.47 2.71 -2.36
CA PHE A 76 1.62 3.34 -1.75
C PHE A 76 2.82 3.46 -2.72
N SER A 77 3.03 2.51 -3.64
CA SER A 77 4.02 2.69 -4.73
C SER A 77 3.60 3.83 -5.67
N CYS A 78 2.32 3.92 -6.05
CA CYS A 78 1.77 5.00 -6.87
C CYS A 78 1.95 6.36 -6.19
N PHE A 79 1.58 6.48 -4.91
CA PHE A 79 1.80 7.70 -4.12
C PHE A 79 3.29 8.07 -3.98
N HIS A 80 4.20 7.10 -3.89
CA HIS A 80 5.64 7.35 -3.91
C HIS A 80 6.13 7.84 -5.30
N TYR A 81 6.03 7.00 -6.34
CA TYR A 81 6.58 7.24 -7.67
C TYR A 81 5.91 8.41 -8.40
N SER A 82 4.69 8.81 -8.02
CA SER A 82 4.05 10.05 -8.49
C SER A 82 4.71 11.33 -7.97
N THR A 83 5.43 11.27 -6.82
CA THR A 83 6.11 12.38 -6.13
C THR A 83 5.25 13.66 -6.13
N GLU A 84 4.14 13.65 -5.38
CA GLU A 84 3.18 14.76 -5.21
C GLU A 84 3.23 15.31 -3.76
N GLU A 85 2.10 15.33 -3.03
CA GLU A 85 1.97 15.86 -1.67
C GLU A 85 1.08 14.97 -0.77
N ILE A 86 -0.21 14.83 -1.07
CA ILE A 86 -1.20 14.19 -0.18
C ILE A 86 -1.33 12.70 -0.47
N LYS A 87 -1.50 11.88 0.58
CA LYS A 87 -1.63 10.41 0.53
C LYS A 87 -2.63 9.92 -0.55
N GLY A 88 -2.12 9.66 -1.75
CA GLY A 88 -2.87 9.18 -2.91
C GLY A 88 -3.43 10.25 -3.85
N SER A 89 -2.92 11.50 -3.84
CA SER A 89 -3.52 12.65 -4.56
C SER A 89 -3.78 12.47 -6.07
N ASP A 90 -3.12 11.54 -6.76
CA ASP A 90 -3.39 11.18 -8.17
C ASP A 90 -3.39 9.63 -8.36
N CYS A 91 -3.85 8.92 -7.31
CA CYS A 91 -3.81 7.47 -7.14
C CYS A 91 -5.01 6.96 -6.31
N VAL A 92 -6.12 7.70 -6.25
CA VAL A 92 -7.23 7.46 -5.31
C VAL A 92 -7.92 6.12 -5.57
N ASP A 93 -7.99 5.70 -6.84
CA ASP A 93 -8.40 4.37 -7.31
C ASP A 93 -7.91 3.20 -6.41
N GLN A 94 -6.59 3.07 -6.21
CA GLN A 94 -6.04 1.95 -5.44
C GLN A 94 -6.26 2.09 -3.93
N PHE A 95 -6.36 3.31 -3.39
CA PHE A 95 -6.78 3.52 -1.99
C PHE A 95 -8.25 3.14 -1.82
N ARG A 96 -9.09 3.39 -2.83
CA ARG A 96 -10.49 2.97 -2.87
C ARG A 96 -10.57 1.44 -2.91
N ALA A 97 -9.80 0.79 -3.79
CA ALA A 97 -9.71 -0.67 -3.91
C ALA A 97 -9.13 -1.34 -2.66
N MET A 98 -8.11 -0.76 -2.02
CA MET A 98 -7.58 -1.27 -0.74
C MET A 98 -8.68 -1.20 0.32
N GLN A 99 -9.32 -0.03 0.48
CA GLN A 99 -10.35 0.15 1.49
C GLN A 99 -11.58 -0.73 1.21
N GLU A 100 -11.98 -0.92 -0.06
CA GLU A 100 -13.09 -1.83 -0.40
C GLU A 100 -12.73 -3.30 -0.16
N CYS A 101 -11.46 -3.71 -0.35
CA CYS A 101 -10.97 -5.04 0.00
C CYS A 101 -10.99 -5.27 1.53
N MET A 102 -10.68 -4.25 2.34
CA MET A 102 -10.67 -4.39 3.80
C MET A 102 -12.06 -4.40 4.45
N GLN A 103 -13.09 -3.79 3.84
CA GLN A 103 -14.47 -3.96 4.32
C GLN A 103 -15.06 -5.33 3.91
N LYS A 104 -14.44 -6.06 2.96
CA LYS A 104 -14.82 -7.43 2.62
C LYS A 104 -14.21 -8.48 3.56
N TYR A 105 -13.05 -8.22 4.17
CA TYR A 105 -12.24 -9.24 4.87
C TYR A 105 -11.76 -8.81 6.29
N PRO A 106 -12.34 -9.36 7.39
CA PRO A 106 -11.97 -9.04 8.77
C PRO A 106 -10.77 -9.84 9.31
N ASP A 107 -10.85 -11.18 9.38
CA ASP A 107 -9.76 -12.07 9.88
C ASP A 107 -9.97 -13.54 9.47
N LEU A 108 -10.64 -13.77 8.32
CA LEU A 108 -10.96 -15.10 7.77
C LEU A 108 -9.72 -15.88 7.28
N TYR A 109 -8.57 -15.19 7.20
CA TYR A 109 -7.22 -15.73 6.99
C TYR A 109 -6.65 -16.15 8.36
N GLY A 45 15.39 3.67 4.67
CA GLY A 45 14.23 4.09 5.48
C GLY A 45 13.10 3.14 5.18
N LEU A 46 11.84 3.60 5.17
CA LEU A 46 10.74 2.78 4.62
C LEU A 46 10.87 2.59 3.10
N ILE A 47 11.69 3.41 2.44
CA ILE A 47 12.18 3.26 1.06
C ILE A 47 13.60 2.64 1.09
N LEU A 48 13.83 1.67 0.20
CA LEU A 48 15.08 0.94 -0.07
C LEU A 48 16.11 1.80 -0.83
N PRO A 49 17.40 1.41 -0.83
CA PRO A 49 18.45 2.10 -1.60
C PRO A 49 18.36 1.89 -3.13
N ASN A 50 17.36 1.14 -3.63
CA ASN A 50 17.04 1.04 -5.07
C ASN A 50 15.81 1.88 -5.51
N GLY A 51 15.10 2.53 -4.56
CA GLY A 51 13.89 3.34 -4.80
C GLY A 51 12.55 2.62 -4.54
N ASN A 52 12.54 1.29 -4.38
CA ASN A 52 11.36 0.51 -4.01
C ASN A 52 11.06 0.63 -2.49
N ILE A 53 9.96 0.06 -2.01
CA ILE A 53 9.50 0.12 -0.60
C ILE A 53 10.00 -1.11 0.19
N ASN A 54 10.37 -0.94 1.46
CA ASN A 54 10.99 -2.00 2.27
C ASN A 54 9.95 -2.98 2.88
N TRP A 55 9.41 -3.85 2.03
CA TRP A 55 8.30 -4.78 2.29
C TRP A 55 8.56 -5.93 3.30
N ASN A 56 9.65 -5.90 4.06
CA ASN A 56 9.90 -6.82 5.20
C ASN A 56 9.47 -6.23 6.56
N CYS A 57 9.28 -4.90 6.69
CA CYS A 57 8.97 -4.24 7.96
C CYS A 57 7.64 -4.75 8.56
N PRO A 58 7.51 -4.95 9.90
CA PRO A 58 6.33 -5.57 10.49
C PRO A 58 5.04 -4.77 10.27
N CYS A 59 5.13 -3.43 10.21
CA CYS A 59 4.04 -2.54 9.79
C CYS A 59 3.76 -2.66 8.29
N LEU A 60 4.54 -1.96 7.45
CA LEU A 60 4.34 -1.74 6.01
C LEU A 60 4.46 -3.03 5.16
N GLY A 61 5.33 -3.95 5.57
CA GLY A 61 5.52 -5.27 4.95
C GLY A 61 4.46 -6.27 5.40
N GLY A 62 4.01 -6.20 6.66
CA GLY A 62 2.89 -7.00 7.17
C GLY A 62 1.56 -6.57 6.54
N MET A 63 1.33 -5.26 6.43
CA MET A 63 0.19 -4.66 5.72
C MET A 63 0.16 -5.02 4.22
N ALA A 64 1.30 -5.37 3.63
CA ALA A 64 1.41 -5.86 2.24
C ALA A 64 1.26 -7.38 2.10
N SER A 65 0.99 -8.12 3.18
CA SER A 65 0.72 -9.57 3.12
C SER A 65 -0.70 -9.88 2.62
N GLY A 66 -0.98 -11.17 2.38
CA GLY A 66 -2.32 -11.68 2.11
C GLY A 66 -2.97 -11.15 0.82
N PRO A 67 -4.33 -11.12 0.76
CA PRO A 67 -5.07 -10.81 -0.45
C PRO A 67 -5.10 -9.30 -0.76
N CYS A 68 -5.55 -8.44 0.16
CA CYS A 68 -5.58 -6.99 -0.09
C CYS A 68 -4.17 -6.41 -0.31
N GLY A 69 -3.11 -7.13 0.05
CA GLY A 69 -1.71 -6.72 -0.09
C GLY A 69 -1.32 -6.35 -1.52
N GLU A 70 -1.95 -6.92 -2.56
CA GLU A 70 -1.70 -6.49 -3.95
C GLU A 70 -2.19 -5.05 -4.21
N GLN A 71 -3.29 -4.64 -3.58
CA GLN A 71 -3.81 -3.28 -3.68
C GLN A 71 -2.91 -2.33 -2.87
N PHE A 72 -2.51 -2.74 -1.67
CA PHE A 72 -1.60 -1.97 -0.82
C PHE A 72 -0.22 -1.75 -1.47
N LYS A 73 0.33 -2.79 -2.11
CA LYS A 73 1.53 -2.72 -2.97
C LYS A 73 1.36 -1.61 -4.03
N SER A 74 0.32 -1.65 -4.85
CA SER A 74 0.15 -0.70 -5.96
C SER A 74 -0.16 0.72 -5.46
N ALA A 75 -1.09 0.87 -4.50
CA ALA A 75 -1.49 2.14 -3.89
C ALA A 75 -0.31 2.91 -3.26
N PHE A 76 0.47 2.27 -2.37
CA PHE A 76 1.58 2.94 -1.70
C PHE A 76 2.76 3.16 -2.66
N SER A 77 3.04 2.22 -3.58
CA SER A 77 4.01 2.41 -4.65
C SER A 77 3.68 3.63 -5.50
N CYS A 78 2.50 3.69 -6.11
CA CYS A 78 2.02 4.82 -6.91
C CYS A 78 2.09 6.15 -6.13
N PHE A 79 1.67 6.16 -4.86
CA PHE A 79 1.71 7.36 -4.03
C PHE A 79 3.14 7.83 -3.78
N HIS A 80 4.10 6.93 -3.58
CA HIS A 80 5.51 7.36 -3.43
C HIS A 80 6.05 7.90 -4.76
N TYR A 81 5.88 7.15 -5.85
CA TYR A 81 6.47 7.45 -7.15
C TYR A 81 5.88 8.72 -7.80
N SER A 82 4.65 9.11 -7.44
CA SER A 82 4.03 10.35 -7.92
C SER A 82 4.54 11.62 -7.20
N THR A 83 5.19 11.49 -6.03
CA THR A 83 5.76 12.57 -5.17
C THR A 83 4.91 13.84 -5.07
N GLU A 84 3.73 13.71 -4.46
CA GLU A 84 2.73 14.80 -4.32
C GLU A 84 2.67 15.34 -2.88
N GLU A 85 1.56 15.13 -2.17
CA GLU A 85 1.24 15.72 -0.86
C GLU A 85 0.34 14.74 -0.08
N ILE A 86 -0.97 14.77 -0.31
CA ILE A 86 -1.98 13.93 0.34
C ILE A 86 -1.88 12.48 -0.14
N LYS A 87 -2.05 11.52 0.77
CA LYS A 87 -2.04 10.08 0.46
C LYS A 87 -2.98 9.75 -0.73
N GLY A 88 -2.42 9.21 -1.81
CA GLY A 88 -3.19 8.75 -2.97
C GLY A 88 -3.74 9.85 -3.87
N SER A 89 -3.33 11.11 -3.73
CA SER A 89 -3.87 12.25 -4.50
C SER A 89 -3.82 12.10 -6.04
N ASP A 90 -2.99 11.20 -6.56
CA ASP A 90 -2.85 10.89 -7.99
C ASP A 90 -3.21 9.41 -8.34
N CYS A 91 -3.51 8.62 -7.30
CA CYS A 91 -3.65 7.16 -7.32
C CYS A 91 -4.93 6.67 -6.63
N VAL A 92 -5.90 7.57 -6.40
CA VAL A 92 -7.08 7.35 -5.54
C VAL A 92 -7.86 6.06 -5.84
N ASP A 93 -7.95 5.64 -7.11
CA ASP A 93 -8.53 4.38 -7.57
C ASP A 93 -8.04 3.17 -6.76
N GLN A 94 -6.73 3.10 -6.50
CA GLN A 94 -6.07 1.96 -5.86
C GLN A 94 -6.26 1.98 -4.33
N PHE A 95 -6.29 3.18 -3.73
CA PHE A 95 -6.66 3.35 -2.32
C PHE A 95 -8.14 3.00 -2.08
N ARG A 96 -9.02 3.31 -3.03
CA ARG A 96 -10.45 2.98 -2.94
C ARG A 96 -10.68 1.47 -3.17
N ALA A 97 -9.95 0.84 -4.10
CA ALA A 97 -9.89 -0.63 -4.25
C ALA A 97 -9.37 -1.33 -2.97
N MET A 98 -8.36 -0.75 -2.31
CA MET A 98 -7.87 -1.21 -1.01
C MET A 98 -8.95 -1.05 0.08
N GLN A 99 -9.67 0.08 0.14
CA GLN A 99 -10.74 0.26 1.13
C GLN A 99 -11.89 -0.75 0.96
N GLU A 100 -12.40 -1.00 -0.26
CA GLU A 100 -13.49 -1.99 -0.46
C GLU A 100 -13.08 -3.38 0.02
N CYS A 101 -11.81 -3.75 -0.19
CA CYS A 101 -11.22 -5.01 0.26
C CYS A 101 -11.15 -5.07 1.79
N MET A 102 -10.61 -4.03 2.45
CA MET A 102 -10.33 -4.08 3.89
C MET A 102 -11.57 -3.86 4.77
N GLN A 103 -12.64 -3.24 4.25
CA GLN A 103 -13.95 -3.22 4.94
C GLN A 103 -14.74 -4.53 4.75
N LYS A 104 -14.41 -5.35 3.74
CA LYS A 104 -14.94 -6.71 3.59
C LYS A 104 -14.17 -7.73 4.43
N TYR A 105 -12.85 -7.54 4.58
CA TYR A 105 -11.94 -8.51 5.20
C TYR A 105 -11.32 -8.01 6.54
N PRO A 106 -11.97 -8.26 7.70
CA PRO A 106 -11.51 -7.79 9.01
C PRO A 106 -10.33 -8.60 9.58
N ASP A 107 -10.42 -9.94 9.62
CA ASP A 107 -9.46 -10.82 10.33
C ASP A 107 -9.64 -12.33 9.99
N LEU A 108 -10.26 -12.66 8.85
CA LEU A 108 -10.48 -14.06 8.42
C LEU A 108 -9.21 -14.83 8.04
N TYR A 109 -8.05 -14.14 8.03
CA TYR A 109 -6.68 -14.68 7.96
C TYR A 109 -6.17 -14.85 9.41
N GLY A 45 14.65 4.81 6.00
CA GLY A 45 13.36 4.46 6.63
C GLY A 45 12.60 3.41 5.83
N LEU A 46 11.84 3.80 4.79
CA LEU A 46 10.88 2.90 4.11
C LEU A 46 11.13 2.62 2.63
N ILE A 47 12.19 3.15 2.04
CA ILE A 47 12.58 2.95 0.63
C ILE A 47 13.86 2.10 0.57
N LEU A 48 13.92 1.15 -0.37
CA LEU A 48 15.06 0.30 -0.70
C LEU A 48 16.07 1.07 -1.59
N PRO A 49 17.38 0.70 -1.59
CA PRO A 49 18.43 1.38 -2.36
C PRO A 49 18.34 1.24 -3.89
N ASN A 50 17.20 0.82 -4.43
CA ASN A 50 16.87 0.84 -5.87
C ASN A 50 15.64 1.72 -6.22
N GLY A 51 14.87 2.21 -5.23
CA GLY A 51 13.70 3.09 -5.38
C GLY A 51 12.34 2.51 -4.92
N ASN A 52 12.22 1.18 -4.85
CA ASN A 52 11.00 0.49 -4.38
C ASN A 52 10.86 0.51 -2.83
N ILE A 53 9.74 0.07 -2.27
CA ILE A 53 9.39 0.16 -0.83
C ILE A 53 9.87 -1.08 -0.05
N ASN A 54 10.27 -0.87 1.22
CA ASN A 54 10.76 -1.90 2.14
C ASN A 54 9.60 -2.74 2.72
N TRP A 55 9.15 -3.76 1.98
CA TRP A 55 8.03 -4.61 2.41
C TRP A 55 8.38 -5.59 3.55
N ASN A 56 9.66 -5.78 3.91
CA ASN A 56 10.09 -6.59 5.07
C ASN A 56 9.92 -5.86 6.43
N CYS A 57 9.19 -4.75 6.46
CA CYS A 57 8.93 -3.88 7.62
C CYS A 57 8.01 -4.50 8.71
N PRO A 58 7.82 -3.82 9.86
CA PRO A 58 6.79 -4.17 10.84
C PRO A 58 5.40 -3.80 10.29
N CYS A 59 4.83 -2.63 10.65
CA CYS A 59 3.46 -2.23 10.25
C CYS A 59 3.30 -2.19 8.72
N LEU A 60 4.27 -1.59 8.04
CA LEU A 60 4.37 -1.53 6.57
C LEU A 60 4.60 -2.92 5.91
N GLY A 61 5.08 -3.93 6.65
CA GLY A 61 5.14 -5.30 6.13
C GLY A 61 3.79 -6.02 6.23
N GLY A 62 3.10 -5.88 7.37
CA GLY A 62 1.79 -6.51 7.59
C GLY A 62 0.72 -5.93 6.65
N MET A 63 0.70 -4.60 6.47
CA MET A 63 -0.22 -3.94 5.53
C MET A 63 -0.03 -4.36 4.06
N ALA A 64 1.12 -4.95 3.70
CA ALA A 64 1.41 -5.49 2.37
C ALA A 64 1.35 -7.04 2.31
N SER A 65 0.77 -7.67 3.32
CA SER A 65 0.57 -9.13 3.41
C SER A 65 -0.81 -9.59 2.88
N GLY A 66 -0.95 -10.90 2.66
CA GLY A 66 -2.24 -11.54 2.37
C GLY A 66 -2.87 -11.13 1.03
N PRO A 67 -4.20 -11.26 0.87
CA PRO A 67 -4.91 -10.92 -0.35
C PRO A 67 -5.01 -9.40 -0.51
N CYS A 68 -5.53 -8.66 0.48
CA CYS A 68 -5.71 -7.21 0.34
C CYS A 68 -4.40 -6.45 0.13
N GLY A 69 -3.26 -7.02 0.54
CA GLY A 69 -1.94 -6.44 0.40
C GLY A 69 -1.54 -6.09 -1.03
N GLU A 70 -2.14 -6.68 -2.08
CA GLU A 70 -1.90 -6.29 -3.47
C GLU A 70 -2.43 -4.86 -3.78
N GLN A 71 -3.52 -4.46 -3.12
CA GLN A 71 -4.05 -3.09 -3.23
C GLN A 71 -3.14 -2.11 -2.48
N PHE A 72 -2.70 -2.45 -1.26
CA PHE A 72 -1.83 -1.58 -0.47
C PHE A 72 -0.43 -1.44 -1.08
N LYS A 73 0.11 -2.53 -1.64
CA LYS A 73 1.32 -2.54 -2.48
C LYS A 73 1.23 -1.42 -3.53
N SER A 74 0.22 -1.49 -4.40
CA SER A 74 0.02 -0.54 -5.50
C SER A 74 -0.28 0.88 -5.02
N ALA A 75 -1.10 1.05 -3.97
CA ALA A 75 -1.46 2.34 -3.39
C ALA A 75 -0.22 3.13 -2.92
N PHE A 76 0.55 2.55 -1.98
CA PHE A 76 1.72 3.22 -1.42
C PHE A 76 2.84 3.34 -2.46
N SER A 77 3.00 2.35 -3.34
CA SER A 77 3.95 2.39 -4.47
C SER A 77 3.67 3.57 -5.41
N CYS A 78 2.44 3.70 -5.91
CA CYS A 78 2.01 4.80 -6.77
C CYS A 78 2.19 6.15 -6.07
N PHE A 79 1.74 6.26 -4.80
CA PHE A 79 1.88 7.46 -3.99
C PHE A 79 3.34 7.88 -3.88
N HIS A 80 4.24 6.97 -3.54
CA HIS A 80 5.67 7.28 -3.47
C HIS A 80 6.34 7.48 -4.85
N TYR A 81 5.75 7.03 -5.98
CA TYR A 81 6.22 7.35 -7.33
C TYR A 81 5.65 8.68 -7.87
N SER A 82 4.55 9.21 -7.30
CA SER A 82 4.04 10.57 -7.58
C SER A 82 4.66 11.66 -6.68
N THR A 83 4.94 11.36 -5.39
CA THR A 83 5.60 12.20 -4.37
C THR A 83 4.83 13.44 -3.90
N GLU A 84 3.99 14.01 -4.77
CA GLU A 84 3.17 15.23 -4.68
C GLU A 84 3.04 15.97 -3.34
N GLU A 85 2.55 15.32 -2.29
CA GLU A 85 2.11 15.82 -0.97
C GLU A 85 1.10 14.85 -0.34
N ILE A 86 -0.11 14.80 -0.89
CA ILE A 86 -1.26 14.13 -0.23
C ILE A 86 -1.24 12.63 -0.53
N LYS A 87 -1.54 11.81 0.49
CA LYS A 87 -1.73 10.36 0.39
C LYS A 87 -2.62 9.94 -0.82
N GLY A 88 -1.97 9.51 -1.90
CA GLY A 88 -2.62 8.99 -3.11
C GLY A 88 -3.25 10.03 -4.02
N SER A 89 -2.81 11.29 -4.02
CA SER A 89 -3.41 12.42 -4.80
C SER A 89 -3.72 12.15 -6.28
N ASP A 90 -2.94 11.29 -6.93
CA ASP A 90 -3.08 10.86 -8.33
C ASP A 90 -3.47 9.37 -8.43
N CYS A 91 -3.51 8.67 -7.29
CA CYS A 91 -3.58 7.21 -7.13
C CYS A 91 -4.84 6.72 -6.39
N VAL A 92 -5.81 7.61 -6.15
CA VAL A 92 -7.00 7.41 -5.29
C VAL A 92 -7.73 6.10 -5.55
N ASP A 93 -7.77 5.66 -6.81
CA ASP A 93 -8.20 4.34 -7.29
C ASP A 93 -7.73 3.19 -6.36
N GLN A 94 -6.41 2.98 -6.28
CA GLN A 94 -5.78 1.95 -5.46
C GLN A 94 -6.12 2.09 -3.95
N PHE A 95 -6.12 3.32 -3.41
CA PHE A 95 -6.43 3.57 -2.00
C PHE A 95 -7.89 3.23 -1.66
N ARG A 96 -8.81 3.43 -2.61
CA ARG A 96 -10.22 3.06 -2.48
C ARG A 96 -10.42 1.56 -2.66
N ALA A 97 -9.73 0.94 -3.63
CA ALA A 97 -9.70 -0.51 -3.86
C ALA A 97 -9.21 -1.27 -2.62
N MET A 98 -8.20 -0.73 -1.93
CA MET A 98 -7.77 -1.23 -0.61
C MET A 98 -8.90 -1.21 0.43
N GLN A 99 -9.73 -0.16 0.49
CA GLN A 99 -10.84 -0.14 1.45
C GLN A 99 -11.95 -1.13 1.08
N GLU A 100 -12.34 -1.28 -0.19
CA GLU A 100 -13.39 -2.27 -0.52
C GLU A 100 -12.95 -3.71 -0.20
N CYS A 101 -11.66 -4.04 -0.33
CA CYS A 101 -11.11 -5.31 0.16
C CYS A 101 -11.25 -5.48 1.68
N MET A 102 -10.98 -4.44 2.47
CA MET A 102 -11.03 -4.52 3.95
C MET A 102 -12.44 -4.52 4.56
N GLN A 103 -13.50 -4.24 3.78
CA GLN A 103 -14.90 -4.49 4.20
C GLN A 103 -15.36 -5.90 3.77
N LYS A 104 -14.75 -6.50 2.74
CA LYS A 104 -14.96 -7.90 2.35
C LYS A 104 -14.22 -8.88 3.28
N TYR A 105 -12.98 -8.53 3.67
CA TYR A 105 -12.13 -9.33 4.55
C TYR A 105 -11.63 -8.53 5.77
N PRO A 106 -12.07 -8.87 7.01
CA PRO A 106 -11.57 -8.25 8.24
C PRO A 106 -10.36 -8.99 8.83
N ASP A 107 -10.51 -10.29 9.14
CA ASP A 107 -9.54 -11.08 9.93
C ASP A 107 -9.85 -12.60 9.89
N LEU A 108 -9.92 -13.15 8.67
CA LEU A 108 -10.01 -14.60 8.39
C LEU A 108 -8.71 -15.19 7.80
N TYR A 109 -7.74 -14.32 7.52
CA TYR A 109 -6.37 -14.60 7.04
C TYR A 109 -5.35 -14.53 8.20
N GLY A 45 14.36 6.20 5.40
CA GLY A 45 13.98 4.78 5.58
C GLY A 45 12.68 4.45 4.87
N LEU A 46 12.21 3.20 4.97
CA LEU A 46 11.01 2.62 4.34
C LEU A 46 11.18 2.37 2.84
N ILE A 47 11.83 3.29 2.14
CA ILE A 47 12.30 3.15 0.76
C ILE A 47 13.67 2.47 0.74
N LEU A 48 13.87 1.52 -0.17
CA LEU A 48 15.11 0.77 -0.40
C LEU A 48 16.16 1.63 -1.14
N PRO A 49 17.45 1.24 -1.16
CA PRO A 49 18.47 1.93 -1.97
C PRO A 49 18.24 1.84 -3.50
N ASN A 50 17.25 1.06 -3.97
CA ASN A 50 16.81 0.96 -5.36
C ASN A 50 15.43 1.61 -5.65
N GLY A 51 14.83 2.31 -4.67
CA GLY A 51 13.63 3.15 -4.88
C GLY A 51 12.26 2.51 -4.62
N ASN A 52 12.16 1.17 -4.53
CA ASN A 52 10.93 0.47 -4.11
C ASN A 52 10.76 0.47 -2.57
N ILE A 53 9.64 0.01 -2.02
CA ILE A 53 9.35 -0.03 -0.57
C ILE A 53 9.86 -1.33 0.07
N ASN A 54 10.43 -1.25 1.27
CA ASN A 54 10.87 -2.39 2.06
C ASN A 54 9.69 -3.13 2.69
N TRP A 55 9.14 -4.11 1.96
CA TRP A 55 8.04 -4.97 2.40
C TRP A 55 8.40 -5.99 3.54
N ASN A 56 9.47 -5.72 4.29
CA ASN A 56 9.89 -6.44 5.50
C ASN A 56 9.93 -5.58 6.79
N CYS A 57 9.56 -4.29 6.76
CA CYS A 57 9.37 -3.47 7.97
C CYS A 57 8.28 -4.09 8.89
N PRO A 58 8.44 -4.11 10.24
CA PRO A 58 7.55 -4.82 11.17
C PRO A 58 6.25 -4.05 11.47
N CYS A 59 5.54 -3.66 10.40
CA CYS A 59 4.22 -3.00 10.37
C CYS A 59 3.82 -2.83 8.89
N LEU A 60 4.52 -1.93 8.18
CA LEU A 60 4.35 -1.68 6.74
C LEU A 60 4.53 -2.93 5.85
N GLY A 61 5.33 -3.92 6.26
CA GLY A 61 5.52 -5.18 5.50
C GLY A 61 4.34 -6.14 5.65
N GLY A 62 3.64 -6.12 6.79
CA GLY A 62 2.44 -6.94 7.02
C GLY A 62 1.22 -6.37 6.31
N MET A 63 1.11 -5.04 6.26
CA MET A 63 0.07 -4.33 5.48
C MET A 63 0.08 -4.70 3.99
N ALA A 64 1.25 -5.02 3.45
CA ALA A 64 1.45 -5.40 2.05
C ALA A 64 1.34 -6.92 1.80
N SER A 65 0.92 -7.72 2.77
CA SER A 65 0.87 -9.19 2.68
C SER A 65 -0.57 -9.74 2.55
N GLY A 66 -0.71 -11.02 2.20
CA GLY A 66 -2.02 -11.66 2.03
C GLY A 66 -2.79 -11.17 0.78
N PRO A 67 -4.13 -11.33 0.75
CA PRO A 67 -4.96 -11.07 -0.43
C PRO A 67 -5.06 -9.57 -0.72
N CYS A 68 -5.75 -8.78 0.11
CA CYS A 68 -5.87 -7.33 -0.10
C CYS A 68 -4.53 -6.59 -0.15
N GLY A 69 -3.42 -7.20 0.33
CA GLY A 69 -2.08 -6.63 0.30
C GLY A 69 -1.64 -6.17 -1.09
N GLU A 70 -2.07 -6.81 -2.18
CA GLU A 70 -1.72 -6.37 -3.55
C GLU A 70 -2.37 -5.04 -3.98
N GLN A 71 -3.39 -4.55 -3.23
CA GLN A 71 -3.96 -3.21 -3.42
C GLN A 71 -3.12 -2.18 -2.66
N PHE A 72 -2.73 -2.49 -1.42
CA PHE A 72 -1.84 -1.65 -0.61
C PHE A 72 -0.45 -1.47 -1.24
N LYS A 73 0.13 -2.53 -1.82
CA LYS A 73 1.39 -2.44 -2.60
C LYS A 73 1.33 -1.30 -3.63
N SER A 74 0.31 -1.31 -4.51
CA SER A 74 0.17 -0.36 -5.62
C SER A 74 -0.26 1.03 -5.14
N ALA A 75 -1.21 1.11 -4.21
CA ALA A 75 -1.60 2.36 -3.55
C ALA A 75 -0.38 3.14 -3.01
N PHE A 76 0.47 2.47 -2.22
CA PHE A 76 1.63 3.08 -1.59
C PHE A 76 2.79 3.28 -2.57
N SER A 77 3.10 2.34 -3.47
CA SER A 77 4.16 2.55 -4.46
C SER A 77 3.82 3.69 -5.44
N CYS A 78 2.60 3.73 -5.98
CA CYS A 78 2.11 4.83 -6.80
C CYS A 78 2.24 6.17 -6.07
N PHE A 79 1.76 6.26 -4.82
CA PHE A 79 1.88 7.50 -4.03
C PHE A 79 3.34 7.95 -3.88
N HIS A 80 4.23 7.03 -3.53
CA HIS A 80 5.66 7.33 -3.39
C HIS A 80 6.39 7.58 -4.72
N TYR A 81 5.83 7.20 -5.88
CA TYR A 81 6.39 7.53 -7.20
C TYR A 81 5.78 8.83 -7.76
N SER A 82 4.54 9.16 -7.40
CA SER A 82 3.80 10.37 -7.84
C SER A 82 4.28 11.65 -7.10
N THR A 83 4.74 11.50 -5.84
CA THR A 83 5.42 12.50 -4.99
C THR A 83 4.68 13.82 -4.72
N GLU A 84 3.46 14.02 -5.23
CA GLU A 84 2.74 15.31 -5.15
C GLU A 84 2.47 15.87 -3.74
N GLU A 85 2.20 15.04 -2.71
CA GLU A 85 2.11 15.35 -1.24
C GLU A 85 1.16 14.43 -0.46
N ILE A 86 -0.15 14.49 -0.75
CA ILE A 86 -1.18 13.84 0.08
C ILE A 86 -1.26 12.33 -0.22
N LYS A 87 -1.33 11.48 0.83
CA LYS A 87 -1.41 10.03 0.69
C LYS A 87 -2.45 9.60 -0.36
N GLY A 88 -1.99 9.15 -1.54
CA GLY A 88 -2.81 8.66 -2.65
C GLY A 88 -3.41 9.70 -3.59
N SER A 89 -3.04 10.98 -3.49
CA SER A 89 -3.67 12.13 -4.17
C SER A 89 -4.01 11.97 -5.66
N ASP A 90 -3.15 11.27 -6.40
CA ASP A 90 -3.19 11.11 -7.87
C ASP A 90 -3.43 9.64 -8.32
N CYS A 91 -3.59 8.74 -7.33
CA CYS A 91 -3.64 7.27 -7.43
C CYS A 91 -4.89 6.71 -6.70
N VAL A 92 -5.90 7.56 -6.50
CA VAL A 92 -7.05 7.38 -5.58
C VAL A 92 -7.77 6.04 -5.73
N ASP A 93 -7.91 5.52 -6.95
CA ASP A 93 -8.62 4.26 -7.22
C ASP A 93 -8.04 3.10 -6.39
N GLN A 94 -6.71 2.96 -6.35
CA GLN A 94 -6.02 1.88 -5.64
C GLN A 94 -6.29 1.92 -4.12
N PHE A 95 -6.39 3.11 -3.50
CA PHE A 95 -6.77 3.27 -2.10
C PHE A 95 -8.24 2.93 -1.85
N ARG A 96 -9.12 3.25 -2.81
CA ARG A 96 -10.54 2.88 -2.79
C ARG A 96 -10.69 1.34 -2.88
N ALA A 97 -9.95 0.72 -3.80
CA ALA A 97 -9.83 -0.73 -3.97
C ALA A 97 -9.29 -1.44 -2.71
N MET A 98 -8.29 -0.87 -2.05
CA MET A 98 -7.83 -1.32 -0.73
C MET A 98 -8.96 -1.23 0.32
N GLN A 99 -9.71 -0.12 0.36
CA GLN A 99 -10.83 0.09 1.29
C GLN A 99 -12.00 -0.90 1.05
N GLU A 100 -12.48 -1.08 -0.19
CA GLU A 100 -13.58 -1.99 -0.52
C GLU A 100 -13.22 -3.48 -0.30
N CYS A 101 -11.95 -3.85 -0.47
CA CYS A 101 -11.42 -5.18 -0.15
C CYS A 101 -11.40 -5.40 1.36
N MET A 102 -10.76 -4.49 2.11
CA MET A 102 -10.57 -4.65 3.56
C MET A 102 -11.85 -4.53 4.39
N GLN A 103 -12.91 -3.87 3.88
CA GLN A 103 -14.22 -3.88 4.54
C GLN A 103 -14.97 -5.21 4.35
N LYS A 104 -14.81 -5.93 3.21
CA LYS A 104 -15.32 -7.31 3.12
C LYS A 104 -14.42 -8.30 3.87
N TYR A 105 -13.11 -8.07 3.90
CA TYR A 105 -12.08 -8.92 4.50
C TYR A 105 -11.44 -8.27 5.75
N PRO A 106 -12.11 -8.27 6.93
CA PRO A 106 -11.62 -7.60 8.14
C PRO A 106 -10.69 -8.45 9.04
N ASP A 107 -10.80 -9.78 9.06
CA ASP A 107 -10.00 -10.63 9.98
C ASP A 107 -10.03 -12.17 9.68
N LEU A 108 -10.31 -12.60 8.45
CA LEU A 108 -10.36 -14.04 8.09
C LEU A 108 -8.96 -14.68 7.90
N TYR A 109 -7.90 -13.89 8.06
CA TYR A 109 -6.48 -14.23 7.95
C TYR A 109 -5.75 -14.25 9.32
N GLY A 45 14.54 5.45 5.81
CA GLY A 45 13.11 5.38 6.15
C GLY A 45 12.56 4.08 5.62
N LEU A 46 11.31 4.09 5.12
CA LEU A 46 10.57 2.90 4.66
C LEU A 46 10.79 2.52 3.18
N ILE A 47 11.66 3.24 2.48
CA ILE A 47 11.96 3.06 1.05
C ILE A 47 13.40 2.53 0.90
N LEU A 48 13.61 1.55 0.02
CA LEU A 48 14.93 0.99 -0.31
C LEU A 48 15.83 2.01 -1.07
N PRO A 49 17.16 1.79 -1.10
CA PRO A 49 18.08 2.54 -1.96
C PRO A 49 17.83 2.26 -3.45
N ASN A 50 17.24 1.11 -3.82
CA ASN A 50 16.75 0.83 -5.18
C ASN A 50 15.33 1.38 -5.42
N GLY A 51 14.90 2.39 -4.65
CA GLY A 51 13.69 3.20 -4.86
C GLY A 51 12.38 2.52 -4.46
N ASN A 52 12.29 1.19 -4.52
CA ASN A 52 11.05 0.47 -4.20
C ASN A 52 10.78 0.42 -2.68
N ILE A 53 9.56 0.08 -2.30
CA ILE A 53 9.12 0.07 -0.90
C ILE A 53 9.48 -1.27 -0.23
N ASN A 54 9.93 -1.16 1.02
CA ASN A 54 10.55 -2.23 1.78
C ASN A 54 9.52 -3.17 2.45
N TRP A 55 8.90 -4.09 1.69
CA TRP A 55 7.84 -5.01 2.16
C TRP A 55 8.22 -6.06 3.25
N ASN A 56 9.26 -5.80 4.04
CA ASN A 56 9.67 -6.57 5.24
C ASN A 56 9.70 -5.75 6.53
N CYS A 57 9.37 -4.44 6.49
CA CYS A 57 9.20 -3.62 7.70
C CYS A 57 8.04 -4.14 8.58
N PRO A 58 8.22 -4.35 9.90
CA PRO A 58 7.13 -4.77 10.80
C PRO A 58 6.08 -3.66 10.87
N CYS A 59 4.85 -4.00 10.45
CA CYS A 59 3.68 -3.17 10.14
C CYS A 59 3.50 -3.18 8.61
N LEU A 60 4.12 -2.23 7.89
CA LEU A 60 3.98 -1.98 6.44
C LEU A 60 4.13 -3.23 5.56
N GLY A 61 5.05 -4.14 5.88
CA GLY A 61 5.30 -5.39 5.16
C GLY A 61 4.26 -6.48 5.43
N GLY A 62 3.63 -6.45 6.62
CA GLY A 62 2.46 -7.27 6.94
C GLY A 62 1.20 -6.68 6.31
N MET A 63 1.10 -5.35 6.24
CA MET A 63 0.04 -4.67 5.47
C MET A 63 0.15 -4.94 3.95
N ALA A 64 1.34 -5.23 3.43
CA ALA A 64 1.55 -5.72 2.06
C ALA A 64 1.29 -7.24 1.89
N SER A 65 0.85 -7.96 2.92
CA SER A 65 0.60 -9.41 2.90
C SER A 65 -0.88 -9.76 2.60
N GLY A 66 -1.22 -11.06 2.61
CA GLY A 66 -2.59 -11.55 2.46
C GLY A 66 -3.17 -11.32 1.06
N PRO A 67 -4.52 -11.27 0.91
CA PRO A 67 -5.18 -10.99 -0.36
C PRO A 67 -5.09 -9.50 -0.70
N CYS A 68 -5.33 -8.61 0.27
CA CYS A 68 -5.39 -7.16 0.03
C CYS A 68 -4.03 -6.52 -0.24
N GLY A 69 -2.94 -7.24 0.05
CA GLY A 69 -1.57 -6.76 -0.09
C GLY A 69 -1.22 -6.26 -1.49
N GLU A 70 -1.83 -6.79 -2.56
CA GLU A 70 -1.59 -6.29 -3.93
C GLU A 70 -2.10 -4.84 -4.13
N GLN A 71 -3.24 -4.53 -3.50
CA GLN A 71 -3.89 -3.23 -3.62
C GLN A 71 -3.15 -2.19 -2.78
N PHE A 72 -2.76 -2.60 -1.56
CA PHE A 72 -1.99 -1.78 -0.63
C PHE A 72 -0.59 -1.44 -1.18
N LYS A 73 0.13 -2.44 -1.70
CA LYS A 73 1.43 -2.25 -2.37
C LYS A 73 1.34 -1.24 -3.52
N SER A 74 0.28 -1.33 -4.33
CA SER A 74 0.08 -0.44 -5.48
C SER A 74 -0.20 1.00 -5.03
N ALA A 75 -1.12 1.20 -4.06
CA ALA A 75 -1.45 2.49 -3.45
C ALA A 75 -0.20 3.24 -2.93
N PHE A 76 0.56 2.60 -2.05
CA PHE A 76 1.78 3.18 -1.48
C PHE A 76 2.84 3.49 -2.56
N SER A 77 3.10 2.58 -3.49
CA SER A 77 4.12 2.79 -4.53
C SER A 77 3.73 3.92 -5.49
N CYS A 78 2.48 3.92 -5.96
CA CYS A 78 1.94 4.98 -6.82
C CYS A 78 2.01 6.36 -6.16
N PHE A 79 1.68 6.46 -4.87
CA PHE A 79 1.89 7.67 -4.09
C PHE A 79 3.38 8.05 -3.98
N HIS A 80 4.26 7.15 -3.54
CA HIS A 80 5.69 7.46 -3.42
C HIS A 80 6.44 7.74 -4.74
N TYR A 81 5.92 7.32 -5.90
CA TYR A 81 6.48 7.63 -7.22
C TYR A 81 5.86 8.89 -7.85
N SER A 82 4.58 9.16 -7.60
CA SER A 82 3.94 10.44 -7.93
C SER A 82 4.56 11.59 -7.10
N THR A 83 4.93 11.33 -5.83
CA THR A 83 5.58 12.21 -4.83
C THR A 83 4.76 13.41 -4.35
N GLU A 84 3.72 13.79 -5.10
CA GLU A 84 2.92 15.01 -5.01
C GLU A 84 2.87 15.74 -3.65
N GLU A 85 2.27 15.14 -2.61
CA GLU A 85 2.04 15.70 -1.26
C GLU A 85 1.12 14.81 -0.42
N ILE A 86 -0.13 14.61 -0.86
CA ILE A 86 -1.20 13.94 -0.10
C ILE A 86 -1.33 12.47 -0.51
N LYS A 87 -1.61 11.60 0.46
CA LYS A 87 -1.80 10.17 0.26
C LYS A 87 -2.78 9.87 -0.88
N GLY A 88 -2.25 9.39 -2.00
CA GLY A 88 -3.03 8.89 -3.13
C GLY A 88 -3.61 9.95 -4.07
N SER A 89 -3.13 11.18 -4.07
CA SER A 89 -3.74 12.26 -4.90
C SER A 89 -3.85 11.94 -6.40
N ASP A 90 -2.89 11.22 -6.99
CA ASP A 90 -2.92 10.77 -8.40
C ASP A 90 -3.40 9.32 -8.57
N CYS A 91 -3.61 8.65 -7.44
CA CYS A 91 -3.77 7.19 -7.30
C CYS A 91 -5.01 6.77 -6.51
N VAL A 92 -6.00 7.64 -6.36
CA VAL A 92 -7.16 7.50 -5.45
C VAL A 92 -7.89 6.15 -5.57
N ASP A 93 -7.91 5.56 -6.77
CA ASP A 93 -8.51 4.26 -7.04
C ASP A 93 -7.77 3.08 -6.41
N GLN A 94 -6.45 3.15 -6.21
CA GLN A 94 -5.71 2.11 -5.49
C GLN A 94 -6.01 2.17 -3.99
N PHE A 95 -6.07 3.38 -3.40
CA PHE A 95 -6.48 3.59 -2.01
C PHE A 95 -7.93 3.16 -1.78
N ARG A 96 -8.82 3.45 -2.75
CA ARG A 96 -10.24 3.04 -2.76
C ARG A 96 -10.40 1.52 -2.87
N ALA A 97 -9.60 0.86 -3.71
CA ALA A 97 -9.53 -0.60 -3.79
C ALA A 97 -9.04 -1.23 -2.48
N MET A 98 -7.89 -0.79 -1.94
CA MET A 98 -7.37 -1.37 -0.67
C MET A 98 -8.28 -1.12 0.53
N GLN A 99 -9.07 -0.03 0.52
CA GLN A 99 -10.10 0.21 1.53
C GLN A 99 -11.25 -0.82 1.44
N GLU A 100 -11.88 -0.99 0.27
CA GLU A 100 -12.99 -1.95 0.18
C GLU A 100 -12.52 -3.40 0.33
N CYS A 101 -11.29 -3.73 -0.07
CA CYS A 101 -10.70 -5.03 0.23
C CYS A 101 -10.65 -5.28 1.75
N MET A 102 -10.24 -4.30 2.54
CA MET A 102 -10.24 -4.44 4.00
C MET A 102 -11.64 -4.38 4.64
N GLN A 103 -12.67 -3.87 3.93
CA GLN A 103 -14.06 -3.99 4.39
C GLN A 103 -14.73 -5.32 3.96
N LYS A 104 -14.23 -5.97 2.91
CA LYS A 104 -14.64 -7.31 2.47
C LYS A 104 -13.99 -8.44 3.29
N TYR A 105 -12.88 -8.17 4.00
CA TYR A 105 -12.14 -9.17 4.78
C TYR A 105 -11.63 -8.59 6.12
N PRO A 106 -12.35 -8.76 7.26
CA PRO A 106 -12.01 -8.11 8.53
C PRO A 106 -11.01 -8.85 9.44
N ASP A 107 -11.02 -10.20 9.49
CA ASP A 107 -10.26 -10.97 10.52
C ASP A 107 -10.01 -12.47 10.19
N LEU A 108 -10.75 -13.05 9.23
CA LEU A 108 -10.73 -14.46 8.80
C LEU A 108 -9.39 -15.05 8.30
N TYR A 109 -8.36 -14.21 8.26
CA TYR A 109 -6.95 -14.55 8.07
C TYR A 109 -6.35 -14.81 9.45
N GLY A 45 14.16 4.25 8.30
CA GLY A 45 14.19 3.62 6.96
C GLY A 45 12.78 3.23 6.55
N LEU A 46 12.54 3.08 5.25
CA LEU A 46 11.19 2.93 4.66
C LEU A 46 11.23 2.47 3.20
N ILE A 47 12.19 3.01 2.43
CA ILE A 47 12.44 2.76 1.00
C ILE A 47 13.81 2.08 0.88
N LEU A 48 13.93 1.11 -0.04
CA LEU A 48 15.15 0.34 -0.31
C LEU A 48 16.18 1.16 -1.11
N PRO A 49 17.48 0.78 -1.12
CA PRO A 49 18.54 1.47 -1.87
C PRO A 49 18.45 1.33 -3.40
N ASN A 50 17.31 0.86 -3.93
CA ASN A 50 16.96 0.81 -5.35
C ASN A 50 15.61 1.51 -5.68
N GLY A 51 14.93 2.12 -4.69
CA GLY A 51 13.72 2.93 -4.87
C GLY A 51 12.38 2.23 -4.57
N ASN A 52 12.35 0.89 -4.52
CA ASN A 52 11.15 0.16 -4.07
C ASN A 52 10.87 0.39 -2.57
N ILE A 53 9.64 0.22 -2.11
CA ILE A 53 9.28 0.28 -0.69
C ILE A 53 9.76 -0.99 0.05
N ASN A 54 10.37 -0.80 1.22
CA ASN A 54 10.84 -1.92 2.05
C ASN A 54 9.65 -2.69 2.61
N TRP A 55 9.16 -3.70 1.90
CA TRP A 55 8.03 -4.54 2.32
C TRP A 55 8.30 -5.47 3.53
N ASN A 56 9.45 -5.33 4.22
CA ASN A 56 9.83 -6.10 5.42
C ASN A 56 9.46 -5.42 6.75
N CYS A 57 9.08 -4.12 6.76
CA CYS A 57 8.64 -3.41 7.98
C CYS A 57 7.33 -4.04 8.51
N PRO A 58 7.18 -4.31 9.82
CA PRO A 58 6.09 -5.13 10.37
C PRO A 58 4.70 -4.60 10.00
N CYS A 59 4.42 -3.32 10.24
CA CYS A 59 3.13 -2.71 9.91
C CYS A 59 2.94 -2.58 8.40
N LEU A 60 3.82 -1.83 7.72
CA LEU A 60 3.72 -1.50 6.29
C LEU A 60 3.75 -2.74 5.39
N GLY A 61 4.57 -3.75 5.72
CA GLY A 61 4.80 -4.96 4.92
C GLY A 61 3.73 -6.03 5.14
N GLY A 62 3.30 -6.19 6.39
CA GLY A 62 2.17 -7.05 6.76
C GLY A 62 0.86 -6.53 6.14
N MET A 63 0.60 -5.22 6.21
CA MET A 63 -0.55 -4.58 5.56
C MET A 63 -0.47 -4.58 4.02
N ALA A 64 0.73 -4.75 3.44
CA ALA A 64 0.97 -4.98 2.02
C ALA A 64 1.04 -6.48 1.64
N SER A 65 0.46 -7.36 2.47
CA SER A 65 0.46 -8.81 2.27
C SER A 65 -0.93 -9.43 2.60
N GLY A 66 -1.08 -10.75 2.44
CA GLY A 66 -2.38 -11.41 2.49
C GLY A 66 -3.27 -11.07 1.28
N PRO A 67 -4.60 -11.29 1.39
CA PRO A 67 -5.51 -11.19 0.25
C PRO A 67 -5.78 -9.75 -0.23
N CYS A 68 -5.45 -8.71 0.56
CA CYS A 68 -5.49 -7.31 0.10
C CYS A 68 -4.09 -6.72 -0.13
N GLY A 69 -3.05 -7.56 -0.15
CA GLY A 69 -1.65 -7.14 -0.20
C GLY A 69 -1.34 -6.36 -1.48
N GLU A 70 -1.60 -6.95 -2.64
CA GLU A 70 -1.42 -6.34 -3.97
C GLU A 70 -2.07 -4.95 -4.11
N GLN A 71 -3.16 -4.67 -3.38
CA GLN A 71 -3.86 -3.37 -3.44
C GLN A 71 -3.08 -2.30 -2.67
N PHE A 72 -2.56 -2.62 -1.47
CA PHE A 72 -1.73 -1.66 -0.73
C PHE A 72 -0.32 -1.55 -1.33
N LYS A 73 0.21 -2.63 -1.92
CA LYS A 73 1.43 -2.61 -2.73
C LYS A 73 1.30 -1.58 -3.87
N SER A 74 0.14 -1.54 -4.54
CA SER A 74 -0.15 -0.62 -5.64
C SER A 74 -0.49 0.81 -5.17
N ALA A 75 -1.15 0.96 -4.02
CA ALA A 75 -1.48 2.27 -3.44
C ALA A 75 -0.23 3.02 -2.97
N PHE A 76 0.58 2.36 -2.13
CA PHE A 76 1.74 2.99 -1.49
C PHE A 76 2.89 3.21 -2.49
N SER A 77 3.07 2.34 -3.50
CA SER A 77 3.99 2.62 -4.61
C SER A 77 3.52 3.82 -5.43
N CYS A 78 2.28 3.84 -5.92
CA CYS A 78 1.74 4.97 -6.69
C CYS A 78 1.90 6.31 -5.94
N PHE A 79 1.60 6.36 -4.63
CA PHE A 79 1.85 7.58 -3.84
C PHE A 79 3.35 7.93 -3.76
N HIS A 80 4.22 6.96 -3.49
CA HIS A 80 5.68 7.18 -3.40
C HIS A 80 6.32 7.60 -4.73
N TYR A 81 5.76 7.19 -5.87
CA TYR A 81 6.29 7.47 -7.21
C TYR A 81 5.66 8.75 -7.79
N SER A 82 4.40 9.06 -7.43
CA SER A 82 3.77 10.35 -7.75
C SER A 82 4.45 11.55 -7.05
N THR A 83 4.90 11.36 -5.79
CA THR A 83 5.72 12.30 -4.97
C THR A 83 5.06 13.63 -4.60
N GLU A 84 3.90 13.95 -5.18
CA GLU A 84 3.21 15.25 -5.09
C GLU A 84 3.07 15.80 -3.65
N GLU A 85 2.09 15.37 -2.84
CA GLU A 85 1.78 15.99 -1.55
C GLU A 85 0.81 15.20 -0.65
N ILE A 86 -0.40 14.91 -1.11
CA ILE A 86 -1.46 14.30 -0.28
C ILE A 86 -1.47 12.78 -0.44
N LYS A 87 -1.59 12.05 0.68
CA LYS A 87 -1.60 10.57 0.72
C LYS A 87 -2.60 9.97 -0.31
N GLY A 88 -2.09 9.55 -1.47
CA GLY A 88 -2.84 8.97 -2.59
C GLY A 88 -3.17 9.89 -3.77
N SER A 89 -2.69 11.14 -3.81
CA SER A 89 -2.88 12.17 -4.86
C SER A 89 -3.61 11.76 -6.18
N ASP A 90 -2.91 11.65 -7.33
CA ASP A 90 -3.46 11.15 -8.61
C ASP A 90 -3.80 9.63 -8.59
N CYS A 91 -3.64 8.98 -7.43
CA CYS A 91 -3.71 7.52 -7.19
C CYS A 91 -4.95 7.05 -6.40
N VAL A 92 -5.90 7.95 -6.15
CA VAL A 92 -7.10 7.76 -5.30
C VAL A 92 -7.86 6.43 -5.52
N ASP A 93 -7.85 5.90 -6.75
CA ASP A 93 -8.51 4.65 -7.13
C ASP A 93 -7.91 3.42 -6.44
N GLN A 94 -6.60 3.44 -6.16
CA GLN A 94 -5.89 2.34 -5.50
C GLN A 94 -6.15 2.34 -3.98
N PHE A 95 -6.23 3.51 -3.34
CA PHE A 95 -6.60 3.62 -1.93
C PHE A 95 -8.06 3.20 -1.72
N ARG A 96 -8.93 3.56 -2.67
CA ARG A 96 -10.33 3.12 -2.76
C ARG A 96 -10.45 1.60 -2.93
N ALA A 97 -9.67 0.99 -3.84
CA ALA A 97 -9.60 -0.47 -4.04
C ALA A 97 -9.05 -1.21 -2.79
N MET A 98 -8.04 -0.65 -2.14
CA MET A 98 -7.52 -1.17 -0.87
C MET A 98 -8.59 -1.11 0.23
N GLN A 99 -9.32 0.00 0.37
CA GLN A 99 -10.30 0.23 1.43
C GLN A 99 -11.58 -0.61 1.28
N GLU A 100 -12.06 -0.84 0.04
CA GLU A 100 -13.14 -1.81 -0.19
C GLU A 100 -12.67 -3.24 0.11
N CYS A 101 -11.47 -3.62 -0.34
CA CYS A 101 -10.92 -4.95 -0.04
C CYS A 101 -10.87 -5.23 1.48
N MET A 102 -10.30 -4.31 2.28
CA MET A 102 -9.98 -4.53 3.70
C MET A 102 -11.19 -4.64 4.64
N GLN A 103 -12.43 -4.42 4.16
CA GLN A 103 -13.64 -4.76 4.92
C GLN A 103 -14.28 -6.10 4.51
N LYS A 104 -14.10 -6.60 3.27
CA LYS A 104 -14.55 -7.97 2.92
C LYS A 104 -13.73 -9.07 3.60
N TYR A 105 -12.52 -8.77 4.05
CA TYR A 105 -11.63 -9.70 4.77
C TYR A 105 -11.13 -9.05 6.09
N PRO A 106 -11.89 -9.15 7.20
CA PRO A 106 -11.62 -8.38 8.43
C PRO A 106 -10.58 -9.03 9.36
N ASP A 107 -10.61 -10.35 9.56
CA ASP A 107 -9.70 -11.06 10.51
C ASP A 107 -9.65 -12.60 10.30
N LEU A 108 -10.18 -13.14 9.19
CA LEU A 108 -10.19 -14.60 8.95
C LEU A 108 -8.80 -15.22 8.62
N TYR A 109 -7.81 -14.38 8.32
CA TYR A 109 -6.41 -14.69 8.00
C TYR A 109 -5.47 -14.63 9.21
N GLY A 45 15.06 3.82 5.52
CA GLY A 45 13.78 4.07 6.19
C GLY A 45 12.74 3.12 5.62
N LEU A 46 11.49 3.57 5.44
CA LEU A 46 10.44 2.77 4.78
C LEU A 46 10.73 2.42 3.29
N ILE A 47 11.58 3.21 2.63
CA ILE A 47 11.99 3.03 1.22
C ILE A 47 13.26 2.16 1.10
N LEU A 48 13.31 1.28 0.08
CA LEU A 48 14.51 0.55 -0.34
C LEU A 48 15.39 1.43 -1.26
N PRO A 49 16.72 1.25 -1.31
CA PRO A 49 17.59 2.07 -2.14
C PRO A 49 17.28 1.99 -3.64
N ASN A 50 16.71 0.88 -4.12
CA ASN A 50 16.27 0.66 -5.50
C ASN A 50 14.87 1.26 -5.83
N GLY A 51 14.36 2.19 -5.00
CA GLY A 51 13.16 3.00 -5.29
C GLY A 51 11.81 2.34 -4.96
N ASN A 52 11.76 1.00 -4.92
CA ASN A 52 10.63 0.24 -4.40
C ASN A 52 10.55 0.37 -2.86
N ILE A 53 9.50 -0.12 -2.21
CA ILE A 53 9.24 0.09 -0.76
C ILE A 53 9.59 -1.18 0.02
N ASN A 54 10.05 -1.06 1.27
CA ASN A 54 10.56 -2.18 2.06
C ASN A 54 9.44 -3.09 2.60
N TRP A 55 8.84 -3.91 1.74
CA TRP A 55 7.73 -4.84 2.01
C TRP A 55 8.10 -6.03 2.93
N ASN A 56 9.02 -5.85 3.88
CA ASN A 56 9.32 -6.83 4.94
C ASN A 56 9.62 -6.19 6.32
N CYS A 57 9.42 -4.88 6.45
CA CYS A 57 9.41 -4.17 7.74
C CYS A 57 8.17 -4.62 8.56
N PRO A 58 8.07 -4.36 9.88
CA PRO A 58 6.99 -4.90 10.72
C PRO A 58 5.60 -4.45 10.24
N CYS A 59 5.20 -3.20 10.48
CA CYS A 59 3.91 -2.66 10.02
C CYS A 59 3.80 -2.66 8.49
N LEU A 60 4.84 -2.13 7.83
CA LEU A 60 4.92 -1.93 6.38
C LEU A 60 4.85 -3.23 5.57
N GLY A 61 5.28 -4.35 6.15
CA GLY A 61 5.23 -5.69 5.57
C GLY A 61 3.92 -6.39 5.90
N GLY A 62 3.46 -6.36 7.16
CA GLY A 62 2.19 -6.99 7.56
C GLY A 62 0.98 -6.43 6.80
N MET A 63 0.98 -5.12 6.55
CA MET A 63 0.01 -4.44 5.68
C MET A 63 0.18 -4.78 4.19
N ALA A 64 1.33 -5.29 3.75
CA ALA A 64 1.63 -5.66 2.36
C ALA A 64 1.48 -7.16 2.06
N SER A 65 1.48 -8.01 3.09
CA SER A 65 1.19 -9.46 3.04
C SER A 65 -0.32 -9.76 2.89
N GLY A 66 -0.70 -11.01 2.61
CA GLY A 66 -2.12 -11.40 2.45
C GLY A 66 -2.72 -11.02 1.09
N PRO A 67 -4.04 -11.19 0.88
CA PRO A 67 -4.72 -10.88 -0.37
C PRO A 67 -4.85 -9.37 -0.61
N CYS A 68 -5.51 -8.62 0.29
CA CYS A 68 -5.61 -7.15 0.18
C CYS A 68 -4.25 -6.44 0.20
N GLY A 69 -3.17 -7.12 0.61
CA GLY A 69 -1.83 -6.53 0.71
C GLY A 69 -1.24 -6.10 -0.64
N GLU A 70 -1.72 -6.67 -1.76
CA GLU A 70 -1.37 -6.19 -3.11
C GLU A 70 -1.87 -4.75 -3.36
N GLN A 71 -3.00 -4.34 -2.77
CA GLN A 71 -3.56 -3.00 -2.92
C GLN A 71 -2.80 -1.99 -2.06
N PHE A 72 -2.34 -2.38 -0.86
CA PHE A 72 -1.42 -1.58 -0.05
C PHE A 72 -0.07 -1.40 -0.75
N LYS A 73 0.52 -2.49 -1.29
CA LYS A 73 1.71 -2.40 -2.15
C LYS A 73 1.52 -1.38 -3.28
N SER A 74 0.46 -1.59 -4.07
CA SER A 74 0.08 -0.76 -5.22
C SER A 74 -0.09 0.73 -4.88
N ALA A 75 -1.05 1.05 -4.00
CA ALA A 75 -1.46 2.41 -3.63
C ALA A 75 -0.30 3.25 -3.08
N PHE A 76 0.47 2.66 -2.15
CA PHE A 76 1.60 3.34 -1.51
C PHE A 76 2.77 3.50 -2.48
N SER A 77 3.06 2.48 -3.31
CA SER A 77 4.08 2.58 -4.38
C SER A 77 3.77 3.72 -5.34
N CYS A 78 2.51 3.83 -5.81
CA CYS A 78 2.07 4.89 -6.71
C CYS A 78 2.29 6.26 -6.07
N PHE A 79 1.87 6.44 -4.81
CA PHE A 79 2.04 7.70 -4.08
C PHE A 79 3.52 8.08 -3.89
N HIS A 80 4.38 7.13 -3.50
CA HIS A 80 5.83 7.36 -3.48
C HIS A 80 6.40 7.72 -4.86
N TYR A 81 6.10 6.94 -5.90
CA TYR A 81 6.61 7.18 -7.24
C TYR A 81 6.05 8.50 -7.82
N SER A 82 4.96 9.04 -7.25
CA SER A 82 4.36 10.33 -7.61
C SER A 82 4.91 11.53 -6.79
N THR A 83 5.25 11.35 -5.50
CA THR A 83 5.79 12.38 -4.56
C THR A 83 4.94 13.65 -4.42
N GLU A 84 3.67 13.62 -4.84
CA GLU A 84 2.86 14.83 -5.06
C GLU A 84 2.56 15.77 -3.88
N GLU A 85 1.98 15.27 -2.77
CA GLU A 85 1.70 15.93 -1.47
C GLU A 85 0.64 15.15 -0.63
N ILE A 86 -0.67 15.30 -0.86
CA ILE A 86 -1.71 14.56 -0.12
C ILE A 86 -1.70 13.08 -0.48
N LYS A 87 -1.90 12.24 0.54
CA LYS A 87 -1.71 10.80 0.44
C LYS A 87 -2.67 10.13 -0.57
N GLY A 88 -2.06 9.68 -1.67
CA GLY A 88 -2.71 9.01 -2.80
C GLY A 88 -3.27 9.93 -3.87
N SER A 89 -2.95 11.23 -3.90
CA SER A 89 -3.60 12.27 -4.72
C SER A 89 -4.05 11.85 -6.14
N ASP A 90 -3.14 11.36 -6.97
CA ASP A 90 -3.37 10.93 -8.37
C ASP A 90 -3.35 9.39 -8.53
N CYS A 91 -3.43 8.68 -7.41
CA CYS A 91 -3.46 7.22 -7.30
C CYS A 91 -4.81 6.67 -6.78
N VAL A 92 -5.79 7.56 -6.55
CA VAL A 92 -7.07 7.34 -5.87
C VAL A 92 -7.76 5.96 -6.01
N ASP A 93 -7.91 5.39 -7.22
CA ASP A 93 -8.67 4.14 -7.40
C ASP A 93 -8.04 2.95 -6.64
N GLN A 94 -6.72 2.99 -6.41
CA GLN A 94 -5.99 1.95 -5.68
C GLN A 94 -6.24 2.04 -4.17
N PHE A 95 -6.40 3.24 -3.62
CA PHE A 95 -6.85 3.46 -2.24
C PHE A 95 -8.33 3.07 -2.07
N ARG A 96 -9.16 3.31 -3.11
CA ARG A 96 -10.55 2.84 -3.19
C ARG A 96 -10.63 1.30 -3.14
N ALA A 97 -9.81 0.62 -3.95
CA ALA A 97 -9.69 -0.84 -3.98
C ALA A 97 -9.16 -1.42 -2.66
N MET A 98 -8.14 -0.77 -2.06
CA MET A 98 -7.63 -1.15 -0.74
C MET A 98 -8.74 -1.11 0.33
N GLN A 99 -9.51 -0.02 0.41
CA GLN A 99 -10.49 0.15 1.48
C GLN A 99 -11.77 -0.67 1.26
N GLU A 100 -12.17 -0.96 0.01
CA GLU A 100 -13.27 -1.92 -0.26
C GLU A 100 -12.87 -3.36 0.12
N CYS A 101 -11.69 -3.82 -0.27
CA CYS A 101 -11.17 -5.17 0.03
C CYS A 101 -11.11 -5.42 1.54
N MET A 102 -10.49 -4.48 2.27
CA MET A 102 -10.29 -4.57 3.72
C MET A 102 -11.59 -4.44 4.54
N GLN A 103 -12.67 -3.84 4.02
CA GLN A 103 -13.97 -3.83 4.72
C GLN A 103 -14.80 -5.09 4.44
N LYS A 104 -14.61 -5.72 3.29
CA LYS A 104 -15.16 -7.06 3.01
C LYS A 104 -14.39 -8.16 3.77
N TYR A 105 -13.08 -7.99 3.95
CA TYR A 105 -12.16 -8.93 4.58
C TYR A 105 -11.62 -8.40 5.94
N PRO A 106 -12.33 -8.63 7.08
CA PRO A 106 -11.93 -8.13 8.38
C PRO A 106 -10.78 -8.91 9.02
N ASP A 107 -10.81 -10.25 9.02
CA ASP A 107 -9.86 -11.11 9.77
C ASP A 107 -9.86 -12.58 9.29
N LEU A 108 -10.02 -12.82 7.98
CA LEU A 108 -9.81 -14.15 7.38
C LEU A 108 -8.32 -14.53 7.23
N TYR A 109 -7.43 -13.57 7.49
CA TYR A 109 -5.96 -13.67 7.43
C TYR A 109 -5.38 -14.66 8.44
N GLY A 45 15.91 3.12 3.67
CA GLY A 45 14.83 3.66 4.53
C GLY A 45 13.67 2.71 4.50
N LEU A 46 12.43 3.23 4.64
CA LEU A 46 11.24 2.42 4.33
C LEU A 46 11.20 2.13 2.81
N ILE A 47 11.79 3.03 2.01
CA ILE A 47 12.13 2.86 0.60
C ILE A 47 13.51 2.18 0.50
N LEU A 48 13.68 1.26 -0.44
CA LEU A 48 14.96 0.64 -0.83
C LEU A 48 15.76 1.58 -1.74
N PRO A 49 17.09 1.42 -1.90
CA PRO A 49 17.90 2.25 -2.80
C PRO A 49 17.38 2.26 -4.25
N ASN A 50 16.77 1.17 -4.72
CA ASN A 50 16.19 1.05 -6.06
C ASN A 50 14.78 1.67 -6.24
N GLY A 51 14.14 2.19 -5.18
CA GLY A 51 12.87 2.96 -5.24
C GLY A 51 11.60 2.22 -4.81
N ASN A 52 11.56 0.88 -4.86
CA ASN A 52 10.47 0.09 -4.29
C ASN A 52 10.53 0.11 -2.74
N ILE A 53 9.43 -0.21 -2.06
CA ILE A 53 9.37 -0.22 -0.58
C ILE A 53 9.93 -1.54 -0.02
N ASN A 54 10.61 -1.45 1.12
CA ASN A 54 11.03 -2.60 1.91
C ASN A 54 9.78 -3.19 2.60
N TRP A 55 9.04 -4.00 1.85
CA TRP A 55 7.84 -4.70 2.30
C TRP A 55 8.11 -5.69 3.46
N ASN A 56 9.38 -5.92 3.84
CA ASN A 56 9.77 -6.69 5.02
C ASN A 56 9.77 -5.87 6.33
N CYS A 57 9.46 -4.56 6.28
CA CYS A 57 9.39 -3.67 7.45
C CYS A 57 8.39 -4.16 8.53
N PRO A 58 8.65 -3.95 9.83
CA PRO A 58 7.71 -4.28 10.89
C PRO A 58 6.47 -3.38 10.79
N CYS A 59 5.28 -3.95 11.01
CA CYS A 59 3.95 -3.34 10.85
C CYS A 59 3.62 -3.05 9.37
N LEU A 60 4.36 -2.15 8.72
CA LEU A 60 4.19 -1.73 7.32
C LEU A 60 4.25 -2.92 6.32
N GLY A 61 5.05 -3.94 6.65
CA GLY A 61 5.14 -5.17 5.87
C GLY A 61 3.98 -6.14 6.15
N GLY A 62 3.40 -6.08 7.35
CA GLY A 62 2.17 -6.81 7.70
C GLY A 62 0.97 -6.24 6.97
N MET A 63 0.85 -4.90 6.89
CA MET A 63 -0.16 -4.20 6.07
C MET A 63 -0.08 -4.50 4.57
N ALA A 64 1.11 -4.84 4.06
CA ALA A 64 1.33 -5.23 2.66
C ALA A 64 1.15 -6.74 2.39
N SER A 65 0.89 -7.56 3.42
CA SER A 65 0.76 -9.01 3.30
C SER A 65 -0.71 -9.48 3.27
N GLY A 66 -0.96 -10.67 2.72
CA GLY A 66 -2.30 -11.30 2.68
C GLY A 66 -3.11 -10.92 1.43
N PRO A 67 -4.45 -11.08 1.44
CA PRO A 67 -5.27 -10.98 0.24
C PRO A 67 -5.46 -9.55 -0.28
N CYS A 68 -5.57 -8.51 0.56
CA CYS A 68 -5.56 -7.12 0.07
C CYS A 68 -4.14 -6.63 -0.32
N GLY A 69 -3.12 -7.46 -0.09
CA GLY A 69 -1.70 -7.11 -0.13
C GLY A 69 -1.24 -6.41 -1.40
N GLU A 70 -1.67 -6.83 -2.61
CA GLU A 70 -1.25 -6.18 -3.86
C GLU A 70 -1.84 -4.76 -4.03
N GLN A 71 -3.04 -4.51 -3.50
CA GLN A 71 -3.63 -3.17 -3.57
C GLN A 71 -2.84 -2.24 -2.65
N PHE A 72 -2.46 -2.68 -1.43
CA PHE A 72 -1.59 -1.91 -0.55
C PHE A 72 -0.18 -1.71 -1.14
N LYS A 73 0.43 -2.75 -1.73
CA LYS A 73 1.67 -2.66 -2.52
C LYS A 73 1.57 -1.51 -3.54
N SER A 74 0.58 -1.62 -4.45
CA SER A 74 0.37 -0.68 -5.54
C SER A 74 0.11 0.74 -5.01
N ALA A 75 -0.84 0.92 -4.09
CA ALA A 75 -1.24 2.23 -3.56
C ALA A 75 -0.07 2.97 -2.88
N PHE A 76 0.63 2.30 -1.95
CA PHE A 76 1.72 2.91 -1.19
C PHE A 76 3.00 3.07 -2.05
N SER A 77 3.21 2.22 -3.06
CA SER A 77 4.28 2.46 -4.05
C SER A 77 3.93 3.66 -4.93
N CYS A 78 2.72 3.71 -5.50
CA CYS A 78 2.22 4.80 -6.35
C CYS A 78 2.36 6.15 -5.66
N PHE A 79 2.03 6.25 -4.36
CA PHE A 79 2.28 7.47 -3.60
C PHE A 79 3.78 7.84 -3.55
N HIS A 80 4.68 6.92 -3.22
CA HIS A 80 6.11 7.26 -3.08
C HIS A 80 6.86 7.45 -4.42
N TYR A 81 6.31 6.98 -5.55
CA TYR A 81 6.79 7.32 -6.90
C TYR A 81 6.18 8.64 -7.43
N SER A 82 5.12 9.15 -6.78
CA SER A 82 4.36 10.36 -7.16
C SER A 82 4.75 11.60 -6.32
N THR A 83 4.72 11.49 -4.98
CA THR A 83 5.14 12.46 -3.94
C THR A 83 4.17 13.63 -3.71
N GLU A 84 3.68 14.24 -4.81
CA GLU A 84 2.76 15.38 -4.90
C GLU A 84 2.68 16.24 -3.61
N GLU A 85 1.77 15.90 -2.71
CA GLU A 85 1.59 16.52 -1.39
C GLU A 85 0.71 15.58 -0.54
N ILE A 86 -0.56 15.42 -0.94
CA ILE A 86 -1.61 14.65 -0.25
C ILE A 86 -1.51 13.14 -0.54
N LYS A 87 -1.73 12.32 0.50
CA LYS A 87 -1.69 10.85 0.48
C LYS A 87 -2.53 10.17 -0.64
N GLY A 88 -1.92 9.97 -1.81
CA GLY A 88 -2.44 9.10 -2.89
C GLY A 88 -3.38 9.71 -3.93
N SER A 89 -3.36 11.02 -4.19
CA SER A 89 -4.32 11.72 -5.08
C SER A 89 -4.56 11.04 -6.46
N ASP A 90 -3.69 11.19 -7.47
CA ASP A 90 -3.86 10.55 -8.79
C ASP A 90 -3.91 9.01 -8.74
N CYS A 91 -3.49 8.43 -7.61
CA CYS A 91 -3.53 7.00 -7.33
C CYS A 91 -4.87 6.50 -6.74
N VAL A 92 -5.84 7.38 -6.42
CA VAL A 92 -7.04 7.08 -5.60
C VAL A 92 -7.87 5.83 -5.97
N ASP A 93 -7.79 5.30 -7.20
CA ASP A 93 -8.35 3.99 -7.58
C ASP A 93 -7.77 2.85 -6.70
N GLN A 94 -6.45 2.82 -6.51
CA GLN A 94 -5.78 1.78 -5.73
C GLN A 94 -6.06 1.93 -4.22
N PHE A 95 -6.31 3.15 -3.75
CA PHE A 95 -6.79 3.41 -2.40
C PHE A 95 -8.27 3.02 -2.23
N ARG A 96 -9.13 3.25 -3.24
CA ARG A 96 -10.52 2.79 -3.26
C ARG A 96 -10.56 1.26 -3.18
N ALA A 97 -9.75 0.56 -3.97
CA ALA A 97 -9.53 -0.89 -3.89
C ALA A 97 -9.06 -1.33 -2.49
N MET A 98 -8.05 -0.67 -1.91
CA MET A 98 -7.56 -0.96 -0.56
C MET A 98 -8.69 -0.87 0.49
N GLN A 99 -9.43 0.23 0.55
CA GLN A 99 -10.49 0.41 1.54
C GLN A 99 -11.66 -0.57 1.30
N GLU A 100 -12.15 -0.70 0.06
CA GLU A 100 -13.29 -1.58 -0.22
C GLU A 100 -12.96 -3.09 -0.17
N CYS A 101 -11.67 -3.44 -0.12
CA CYS A 101 -11.16 -4.78 0.19
C CYS A 101 -11.17 -5.05 1.71
N MET A 102 -10.64 -4.14 2.53
CA MET A 102 -10.52 -4.35 3.99
C MET A 102 -11.87 -4.31 4.72
N GLN A 103 -12.89 -3.66 4.14
CA GLN A 103 -14.26 -3.67 4.68
C GLN A 103 -15.04 -4.94 4.30
N LYS A 104 -14.58 -5.73 3.32
CA LYS A 104 -15.14 -7.05 2.97
C LYS A 104 -14.33 -8.24 3.52
N TYR A 105 -13.04 -8.04 3.80
CA TYR A 105 -12.14 -9.01 4.45
C TYR A 105 -11.81 -8.56 5.89
N PRO A 106 -12.56 -9.00 6.92
CA PRO A 106 -12.36 -8.55 8.30
C PRO A 106 -11.06 -9.10 8.91
N ASP A 107 -10.87 -10.43 8.93
CA ASP A 107 -9.64 -11.09 9.42
C ASP A 107 -9.60 -12.61 9.09
N LEU A 108 -10.17 -12.99 7.93
CA LEU A 108 -10.18 -14.40 7.47
C LEU A 108 -8.79 -14.93 7.07
N TYR A 109 -7.82 -14.02 6.94
CA TYR A 109 -6.39 -14.28 6.72
C TYR A 109 -5.63 -14.59 8.04
#